data_1VAK
# 
_entry.id   1VAK 
# 
_audit_conform.dict_name       mmcif_pdbx.dic 
_audit_conform.dict_version    5.383 
_audit_conform.dict_location   http://mmcif.pdb.org/dictionaries/ascii/mmcif_pdbx.dic 
# 
loop_
_database_2.database_id 
_database_2.database_code 
_database_2.pdbx_database_accession 
_database_2.pdbx_DOI 
PDB   1VAK         pdb_00001vak 10.2210/pdb1vak/pdb 
RCSB  RCSB006409   ?            ?                   
WWPDB D_1000006409 ?            ?                   
# 
loop_
_pdbx_audit_revision_history.ordinal 
_pdbx_audit_revision_history.data_content_type 
_pdbx_audit_revision_history.major_revision 
_pdbx_audit_revision_history.minor_revision 
_pdbx_audit_revision_history.revision_date 
1 'Structure model' 1 0 2004-11-23 
2 'Structure model' 1 1 2008-04-27 
3 'Structure model' 1 2 2011-07-13 
4 'Structure model' 1 3 2023-12-27 
# 
_pdbx_audit_revision_details.ordinal             1 
_pdbx_audit_revision_details.revision_ordinal    1 
_pdbx_audit_revision_details.data_content_type   'Structure model' 
_pdbx_audit_revision_details.provider            repository 
_pdbx_audit_revision_details.type                'Initial release' 
_pdbx_audit_revision_details.description         ? 
_pdbx_audit_revision_details.details             ? 
# 
loop_
_pdbx_audit_revision_group.ordinal 
_pdbx_audit_revision_group.revision_ordinal 
_pdbx_audit_revision_group.data_content_type 
_pdbx_audit_revision_group.group 
1 2 'Structure model' 'Version format compliance' 
2 3 'Structure model' 'Version format compliance' 
3 4 'Structure model' 'Data collection'           
4 4 'Structure model' 'Database references'       
5 4 'Structure model' 'Derived calculations'      
# 
loop_
_pdbx_audit_revision_category.ordinal 
_pdbx_audit_revision_category.revision_ordinal 
_pdbx_audit_revision_category.data_content_type 
_pdbx_audit_revision_category.category 
1 4 'Structure model' chem_comp_atom         
2 4 'Structure model' chem_comp_bond         
3 4 'Structure model' database_2             
4 4 'Structure model' pdbx_struct_conn_angle 
5 4 'Structure model' pdbx_struct_oper_list  
6 4 'Structure model' struct_conn            
7 4 'Structure model' struct_site            
# 
loop_
_pdbx_audit_revision_item.ordinal 
_pdbx_audit_revision_item.revision_ordinal 
_pdbx_audit_revision_item.data_content_type 
_pdbx_audit_revision_item.item 
1  4 'Structure model' '_database_2.pdbx_DOI'                        
2  4 'Structure model' '_database_2.pdbx_database_accession'         
3  4 'Structure model' '_pdbx_struct_conn_angle.ptnr1_auth_comp_id'  
4  4 'Structure model' '_pdbx_struct_conn_angle.ptnr1_auth_seq_id'   
5  4 'Structure model' '_pdbx_struct_conn_angle.ptnr1_label_atom_id' 
6  4 'Structure model' '_pdbx_struct_conn_angle.ptnr1_label_comp_id' 
7  4 'Structure model' '_pdbx_struct_conn_angle.ptnr1_label_seq_id'  
8  4 'Structure model' '_pdbx_struct_conn_angle.ptnr3_auth_comp_id'  
9  4 'Structure model' '_pdbx_struct_conn_angle.ptnr3_auth_seq_id'   
10 4 'Structure model' '_pdbx_struct_conn_angle.ptnr3_label_atom_id' 
11 4 'Structure model' '_pdbx_struct_conn_angle.ptnr3_label_comp_id' 
12 4 'Structure model' '_pdbx_struct_conn_angle.ptnr3_label_seq_id'  
13 4 'Structure model' '_pdbx_struct_conn_angle.value'               
14 4 'Structure model' '_pdbx_struct_oper_list.name'                 
15 4 'Structure model' '_pdbx_struct_oper_list.symmetry_operation'   
16 4 'Structure model' '_pdbx_struct_oper_list.type'                 
17 4 'Structure model' '_struct_conn.pdbx_dist_value'                
18 4 'Structure model' '_struct_conn.ptnr1_auth_comp_id'             
19 4 'Structure model' '_struct_conn.ptnr1_auth_seq_id'              
20 4 'Structure model' '_struct_conn.ptnr1_label_asym_id'            
21 4 'Structure model' '_struct_conn.ptnr1_label_atom_id'            
22 4 'Structure model' '_struct_conn.ptnr1_label_comp_id'            
23 4 'Structure model' '_struct_conn.ptnr1_label_seq_id'             
24 4 'Structure model' '_struct_conn.ptnr2_auth_comp_id'             
25 4 'Structure model' '_struct_conn.ptnr2_auth_seq_id'              
26 4 'Structure model' '_struct_conn.ptnr2_label_asym_id'            
27 4 'Structure model' '_struct_conn.ptnr2_label_atom_id'            
28 4 'Structure model' '_struct_conn.ptnr2_label_comp_id'            
29 4 'Structure model' '_struct_conn.ptnr2_label_seq_id'             
30 4 'Structure model' '_struct_site.pdbx_auth_asym_id'              
31 4 'Structure model' '_struct_site.pdbx_auth_comp_id'              
32 4 'Structure model' '_struct_site.pdbx_auth_seq_id'               
# 
_pdbx_database_status.status_code                     REL 
_pdbx_database_status.entry_id                        1VAK 
_pdbx_database_status.recvd_initial_deposition_date   2004-02-18 
_pdbx_database_status.deposit_site                    PDBJ 
_pdbx_database_status.process_site                    PDBJ 
_pdbx_database_status.status_code_sf                  REL 
_pdbx_database_status.SG_entry                        . 
_pdbx_database_status.pdb_format_compatible           Y 
_pdbx_database_status.status_code_mr                  ? 
_pdbx_database_status.status_code_cs                  ? 
_pdbx_database_status.status_code_nmr_data            ? 
_pdbx_database_status.methods_development_category    ? 
# 
_pdbx_database_related.db_name        PDB 
_pdbx_database_related.db_id          1SMV 
_pdbx_database_related.details        'Primary structure of sesbania mosaic virus coat protein' 
_pdbx_database_related.content_type   unspecified 
# 
loop_
_audit_author.name 
_audit_author.pdbx_ordinal 
'Sangita, V.'        1 
'Lokesh, G.L.'       2 
'Satheshkumer, P.S.' 3 
'Vijay, C.S.'        4 
'Saravanan, V.'      5 
'Savithri, H.S.'     6 
'Murthy, M.R.'       7 
# 
_citation.id                        primary 
_citation.title                     
'T=1 capsid structures of Sesbania mosaic virus coat protein mutants: determinants of T=3 and T=1 capsid assembly' 
_citation.journal_abbrev            J.Mol.Biol. 
_citation.journal_volume            342 
_citation.page_first                987 
_citation.page_last                 999 
_citation.year                      2004 
_citation.journal_id_ASTM           JMOBAK 
_citation.country                   UK 
_citation.journal_id_ISSN           0022-2836 
_citation.journal_id_CSD            0070 
_citation.book_publisher            ? 
_citation.pdbx_database_id_PubMed   15342251 
_citation.pdbx_database_id_DOI      10.1016/j.jmb.2004.07.003 
# 
loop_
_citation_author.citation_id 
_citation_author.name 
_citation_author.ordinal 
_citation_author.identifier_ORCID 
primary 'Sangita, V.'        1 ? 
primary 'Lokesh, G.L.'       2 ? 
primary 'Satheshkumar, P.S.' 3 ? 
primary 'Vijay, C.S.'        4 ? 
primary 'Saravanan, V.'      5 ? 
primary 'Savithri, H.S.'     6 ? 
primary 'Murthy, M.R.'       7 ? 
# 
loop_
_entity.id 
_entity.type 
_entity.src_method 
_entity.pdbx_description 
_entity.formula_weight 
_entity.pdbx_number_of_molecules 
_entity.pdbx_ec 
_entity.pdbx_mutation 
_entity.pdbx_fragment 
_entity.details 
1 polymer     man 'coat protein' 21471.213 1   ? ? 'residues 66-268' ? 
2 non-polymer syn 'CALCIUM ION'  40.078    1   ? ? ?                 ? 
3 water       nat water          18.015    106 ? ? ?                 ? 
# 
_entity_poly.entity_id                      1 
_entity_poly.type                           'polypeptide(L)' 
_entity_poly.nstd_linkage                   no 
_entity_poly.nstd_monomer                   no 
_entity_poly.pdbx_seq_one_letter_code       
;AVSSSRGGITVLTHSELSAEIGVTDSIVVSSELVMPYTVGTWLRGVAANWSKYSWLSVRYTYIPSCPSSTAGSIHMGFQY
DMADTVPVSVNQLSNLRGYVSGQVWSGSAGLCFINGTRCSDTSTAISTTLDVSKLGKKWYPYKTSADYATAVGVDVNIAT
PLVPARLVIALLDGSSSTAVAAGRIYCTYTIQMIEPTASALNN
;
_entity_poly.pdbx_seq_one_letter_code_can   
;AVSSSRGGITVLTHSELSAEIGVTDSIVVSSELVMPYTVGTWLRGVAANWSKYSWLSVRYTYIPSCPSSTAGSIHMGFQY
DMADTVPVSVNQLSNLRGYVSGQVWSGSAGLCFINGTRCSDTSTAISTTLDVSKLGKKWYPYKTSADYATAVGVDVNIAT
PLVPARLVIALLDGSSSTAVAAGRIYCTYTIQMIEPTASALNN
;
_entity_poly.pdbx_strand_id                 A 
_entity_poly.pdbx_target_identifier         ? 
# 
loop_
_pdbx_entity_nonpoly.entity_id 
_pdbx_entity_nonpoly.name 
_pdbx_entity_nonpoly.comp_id 
2 'CALCIUM ION' CA  
3 water         HOH 
# 
loop_
_entity_poly_seq.entity_id 
_entity_poly_seq.num 
_entity_poly_seq.mon_id 
_entity_poly_seq.hetero 
1 1   ALA n 
1 2   VAL n 
1 3   SER n 
1 4   SER n 
1 5   SER n 
1 6   ARG n 
1 7   GLY n 
1 8   GLY n 
1 9   ILE n 
1 10  THR n 
1 11  VAL n 
1 12  LEU n 
1 13  THR n 
1 14  HIS n 
1 15  SER n 
1 16  GLU n 
1 17  LEU n 
1 18  SER n 
1 19  ALA n 
1 20  GLU n 
1 21  ILE n 
1 22  GLY n 
1 23  VAL n 
1 24  THR n 
1 25  ASP n 
1 26  SER n 
1 27  ILE n 
1 28  VAL n 
1 29  VAL n 
1 30  SER n 
1 31  SER n 
1 32  GLU n 
1 33  LEU n 
1 34  VAL n 
1 35  MET n 
1 36  PRO n 
1 37  TYR n 
1 38  THR n 
1 39  VAL n 
1 40  GLY n 
1 41  THR n 
1 42  TRP n 
1 43  LEU n 
1 44  ARG n 
1 45  GLY n 
1 46  VAL n 
1 47  ALA n 
1 48  ALA n 
1 49  ASN n 
1 50  TRP n 
1 51  SER n 
1 52  LYS n 
1 53  TYR n 
1 54  SER n 
1 55  TRP n 
1 56  LEU n 
1 57  SER n 
1 58  VAL n 
1 59  ARG n 
1 60  TYR n 
1 61  THR n 
1 62  TYR n 
1 63  ILE n 
1 64  PRO n 
1 65  SER n 
1 66  CYS n 
1 67  PRO n 
1 68  SER n 
1 69  SER n 
1 70  THR n 
1 71  ALA n 
1 72  GLY n 
1 73  SER n 
1 74  ILE n 
1 75  HIS n 
1 76  MET n 
1 77  GLY n 
1 78  PHE n 
1 79  GLN n 
1 80  TYR n 
1 81  ASP n 
1 82  MET n 
1 83  ALA n 
1 84  ASP n 
1 85  THR n 
1 86  VAL n 
1 87  PRO n 
1 88  VAL n 
1 89  SER n 
1 90  VAL n 
1 91  ASN n 
1 92  GLN n 
1 93  LEU n 
1 94  SER n 
1 95  ASN n 
1 96  LEU n 
1 97  ARG n 
1 98  GLY n 
1 99  TYR n 
1 100 VAL n 
1 101 SER n 
1 102 GLY n 
1 103 GLN n 
1 104 VAL n 
1 105 TRP n 
1 106 SER n 
1 107 GLY n 
1 108 SER n 
1 109 ALA n 
1 110 GLY n 
1 111 LEU n 
1 112 CYS n 
1 113 PHE n 
1 114 ILE n 
1 115 ASN n 
1 116 GLY n 
1 117 THR n 
1 118 ARG n 
1 119 CYS n 
1 120 SER n 
1 121 ASP n 
1 122 THR n 
1 123 SER n 
1 124 THR n 
1 125 ALA n 
1 126 ILE n 
1 127 SER n 
1 128 THR n 
1 129 THR n 
1 130 LEU n 
1 131 ASP n 
1 132 VAL n 
1 133 SER n 
1 134 LYS n 
1 135 LEU n 
1 136 GLY n 
1 137 LYS n 
1 138 LYS n 
1 139 TRP n 
1 140 TYR n 
1 141 PRO n 
1 142 TYR n 
1 143 LYS n 
1 144 THR n 
1 145 SER n 
1 146 ALA n 
1 147 ASP n 
1 148 TYR n 
1 149 ALA n 
1 150 THR n 
1 151 ALA n 
1 152 VAL n 
1 153 GLY n 
1 154 VAL n 
1 155 ASP n 
1 156 VAL n 
1 157 ASN n 
1 158 ILE n 
1 159 ALA n 
1 160 THR n 
1 161 PRO n 
1 162 LEU n 
1 163 VAL n 
1 164 PRO n 
1 165 ALA n 
1 166 ARG n 
1 167 LEU n 
1 168 VAL n 
1 169 ILE n 
1 170 ALA n 
1 171 LEU n 
1 172 LEU n 
1 173 ASP n 
1 174 GLY n 
1 175 SER n 
1 176 SER n 
1 177 SER n 
1 178 THR n 
1 179 ALA n 
1 180 VAL n 
1 181 ALA n 
1 182 ALA n 
1 183 GLY n 
1 184 ARG n 
1 185 ILE n 
1 186 TYR n 
1 187 CYS n 
1 188 THR n 
1 189 TYR n 
1 190 THR n 
1 191 ILE n 
1 192 GLN n 
1 193 MET n 
1 194 ILE n 
1 195 GLU n 
1 196 PRO n 
1 197 THR n 
1 198 ALA n 
1 199 SER n 
1 200 ALA n 
1 201 LEU n 
1 202 ASN n 
1 203 ASN n 
# 
_entity_src_gen.entity_id                          1 
_entity_src_gen.pdbx_src_id                        1 
_entity_src_gen.pdbx_alt_source_flag               sample 
_entity_src_gen.pdbx_seq_type                      ? 
_entity_src_gen.pdbx_beg_seq_num                   ? 
_entity_src_gen.pdbx_end_seq_num                   ? 
_entity_src_gen.gene_src_common_name               ? 
_entity_src_gen.gene_src_genus                     Sobemovirus 
_entity_src_gen.pdbx_gene_src_gene                 ? 
_entity_src_gen.gene_src_species                   ? 
_entity_src_gen.gene_src_strain                    ? 
_entity_src_gen.gene_src_tissue                    ? 
_entity_src_gen.gene_src_tissue_fraction           ? 
_entity_src_gen.gene_src_details                   ? 
_entity_src_gen.pdbx_gene_src_fragment             ? 
_entity_src_gen.pdbx_gene_src_scientific_name      'Sesbania mosaic virus' 
_entity_src_gen.pdbx_gene_src_ncbi_taxonomy_id     12558 
_entity_src_gen.pdbx_gene_src_variant              ? 
_entity_src_gen.pdbx_gene_src_cell_line            ? 
_entity_src_gen.pdbx_gene_src_atcc                 ? 
_entity_src_gen.pdbx_gene_src_organ                ? 
_entity_src_gen.pdbx_gene_src_organelle            ? 
_entity_src_gen.pdbx_gene_src_cell                 ? 
_entity_src_gen.pdbx_gene_src_cellular_location    ? 
_entity_src_gen.host_org_common_name               ? 
_entity_src_gen.pdbx_host_org_scientific_name      'Escherichia coli' 
_entity_src_gen.pdbx_host_org_ncbi_taxonomy_id     562 
_entity_src_gen.host_org_genus                     Escherichia 
_entity_src_gen.pdbx_host_org_gene                 ? 
_entity_src_gen.pdbx_host_org_organ                ? 
_entity_src_gen.host_org_species                   ? 
_entity_src_gen.pdbx_host_org_tissue               ? 
_entity_src_gen.pdbx_host_org_tissue_fraction      ? 
_entity_src_gen.pdbx_host_org_strain               ? 
_entity_src_gen.pdbx_host_org_variant              ? 
_entity_src_gen.pdbx_host_org_cell_line            ? 
_entity_src_gen.pdbx_host_org_atcc                 ? 
_entity_src_gen.pdbx_host_org_culture_collection   ? 
_entity_src_gen.pdbx_host_org_cell                 ? 
_entity_src_gen.pdbx_host_org_organelle            ? 
_entity_src_gen.pdbx_host_org_cellular_location    ? 
_entity_src_gen.pdbx_host_org_vector_type          plasmid 
_entity_src_gen.pdbx_host_org_vector               ? 
_entity_src_gen.host_org_details                   ? 
_entity_src_gen.expression_system_id               ? 
_entity_src_gen.plasmid_name                       'pRSET C' 
_entity_src_gen.plasmid_details                    ? 
_entity_src_gen.pdbx_description                   ? 
# 
loop_
_chem_comp.id 
_chem_comp.type 
_chem_comp.mon_nstd_flag 
_chem_comp.name 
_chem_comp.pdbx_synonyms 
_chem_comp.formula 
_chem_comp.formula_weight 
ALA 'L-peptide linking' y ALANINE         ? 'C3 H7 N O2'     89.093  
ARG 'L-peptide linking' y ARGININE        ? 'C6 H15 N4 O2 1' 175.209 
ASN 'L-peptide linking' y ASPARAGINE      ? 'C4 H8 N2 O3'    132.118 
ASP 'L-peptide linking' y 'ASPARTIC ACID' ? 'C4 H7 N O4'     133.103 
CA  non-polymer         . 'CALCIUM ION'   ? 'Ca 2'           40.078  
CYS 'L-peptide linking' y CYSTEINE        ? 'C3 H7 N O2 S'   121.158 
GLN 'L-peptide linking' y GLUTAMINE       ? 'C5 H10 N2 O3'   146.144 
GLU 'L-peptide linking' y 'GLUTAMIC ACID' ? 'C5 H9 N O4'     147.129 
GLY 'peptide linking'   y GLYCINE         ? 'C2 H5 N O2'     75.067  
HIS 'L-peptide linking' y HISTIDINE       ? 'C6 H10 N3 O2 1' 156.162 
HOH non-polymer         . WATER           ? 'H2 O'           18.015  
ILE 'L-peptide linking' y ISOLEUCINE      ? 'C6 H13 N O2'    131.173 
LEU 'L-peptide linking' y LEUCINE         ? 'C6 H13 N O2'    131.173 
LYS 'L-peptide linking' y LYSINE          ? 'C6 H15 N2 O2 1' 147.195 
MET 'L-peptide linking' y METHIONINE      ? 'C5 H11 N O2 S'  149.211 
PHE 'L-peptide linking' y PHENYLALANINE   ? 'C9 H11 N O2'    165.189 
PRO 'L-peptide linking' y PROLINE         ? 'C5 H9 N O2'     115.130 
SER 'L-peptide linking' y SERINE          ? 'C3 H7 N O3'     105.093 
THR 'L-peptide linking' y THREONINE       ? 'C4 H9 N O3'     119.119 
TRP 'L-peptide linking' y TRYPTOPHAN      ? 'C11 H12 N2 O2'  204.225 
TYR 'L-peptide linking' y TYROSINE        ? 'C9 H11 N O3'    181.189 
VAL 'L-peptide linking' y VALINE          ? 'C5 H11 N O2'    117.146 
# 
loop_
_pdbx_poly_seq_scheme.asym_id 
_pdbx_poly_seq_scheme.entity_id 
_pdbx_poly_seq_scheme.seq_id 
_pdbx_poly_seq_scheme.mon_id 
_pdbx_poly_seq_scheme.ndb_seq_num 
_pdbx_poly_seq_scheme.pdb_seq_num 
_pdbx_poly_seq_scheme.auth_seq_num 
_pdbx_poly_seq_scheme.pdb_mon_id 
_pdbx_poly_seq_scheme.auth_mon_id 
_pdbx_poly_seq_scheme.pdb_strand_id 
_pdbx_poly_seq_scheme.pdb_ins_code 
_pdbx_poly_seq_scheme.hetero 
A 1 1   ALA 1   66  ?   ?   ?   A . n 
A 1 2   VAL 2   67  ?   ?   ?   A . n 
A 1 3   SER 3   68  ?   ?   ?   A . n 
A 1 4   SER 4   69  ?   ?   ?   A . n 
A 1 5   SER 5   70  ?   ?   ?   A . n 
A 1 6   ARG 6   71  ?   ?   ?   A . n 
A 1 7   GLY 7   72  ?   ?   ?   A . n 
A 1 8   GLY 8   73  73  GLY GLY A . n 
A 1 9   ILE 9   74  74  ILE ILE A . n 
A 1 10  THR 10  75  75  THR THR A . n 
A 1 11  VAL 11  76  76  VAL VAL A . n 
A 1 12  LEU 12  77  77  LEU LEU A . n 
A 1 13  THR 13  78  78  THR THR A . n 
A 1 14  HIS 14  79  79  HIS HIS A . n 
A 1 15  SER 15  80  80  SER SER A . n 
A 1 16  GLU 16  81  81  GLU GLU A . n 
A 1 17  LEU 17  82  82  LEU LEU A . n 
A 1 18  SER 18  83  83  SER SER A . n 
A 1 19  ALA 19  84  84  ALA ALA A . n 
A 1 20  GLU 20  85  85  GLU GLU A . n 
A 1 21  ILE 21  86  86  ILE ILE A . n 
A 1 22  GLY 22  87  87  GLY GLY A . n 
A 1 23  VAL 23  88  88  VAL VAL A . n 
A 1 24  THR 24  89  89  THR THR A . n 
A 1 25  ASP 25  90  90  ASP ASP A . n 
A 1 26  SER 26  91  91  SER SER A . n 
A 1 27  ILE 27  92  92  ILE ILE A . n 
A 1 28  VAL 28  93  93  VAL VAL A . n 
A 1 29  VAL 29  94  94  VAL VAL A . n 
A 1 30  SER 30  95  95  SER SER A . n 
A 1 31  SER 31  96  96  SER SER A . n 
A 1 32  GLU 32  97  97  GLU GLU A . n 
A 1 33  LEU 33  98  98  LEU LEU A . n 
A 1 34  VAL 34  99  99  VAL VAL A . n 
A 1 35  MET 35  100 100 MET MET A . n 
A 1 36  PRO 36  101 101 PRO PRO A . n 
A 1 37  TYR 37  102 102 TYR TYR A . n 
A 1 38  THR 38  103 103 THR THR A . n 
A 1 39  VAL 39  104 104 VAL VAL A . n 
A 1 40  GLY 40  105 105 GLY GLY A . n 
A 1 41  THR 41  106 106 THR THR A . n 
A 1 42  TRP 42  107 107 TRP TRP A . n 
A 1 43  LEU 43  108 108 LEU LEU A . n 
A 1 44  ARG 44  109 109 ARG ARG A . n 
A 1 45  GLY 45  110 110 GLY GLY A . n 
A 1 46  VAL 46  111 111 VAL VAL A . n 
A 1 47  ALA 47  112 112 ALA ALA A . n 
A 1 48  ALA 48  113 113 ALA ALA A . n 
A 1 49  ASN 49  114 114 ASN ASN A . n 
A 1 50  TRP 50  115 115 TRP TRP A . n 
A 1 51  SER 51  116 116 SER SER A . n 
A 1 52  LYS 52  117 117 LYS LYS A . n 
A 1 53  TYR 53  118 118 TYR TYR A . n 
A 1 54  SER 54  119 119 SER SER A . n 
A 1 55  TRP 55  120 120 TRP TRP A . n 
A 1 56  LEU 56  121 121 LEU LEU A . n 
A 1 57  SER 57  122 122 SER SER A . n 
A 1 58  VAL 58  123 123 VAL VAL A . n 
A 1 59  ARG 59  124 124 ARG ARG A . n 
A 1 60  TYR 60  125 125 TYR TYR A . n 
A 1 61  THR 61  126 126 THR THR A . n 
A 1 62  TYR 62  127 127 TYR TYR A . n 
A 1 63  ILE 63  128 128 ILE ILE A . n 
A 1 64  PRO 64  129 129 PRO PRO A . n 
A 1 65  SER 65  130 130 SER SER A . n 
A 1 66  CYS 66  131 131 CYS CYS A . n 
A 1 67  PRO 67  132 132 PRO PRO A . n 
A 1 68  SER 68  133 133 SER SER A . n 
A 1 69  SER 69  134 134 SER SER A . n 
A 1 70  THR 70  135 135 THR THR A . n 
A 1 71  ALA 71  136 136 ALA ALA A . n 
A 1 72  GLY 72  137 137 GLY GLY A . n 
A 1 73  SER 73  138 138 SER SER A . n 
A 1 74  ILE 74  139 139 ILE ILE A . n 
A 1 75  HIS 75  140 140 HIS HIS A . n 
A 1 76  MET 76  141 141 MET MET A . n 
A 1 77  GLY 77  142 142 GLY GLY A . n 
A 1 78  PHE 78  143 143 PHE PHE A . n 
A 1 79  GLN 79  144 144 GLN GLN A . n 
A 1 80  TYR 80  145 145 TYR TYR A . n 
A 1 81  ASP 81  146 146 ASP ASP A . n 
A 1 82  MET 82  147 147 MET MET A . n 
A 1 83  ALA 83  148 148 ALA ALA A . n 
A 1 84  ASP 84  149 149 ASP ASP A . n 
A 1 85  THR 85  150 150 THR THR A . n 
A 1 86  VAL 86  151 151 VAL VAL A . n 
A 1 87  PRO 87  152 152 PRO PRO A . n 
A 1 88  VAL 88  153 153 VAL VAL A . n 
A 1 89  SER 89  154 154 SER SER A . n 
A 1 90  VAL 90  155 155 VAL VAL A . n 
A 1 91  ASN 91  156 156 ASN ASN A . n 
A 1 92  GLN 92  157 157 GLN GLN A . n 
A 1 93  LEU 93  158 158 LEU LEU A . n 
A 1 94  SER 94  159 159 SER SER A . n 
A 1 95  ASN 95  160 160 ASN ASN A . n 
A 1 96  LEU 96  161 161 LEU LEU A . n 
A 1 97  ARG 97  162 162 ARG ARG A . n 
A 1 98  GLY 98  163 163 GLY GLY A . n 
A 1 99  TYR 99  164 164 TYR TYR A . n 
A 1 100 VAL 100 165 165 VAL VAL A . n 
A 1 101 SER 101 166 166 SER SER A . n 
A 1 102 GLY 102 167 167 GLY GLY A . n 
A 1 103 GLN 103 168 168 GLN GLN A . n 
A 1 104 VAL 104 169 169 VAL VAL A . n 
A 1 105 TRP 105 170 170 TRP TRP A . n 
A 1 106 SER 106 171 171 SER SER A . n 
A 1 107 GLY 107 172 172 GLY GLY A . n 
A 1 108 SER 108 173 173 SER SER A . n 
A 1 109 ALA 109 174 174 ALA ALA A . n 
A 1 110 GLY 110 175 175 GLY GLY A . n 
A 1 111 LEU 111 176 176 LEU LEU A . n 
A 1 112 CYS 112 177 177 CYS CYS A . n 
A 1 113 PHE 113 178 178 PHE PHE A . n 
A 1 114 ILE 114 179 179 ILE ILE A . n 
A 1 115 ASN 115 180 180 ASN ASN A . n 
A 1 116 GLY 116 181 181 GLY GLY A . n 
A 1 117 THR 117 182 182 THR THR A . n 
A 1 118 ARG 118 183 183 ARG ARG A . n 
A 1 119 CYS 119 184 184 CYS CYS A . n 
A 1 120 SER 120 185 185 SER SER A . n 
A 1 121 ASP 121 186 186 ASP ASP A . n 
A 1 122 THR 122 187 187 THR THR A . n 
A 1 123 SER 123 188 188 SER SER A . n 
A 1 124 THR 124 189 189 THR THR A . n 
A 1 125 ALA 125 190 190 ALA ALA A . n 
A 1 126 ILE 126 191 191 ILE ILE A . n 
A 1 127 SER 127 192 192 SER SER A . n 
A 1 128 THR 128 193 193 THR THR A . n 
A 1 129 THR 129 194 194 THR THR A . n 
A 1 130 LEU 130 195 195 LEU LEU A . n 
A 1 131 ASP 131 196 196 ASP ASP A . n 
A 1 132 VAL 132 197 197 VAL VAL A . n 
A 1 133 SER 133 198 198 SER SER A . n 
A 1 134 LYS 134 199 199 LYS LYS A . n 
A 1 135 LEU 135 200 200 LEU LEU A . n 
A 1 136 GLY 136 201 201 GLY GLY A . n 
A 1 137 LYS 137 202 202 LYS LYS A . n 
A 1 138 LYS 138 203 203 LYS LYS A . n 
A 1 139 TRP 139 204 204 TRP TRP A . n 
A 1 140 TYR 140 205 205 TYR TYR A . n 
A 1 141 PRO 141 206 206 PRO PRO A . n 
A 1 142 TYR 142 207 207 TYR TYR A . n 
A 1 143 LYS 143 208 208 LYS LYS A . n 
A 1 144 THR 144 209 209 THR THR A . n 
A 1 145 SER 145 210 210 SER SER A . n 
A 1 146 ALA 146 211 211 ALA ALA A . n 
A 1 147 ASP 147 212 212 ASP ASP A . n 
A 1 148 TYR 148 213 213 TYR TYR A . n 
A 1 149 ALA 149 214 214 ALA ALA A . n 
A 1 150 THR 150 215 215 THR THR A . n 
A 1 151 ALA 151 216 216 ALA ALA A . n 
A 1 152 VAL 152 217 217 VAL VAL A . n 
A 1 153 GLY 153 218 218 GLY GLY A . n 
A 1 154 VAL 154 219 219 VAL VAL A . n 
A 1 155 ASP 155 220 220 ASP ASP A . n 
A 1 156 VAL 156 221 221 VAL VAL A . n 
A 1 157 ASN 157 222 222 ASN ASN A . n 
A 1 158 ILE 158 223 223 ILE ILE A . n 
A 1 159 ALA 159 224 224 ALA ALA A . n 
A 1 160 THR 160 225 225 THR THR A . n 
A 1 161 PRO 161 226 226 PRO PRO A . n 
A 1 162 LEU 162 227 227 LEU LEU A . n 
A 1 163 VAL 163 228 228 VAL VAL A . n 
A 1 164 PRO 164 229 229 PRO PRO A . n 
A 1 165 ALA 165 230 230 ALA ALA A . n 
A 1 166 ARG 166 231 231 ARG ARG A . n 
A 1 167 LEU 167 232 232 LEU LEU A . n 
A 1 168 VAL 168 233 233 VAL VAL A . n 
A 1 169 ILE 169 234 234 ILE ILE A . n 
A 1 170 ALA 170 235 235 ALA ALA A . n 
A 1 171 LEU 171 236 236 LEU LEU A . n 
A 1 172 LEU 172 237 237 LEU LEU A . n 
A 1 173 ASP 173 238 238 ASP ASP A . n 
A 1 174 GLY 174 239 239 GLY GLY A . n 
A 1 175 SER 175 240 240 SER SER A . n 
A 1 176 SER 176 241 241 SER SER A . n 
A 1 177 SER 177 242 242 SER SER A . n 
A 1 178 THR 178 243 243 THR THR A . n 
A 1 179 ALA 179 244 244 ALA ALA A . n 
A 1 180 VAL 180 245 245 VAL VAL A . n 
A 1 181 ALA 181 246 246 ALA ALA A . n 
A 1 182 ALA 182 247 247 ALA ALA A . n 
A 1 183 GLY 183 248 248 GLY GLY A . n 
A 1 184 ARG 184 249 249 ARG ARG A . n 
A 1 185 ILE 185 250 250 ILE ILE A . n 
A 1 186 TYR 186 251 251 TYR TYR A . n 
A 1 187 CYS 187 252 252 CYS CYS A . n 
A 1 188 THR 188 253 253 THR THR A . n 
A 1 189 TYR 189 254 254 TYR TYR A . n 
A 1 190 THR 190 255 255 THR THR A . n 
A 1 191 ILE 191 256 256 ILE ILE A . n 
A 1 192 GLN 192 257 257 GLN GLN A . n 
A 1 193 MET 193 258 258 MET MET A . n 
A 1 194 ILE 194 259 259 ILE ILE A . n 
A 1 195 GLU 195 260 260 GLU GLU A . n 
A 1 196 PRO 196 261 261 PRO PRO A . n 
A 1 197 THR 197 262 262 THR THR A . n 
A 1 198 ALA 198 263 263 ALA ALA A . n 
A 1 199 SER 199 264 264 SER SER A . n 
A 1 200 ALA 200 265 265 ALA ALA A . n 
A 1 201 LEU 201 266 266 LEU LEU A . n 
A 1 202 ASN 202 267 267 ASN ASN A . n 
A 1 203 ASN 203 268 268 ASN ASN A . n 
# 
loop_
_pdbx_nonpoly_scheme.asym_id 
_pdbx_nonpoly_scheme.entity_id 
_pdbx_nonpoly_scheme.mon_id 
_pdbx_nonpoly_scheme.ndb_seq_num 
_pdbx_nonpoly_scheme.pdb_seq_num 
_pdbx_nonpoly_scheme.auth_seq_num 
_pdbx_nonpoly_scheme.pdb_mon_id 
_pdbx_nonpoly_scheme.auth_mon_id 
_pdbx_nonpoly_scheme.pdb_strand_id 
_pdbx_nonpoly_scheme.pdb_ins_code 
B 2 CA  1   375 375 CA  CA  A . 
C 3 HOH 1   269 269 HOH HOH A . 
C 3 HOH 2   270 270 HOH HOH A . 
C 3 HOH 3   271 271 HOH HOH A . 
C 3 HOH 4   272 272 HOH HOH A . 
C 3 HOH 5   273 273 HOH HOH A . 
C 3 HOH 6   274 274 HOH HOH A . 
C 3 HOH 7   275 275 HOH HOH A . 
C 3 HOH 8   276 276 HOH HOH A . 
C 3 HOH 9   277 277 HOH HOH A . 
C 3 HOH 10  278 278 HOH HOH A . 
C 3 HOH 11  279 279 HOH HOH A . 
C 3 HOH 12  280 280 HOH HOH A . 
C 3 HOH 13  281 281 HOH HOH A . 
C 3 HOH 14  282 282 HOH HOH A . 
C 3 HOH 15  283 283 HOH HOH A . 
C 3 HOH 16  284 284 HOH HOH A . 
C 3 HOH 17  285 285 HOH HOH A . 
C 3 HOH 18  286 286 HOH HOH A . 
C 3 HOH 19  287 287 HOH HOH A . 
C 3 HOH 20  288 288 HOH HOH A . 
C 3 HOH 21  289 289 HOH HOH A . 
C 3 HOH 22  290 290 HOH HOH A . 
C 3 HOH 23  291 291 HOH HOH A . 
C 3 HOH 24  292 292 HOH HOH A . 
C 3 HOH 25  293 293 HOH HOH A . 
C 3 HOH 26  294 294 HOH HOH A . 
C 3 HOH 27  295 295 HOH HOH A . 
C 3 HOH 28  296 296 HOH HOH A . 
C 3 HOH 29  297 297 HOH HOH A . 
C 3 HOH 30  298 298 HOH HOH A . 
C 3 HOH 31  299 299 HOH HOH A . 
C 3 HOH 32  300 300 HOH HOH A . 
C 3 HOH 33  301 301 HOH HOH A . 
C 3 HOH 34  302 302 HOH HOH A . 
C 3 HOH 35  303 303 HOH HOH A . 
C 3 HOH 36  304 304 HOH HOH A . 
C 3 HOH 37  305 305 HOH HOH A . 
C 3 HOH 38  306 306 HOH HOH A . 
C 3 HOH 39  307 307 HOH HOH A . 
C 3 HOH 40  308 308 HOH HOH A . 
C 3 HOH 41  309 309 HOH HOH A . 
C 3 HOH 42  310 310 HOH HOH A . 
C 3 HOH 43  311 311 HOH HOH A . 
C 3 HOH 44  312 312 HOH HOH A . 
C 3 HOH 45  313 313 HOH HOH A . 
C 3 HOH 46  314 314 HOH HOH A . 
C 3 HOH 47  315 315 HOH HOH A . 
C 3 HOH 48  316 316 HOH HOH A . 
C 3 HOH 49  317 317 HOH HOH A . 
C 3 HOH 50  318 318 HOH HOH A . 
C 3 HOH 51  319 319 HOH HOH A . 
C 3 HOH 52  320 320 HOH HOH A . 
C 3 HOH 53  321 321 HOH HOH A . 
C 3 HOH 54  322 322 HOH HOH A . 
C 3 HOH 55  323 323 HOH HOH A . 
C 3 HOH 56  324 324 HOH HOH A . 
C 3 HOH 57  325 325 HOH HOH A . 
C 3 HOH 58  326 326 HOH HOH A . 
C 3 HOH 59  327 327 HOH HOH A . 
C 3 HOH 60  328 328 HOH HOH A . 
C 3 HOH 61  329 329 HOH HOH A . 
C 3 HOH 62  330 330 HOH HOH A . 
C 3 HOH 63  331 331 HOH HOH A . 
C 3 HOH 64  332 332 HOH HOH A . 
C 3 HOH 65  333 333 HOH HOH A . 
C 3 HOH 66  334 334 HOH HOH A . 
C 3 HOH 67  335 335 HOH HOH A . 
C 3 HOH 68  336 336 HOH HOH A . 
C 3 HOH 69  337 337 HOH HOH A . 
C 3 HOH 70  338 338 HOH HOH A . 
C 3 HOH 71  339 339 HOH HOH A . 
C 3 HOH 72  340 340 HOH HOH A . 
C 3 HOH 73  341 341 HOH HOH A . 
C 3 HOH 74  342 342 HOH HOH A . 
C 3 HOH 75  343 343 HOH HOH A . 
C 3 HOH 76  344 344 HOH HOH A . 
C 3 HOH 77  345 345 HOH HOH A . 
C 3 HOH 78  346 346 HOH HOH A . 
C 3 HOH 79  347 347 HOH HOH A . 
C 3 HOH 80  348 348 HOH HOH A . 
C 3 HOH 81  349 349 HOH HOH A . 
C 3 HOH 82  350 350 HOH HOH A . 
C 3 HOH 83  351 351 HOH HOH A . 
C 3 HOH 84  352 352 HOH HOH A . 
C 3 HOH 85  353 353 HOH HOH A . 
C 3 HOH 86  354 354 HOH HOH A . 
C 3 HOH 87  355 355 HOH HOH A . 
C 3 HOH 88  356 356 HOH HOH A . 
C 3 HOH 89  357 357 HOH HOH A . 
C 3 HOH 90  358 358 HOH HOH A . 
C 3 HOH 91  359 359 HOH HOH A . 
C 3 HOH 92  360 360 HOH HOH A . 
C 3 HOH 93  361 361 HOH HOH A . 
C 3 HOH 94  362 362 HOH HOH A . 
C 3 HOH 95  363 363 HOH HOH A . 
C 3 HOH 96  364 364 HOH HOH A . 
C 3 HOH 97  365 365 HOH HOH A . 
C 3 HOH 98  366 366 HOH HOH A . 
C 3 HOH 99  367 367 HOH HOH A . 
C 3 HOH 100 368 368 HOH HOH A . 
C 3 HOH 101 369 369 HOH HOH A . 
C 3 HOH 102 370 370 HOH HOH A . 
C 3 HOH 103 371 371 HOH HOH A . 
C 3 HOH 104 372 372 HOH HOH A . 
C 3 HOH 105 373 373 HOH HOH A . 
C 3 HOH 106 374 374 HOH HOH A . 
# 
loop_
_pdbx_unobs_or_zero_occ_atoms.id 
_pdbx_unobs_or_zero_occ_atoms.PDB_model_num 
_pdbx_unobs_or_zero_occ_atoms.polymer_flag 
_pdbx_unobs_or_zero_occ_atoms.occupancy_flag 
_pdbx_unobs_or_zero_occ_atoms.auth_asym_id 
_pdbx_unobs_or_zero_occ_atoms.auth_comp_id 
_pdbx_unobs_or_zero_occ_atoms.auth_seq_id 
_pdbx_unobs_or_zero_occ_atoms.PDB_ins_code 
_pdbx_unobs_or_zero_occ_atoms.auth_atom_id 
_pdbx_unobs_or_zero_occ_atoms.label_alt_id 
_pdbx_unobs_or_zero_occ_atoms.label_asym_id 
_pdbx_unobs_or_zero_occ_atoms.label_comp_id 
_pdbx_unobs_or_zero_occ_atoms.label_seq_id 
_pdbx_unobs_or_zero_occ_atoms.label_atom_id 
1 1 Y 1 A SER 91  ? OG  ? A SER 26  OG  
2 1 Y 1 A ARG 183 ? CG  ? A ARG 118 CG  
3 1 Y 1 A ARG 183 ? CD  ? A ARG 118 CD  
4 1 Y 1 A ARG 183 ? NE  ? A ARG 118 NE  
5 1 Y 1 A ARG 183 ? CZ  ? A ARG 118 CZ  
6 1 Y 1 A ARG 183 ? NH1 ? A ARG 118 NH1 
7 1 Y 1 A ARG 183 ? NH2 ? A ARG 118 NH2 
8 1 Y 1 A SER 185 ? OG  ? A SER 120 OG  
# 
loop_
_software.name 
_software.classification 
_software.version 
_software.citation_id 
_software.pdbx_ordinal 
CNS       refinement       1.1 ? 1 
DENZO     'data reduction' .   ? 2 
SCALEPACK 'data scaling'   .   ? 3 
GLRF      phasing          .   ? 4 
# 
_cell.entry_id           1VAK 
_cell.length_a           188.239 
_cell.length_b           193.954 
_cell.length_c           269.054 
_cell.angle_alpha        90.00 
_cell.angle_beta         92.42 
_cell.angle_gamma        90.00 
_cell.Z_PDB              120 
_cell.pdbx_unique_axis   ? 
# 
_symmetry.entry_id                         1VAK 
_symmetry.space_group_name_H-M             'P 1 21 1' 
_symmetry.pdbx_full_space_group_name_H-M   ? 
_symmetry.cell_setting                     ? 
_symmetry.Int_Tables_number                4 
_symmetry.space_group_name_Hall            ? 
# 
_exptl.entry_id          1VAK 
_exptl.method            'X-RAY DIFFRACTION' 
_exptl.crystals_number   1 
# 
_exptl_crystal.id                    1 
_exptl_crystal.density_meas          ? 
_exptl_crystal.density_Matthews      ? 
_exptl_crystal.density_percent_sol   ? 
_exptl_crystal.description           ? 
_exptl_crystal.F_000                 ? 
_exptl_crystal.preparation           ? 
# 
_exptl_crystal_grow.crystal_id      1 
_exptl_crystal_grow.method          'VAPOR DIFFUSION, HANGING DROP' 
_exptl_crystal_grow.temp            293 
_exptl_crystal_grow.temp_details    ? 
_exptl_crystal_grow.pH              7.5 
_exptl_crystal_grow.pdbx_details    
'PEG 3350, magnesium chloride, isopropanol, pH 7.5, VAPOR DIFFUSION, HANGING DROP, temperature 293K' 
_exptl_crystal_grow.pdbx_pH_range   . 
# 
_diffrn.id                     1 
_diffrn.ambient_temp           100 
_diffrn.ambient_temp_details   ? 
_diffrn.crystal_id             1 
# 
_diffrn_detector.diffrn_id              1 
_diffrn_detector.detector               'IMAGE PLATE' 
_diffrn_detector.type                   MARRESEARCH 
_diffrn_detector.pdbx_collection_date   2002-07-10 
_diffrn_detector.details                'Osmic mirrors' 
# 
_diffrn_radiation.diffrn_id                        1 
_diffrn_radiation.wavelength_id                    1 
_diffrn_radiation.pdbx_monochromatic_or_laue_m_l   M 
_diffrn_radiation.monochromator                    'OSMIC MIRRORS' 
_diffrn_radiation.pdbx_diffrn_protocol             'SINGLE WAVELENGTH' 
_diffrn_radiation.pdbx_scattering_type             x-ray 
# 
_diffrn_radiation_wavelength.id           1 
_diffrn_radiation_wavelength.wavelength   1.5418 
_diffrn_radiation_wavelength.wt           1.0 
# 
_diffrn_source.diffrn_id                   1 
_diffrn_source.source                      'ROTATING ANODE' 
_diffrn_source.type                        'RIGAKU RU200' 
_diffrn_source.pdbx_synchrotron_site       ? 
_diffrn_source.pdbx_synchrotron_beamline   ? 
_diffrn_source.pdbx_wavelength             ? 
_diffrn_source.pdbx_wavelength_list        1.5418 
# 
_reflns.entry_id                     1VAK 
_reflns.observed_criterion_sigma_I   0.0 
_reflns.observed_criterion_sigma_F   0.0 
_reflns.d_resolution_low             20.0 
_reflns.d_resolution_high            3.05 
_reflns.number_obs                   348643 
_reflns.number_all                   1386733 
_reflns.percent_possible_obs         53 
_reflns.pdbx_Rmerge_I_obs            0.08 
_reflns.pdbx_Rsym_value              0.082 
_reflns.pdbx_netI_over_sigmaI        ? 
_reflns.B_iso_Wilson_estimate        ? 
_reflns.pdbx_redundancy              ? 
_reflns.R_free_details               ? 
_reflns.limit_h_max                  ? 
_reflns.limit_h_min                  ? 
_reflns.limit_k_max                  ? 
_reflns.limit_k_min                  ? 
_reflns.limit_l_max                  ? 
_reflns.limit_l_min                  ? 
_reflns.observed_criterion_F_max     ? 
_reflns.observed_criterion_F_min     ? 
_reflns.pdbx_chi_squared             ? 
_reflns.pdbx_scaling_rejects         ? 
_reflns.pdbx_diffrn_id               1 
_reflns.pdbx_ordinal                 1 
# 
_reflns_shell.d_res_high             3.05 
_reflns_shell.d_res_low              3.16 
_reflns_shell.percent_possible_all   95.5 
_reflns_shell.Rmerge_I_obs           0.122 
_reflns_shell.pdbx_Rsym_value        ? 
_reflns_shell.meanI_over_sigI_obs    ? 
_reflns_shell.pdbx_redundancy        ? 
_reflns_shell.percent_possible_obs   ? 
_reflns_shell.number_unique_all      34159 
_reflns_shell.number_measured_all    ? 
_reflns_shell.number_measured_obs    ? 
_reflns_shell.number_unique_obs      ? 
_reflns_shell.pdbx_chi_squared       ? 
_reflns_shell.pdbx_diffrn_id         ? 
_reflns_shell.pdbx_ordinal           1 
# 
_refine.entry_id                                 1VAK 
_refine.ls_number_reflns_obs                     341343 
_refine.ls_number_reflns_all                     375575 
_refine.pdbx_ls_sigma_I                          ? 
_refine.pdbx_ls_sigma_F                          .0 
_refine.pdbx_data_cutoff_high_absF               274821.08 
_refine.pdbx_data_cutoff_low_absF                .000000 
_refine.pdbx_data_cutoff_high_rms_absF           ? 
_refine.ls_d_res_low                             20.00 
_refine.ls_d_res_high                            3.05 
_refine.ls_percent_reflns_obs                    93.4 
_refine.ls_R_factor_obs                          0.211 
_refine.ls_R_factor_all                          ? 
_refine.ls_R_factor_R_work                       0.211 
_refine.ls_R_factor_R_free                       0.214 
_refine.ls_R_factor_R_free_error                 .001 
_refine.ls_R_factor_R_free_error_details         ? 
_refine.ls_percent_reflns_R_free                 10.0 
_refine.ls_number_reflns_R_free                  34232 
_refine.ls_number_parameters                     ? 
_refine.ls_number_restraints                     ? 
_refine.occupancy_min                            ? 
_refine.occupancy_max                            ? 
_refine.correlation_coeff_Fo_to_Fc               ? 
_refine.correlation_coeff_Fo_to_Fc_free          ? 
_refine.B_iso_mean                               11.8 
_refine.aniso_B[1][1]                            -2.11 
_refine.aniso_B[2][2]                            3.46 
_refine.aniso_B[3][3]                            -1.35 
_refine.aniso_B[1][2]                            .00 
_refine.aniso_B[1][3]                            -3.06 
_refine.aniso_B[2][3]                            .00 
_refine.solvent_model_details                    'FLAT MODEL' 
_refine.solvent_model_param_ksol                 .311354 
_refine.solvent_model_param_bsol                 14.0119 
_refine.pdbx_solvent_vdw_probe_radii             ? 
_refine.pdbx_solvent_ion_probe_radii             ? 
_refine.pdbx_solvent_shrinkage_radii             ? 
_refine.pdbx_ls_cross_valid_method               THROUGHOUT 
_refine.details                                  ? 
_refine.pdbx_starting_model                      ? 
_refine.pdbx_method_to_determine_struct          'MOLECULAR REPLACEMENT' 
_refine.pdbx_isotropic_thermal_model             RESTRAINED 
_refine.pdbx_stereochemistry_target_values       'Engh & Huber' 
_refine.pdbx_stereochem_target_val_spec_case     ? 
_refine.pdbx_R_Free_selection_details            RANDOM 
_refine.pdbx_overall_ESU_R                       ? 
_refine.pdbx_overall_ESU_R_Free                  ? 
_refine.overall_SU_ML                            ? 
_refine.overall_SU_B                             ? 
_refine.ls_redundancy_reflns_obs                 ? 
_refine.B_iso_min                                ? 
_refine.B_iso_max                                ? 
_refine.overall_SU_R_Cruickshank_DPI             ? 
_refine.overall_SU_R_free                        ? 
_refine.ls_wR_factor_R_free                      ? 
_refine.ls_wR_factor_R_work                      ? 
_refine.overall_FOM_free_R_set                   ? 
_refine.overall_FOM_work_R_set                   ? 
_refine.pdbx_refine_id                           'X-RAY DIFFRACTION' 
_refine.pdbx_diffrn_id                           1 
_refine.pdbx_TLS_residual_ADP_flag               ? 
_refine.pdbx_overall_phase_error                 ? 
_refine.pdbx_overall_SU_R_free_Cruickshank_DPI   ? 
_refine.pdbx_overall_SU_R_Blow_DPI               ? 
_refine.pdbx_overall_SU_R_free_Blow_DPI          ? 
# 
_refine_analyze.entry_id                        1VAK 
_refine_analyze.Luzzati_coordinate_error_obs    .34 
_refine_analyze.Luzzati_sigma_a_obs             .45 
_refine_analyze.Luzzati_d_res_low_obs           5.00 
_refine_analyze.Luzzati_coordinate_error_free   .35 
_refine_analyze.Luzzati_sigma_a_free            .45 
_refine_analyze.Luzzati_d_res_low_free          ? 
_refine_analyze.number_disordered_residues      ? 
_refine_analyze.occupancy_sum_hydrogen          ? 
_refine_analyze.occupancy_sum_non_hydrogen      ? 
_refine_analyze.pdbx_Luzzati_d_res_high_obs     ? 
_refine_analyze.pdbx_refine_id                  'X-RAY DIFFRACTION' 
# 
_refine_hist.pdbx_refine_id                   'X-RAY DIFFRACTION' 
_refine_hist.cycle_id                         LAST 
_refine_hist.pdbx_number_atoms_protein        1454 
_refine_hist.pdbx_number_atoms_nucleic_acid   0 
_refine_hist.pdbx_number_atoms_ligand         1 
_refine_hist.number_atoms_solvent             106 
_refine_hist.number_atoms_total               1561 
_refine_hist.d_res_high                       3.05 
_refine_hist.d_res_low                        20.00 
# 
loop_
_refine_ls_restr.type 
_refine_ls_restr.dev_ideal 
_refine_ls_restr.dev_ideal_target 
_refine_ls_restr.weight 
_refine_ls_restr.number 
_refine_ls_restr.pdbx_refine_id 
_refine_ls_restr.pdbx_restraint_function 
c_bond_d           .006 ?    ? ? 'X-RAY DIFFRACTION' ? 
c_angle_deg        1.3  ?    ? ? 'X-RAY DIFFRACTION' ? 
c_dihedral_angle_d 25.2 ?    ? ? 'X-RAY DIFFRACTION' ? 
c_improper_angle_d .91  ?    ? ? 'X-RAY DIFFRACTION' ? 
c_mcbond_it        1.21 1.50 ? ? 'X-RAY DIFFRACTION' ? 
c_mcangle_it       2.13 2.00 ? ? 'X-RAY DIFFRACTION' ? 
c_scbond_it        1.68 2.00 ? ? 'X-RAY DIFFRACTION' ? 
c_scangle_it       2.50 2.50 ? ? 'X-RAY DIFFRACTION' ? 
# 
_refine_ls_restr_ncs.dom_id              1 
_refine_ls_restr_ncs.ncs_model_details   CONSTR 
_refine_ls_restr_ncs.rms_dev_position    ? 
_refine_ls_restr_ncs.weight_position     ? 
_refine_ls_restr_ncs.rms_dev_B_iso       ? 
_refine_ls_restr_ncs.weight_B_iso        ? 
_refine_ls_restr_ncs.pdbx_type           . 
_refine_ls_restr_ncs.pdbx_auth_asym_id   . 
_refine_ls_restr_ncs.pdbx_ens_id         1 
_refine_ls_restr_ncs.pdbx_refine_id      'X-RAY DIFFRACTION' 
_refine_ls_restr_ncs.pdbx_ordinal        1 
_refine_ls_restr_ncs.pdbx_asym_id        . 
_refine_ls_restr_ncs.pdbx_number         ? 
_refine_ls_restr_ncs.pdbx_rms            ? 
_refine_ls_restr_ncs.pdbx_weight         ? 
# 
_refine_ls_shell.pdbx_total_number_of_bins_used   6 
_refine_ls_shell.d_res_high                       3.05 
_refine_ls_shell.d_res_low                        3.24 
_refine_ls_shell.number_reflns_R_work             48762 
_refine_ls_shell.R_factor_R_work                  0.286 
_refine_ls_shell.percent_reflns_obs               89.2 
_refine_ls_shell.R_factor_R_free                  0.288 
_refine_ls_shell.R_factor_R_free_error            .004 
_refine_ls_shell.percent_reflns_R_free            10.0 
_refine_ls_shell.number_reflns_R_free             5403 
_refine_ls_shell.number_reflns_obs                48762 
_refine_ls_shell.redundancy_reflns_obs            ? 
_refine_ls_shell.number_reflns_all                ? 
_refine_ls_shell.pdbx_refine_id                   'X-RAY DIFFRACTION' 
_refine_ls_shell.R_factor_all                     ? 
# 
loop_
_pdbx_xplor_file.serial_no 
_pdbx_xplor_file.param_file 
_pdbx_xplor_file.topol_file 
_pdbx_xplor_file.pdbx_refine_id 
1 PROTEIN_REP.PARAM PROTEIN.TOP 'X-RAY DIFFRACTION' 
2 WATER_REP.PARAM   WATER.TOP   'X-RAY DIFFRACTION' 
3 ION.PARAM         ION.TOP     'X-RAY DIFFRACTION' 
# 
loop_
_struct_ncs_oper.id 
_struct_ncs_oper.code 
_struct_ncs_oper.details 
_struct_ncs_oper.matrix[1][1] 
_struct_ncs_oper.matrix[1][2] 
_struct_ncs_oper.matrix[1][3] 
_struct_ncs_oper.matrix[2][1] 
_struct_ncs_oper.matrix[2][2] 
_struct_ncs_oper.matrix[2][3] 
_struct_ncs_oper.matrix[3][1] 
_struct_ncs_oper.matrix[3][2] 
_struct_ncs_oper.matrix[3][3] 
_struct_ncs_oper.vector[1] 
_struct_ncs_oper.vector[2] 
_struct_ncs_oper.vector[3] 
1  given    ? 1.00000000  0.00000000  0.00000000  0.00000000  1.00000000  0.00000000  0.00000000  0.00000000  1.00000000  0.00000    -0.00000  -0.00000  
2  generate ? 0.49616306  -0.69488247 -0.52053873 0.17664195  0.66779187  -0.72308481 0.85007048  0.26681899  0.45407906  -6.19628   12.88781  27.30603  
3  generate ? -0.31906222 -0.94770150 0.00782113  -0.40906978 0.13026782  -0.90315681 0.85490422  -0.29136260 -0.42923958 -32.44001  0.65509   37.87657  
4  generate ? -0.31906222 -0.40906978 0.85490422  -0.94770150 0.13026782  -0.29136260 0.00782113  -0.90315681 -0.42923958 -42.46324  -19.79297 17.10349  
5  generate ? 0.49616306  0.17664195  0.85007049  -0.69488247 0.66779187  0.26681900  -0.52053873 -0.72308481 0.45407906  -22.41421  -20.19783 -6.30552  
6  generate ? 0.07731838  -0.99499743 -0.06326125 -0.99499743 -0.08103315 0.05842729  -0.06326125 0.05842729  -0.99628524 -9.05386   -7.32264  -39.01109 
7  generate ? -0.19117229 -0.73505768 0.65049470  -0.45832751 0.65288250  0.60305914  -0.86797986 -0.18285142 -0.46171021 -24.08370  -0.60627  -65.07070 
8  generate ? 0.32827169  -0.18445892 0.92639765  0.40056403  0.91538101  0.04032433  -0.85544500 0.35784424  0.37438129  -14.61000  27.11503  -74.65648 
9  generate ? 0.91779641  -0.10410992 0.38315909  0.39471829  0.34369837  -0.85209676 -0.04297943 0.93329125  0.35653922  6.27492    37.53138  -54.52121 
10 generate ? 0.76269873  -0.60505027 -0.22848375 -0.46778613 -0.27211945 -0.84090852 0.44661705  0.74824139  -0.49057927 9.70880    16.24773  -32.49114 
11 generate ? -0.92188758 0.10822874  -0.37203470 0.10822874  -0.85004354 -0.51547310 -0.37203470 -0.51547310 0.77193112  -119.79089 79.92740  -1.89959  
12 generate ? -0.75454455 0.61361187  0.23268646  -0.53464271 -0.78039644 0.32425078  0.38055181  0.12025754  0.91690700  -122.84259 54.22606  14.84070  
13 generate ? -0.06818764 0.99616996  0.05473429  -0.12748471 -0.06311227 0.98983054  0.98949386  0.06051642  0.13129991  -103.90535 56.33526  39.06964  
14 generate ? 0.18866123  0.72722074  -0.65996737 0.76702425  0.31054661  0.56145757  0.61325422  -0.61213625 -0.49920784 -89.14981  83.34016  37.30367  
15 generate ? -0.33895436 0.17844289  -0.92372511 0.91270317  -0.17580366 -0.36887124 -0.22821670 -0.96811735 -0.10327598 -98.96762  97.92091  11.98328  
16 generate ? -0.15543080 0.88676868  0.43529596  0.88676868  -0.06892332 0.45704582  0.43529596  0.45704582  -0.77564590 -97.72330  105.28124 -24.87049 
17 generate ? 0.44955378  0.81632828  -0.36264244 0.81632828  -0.54027793 -0.20422511 -0.36264244 -0.20422511 -0.90927585 -73.44549  111.37841 -42.85720 
18 generate ? 0.05897817  0.13599046  -0.98895307 0.13599046  -0.98253656 -0.12699806 -0.98895307 -0.12699806 -0.07644162 -75.61269  93.78063  -68.07089 
19 generate ? -0.78739541 -0.21404104 -0.57809593 -0.21404104 -0.78451279 0.58200181  -0.57809593 0.58200181  0.57190820  -101.22990 76.80744  -65.66711 
20 generate ? -0.91990743 0.24996542  0.30213838  0.24996542  -0.21986876 0.94296077  0.30213838  0.94296077  0.13977619  -114.89501 83.91520  -38.96778 
21 generate ? 0.20346631  -0.77629971 0.59662402  0.45678879  -0.46371994 -0.75914941 0.86599392  0.42699249  0.26025362  -0.78240   78.48283  17.89729  
22 generate ? 0.47099784  -0.50060118 0.72633291  -0.50060118 -0.82963841 -0.24718127 0.72633291  -0.24718127 -0.64135943 4.24350    48.94675  25.14085  
23 generate ? 0.76269873  -0.46778613 0.44661705  -0.60505027 -0.27211945 0.74824139  -0.22848375 -0.84090852 -0.49057927 14.70668   34.60685  -0.05832  
24 generate ? 0.67544826  -0.72320383 0.14403427  0.28778662  0.43836469  0.85147828  -0.67893189 -0.53367838 0.50422104  16.14738   55.28039  -22.87581 
25 generate ? 0.32982362  -0.91387571 0.23674367  0.94403924  0.31994907  -0.08014046 -0.00250749 0.24992753  0.96826129  6.57461    82.39724  -11.77864 
26 generate ? 0.75040471  -0.10468333 -0.65263632 0.54474305  -0.46128203 0.70033842  -0.37436316 -0.88105636 -0.28912270 -20.21495  107.35802 -3.22278  
27 generate ? -0.20095524 -0.76548553 -0.61126828 0.78413664  -0.49970919 0.36799518  -0.58715135 -0.40536729 0.70066443  -44.03472  117.16118 -20.15280 
28 generate ? -0.75454455 -0.53464271 0.38055181  0.61361187  -0.78039644 0.12025754  0.23268646  0.32425078  0.91690700  -69.34629  115.91079 -2.60658  
29 generate ? -0.14532161 0.26882818  0.95216229  0.26882818  -0.91544353 0.29949049  0.95216229  0.29949049  0.06076514  -61.16993  105.33484 25.16760  
30 generate ? 0.78478819  0.53455770  0.31361692  0.22626490  -0.71821997 0.65800020  0.57698500  -0.44543028 -0.68460220 -30.80509  100.04893 24.78677  
31 generate ? -0.49355585 0.37436582  0.78501774  -0.18886581 0.83494091  -0.51691719 -0.84895956 -0.40339052 -0.34138506 -88.33678  -11.85817 -52.20686 
32 generate ? 0.48856494  0.80241940  0.34267681  -0.38563869 0.55088297  -0.74014239 -0.78267943 0.22945819  0.57858608  -59.01809  -14.04230 -61.46716 
33 generate ? 0.67544826  0.28778662  -0.67893189 -0.72320383 0.43836469  -0.53367838 0.14403427  0.85147828  0.50422104  -42.34680  -24.76345 -37.86136 
34 generate ? -0.19117229 -0.45832751 -0.86797986 -0.73505768 0.65288250  -0.18285142 0.65049470  0.60305914  -0.46171021 -61.36207  -29.20535 -14.01187 
35 generate ? -0.91365657 -0.40481863 0.03679077  -0.40481863 0.89798009  -0.17249243 0.03679077  -0.17249243 -0.98432353 -89.78544  -21.22945 -22.87787 
36 generate ? -0.46031518 0.50661721  -0.72900544 -0.81266602 0.09006104  0.57572818  0.35732880  0.85745438  0.37025413  -117.23392 3.90333   -28.24882 
37 generate ? -0.75860755 0.46366730  -0.45774144 0.10210323  0.77846462  0.61932848  0.64349788  0.42309038  -0.63789107 -127.75875 25.82038  -9.30204  
38 generate ? -0.68360244 0.71464222  -0.14823698 0.71464222  0.61415120  -0.33482053 -0.14823698 -0.33482053 -0.93054877 -129.58164 52.13182  -25.25490 
39 generate ? -0.33895436 0.91270317  -0.22821670 0.17844289  -0.17580366 -0.96811735 -0.92372511 -0.36887124 -0.10327598 -120.18344 46.47615  -54.06108 
40 generate ? -0.20095524 0.78413664  -0.58715135 -0.76548553 -0.49970919 -0.40536729 -0.61126828 0.36799518  0.70066443  -112.55213 16.66930  -55.91142 
41 generate ? 0.20346631  0.45678879  0.86599392  -0.77629971 -0.46371994 0.42699249  0.59662402  -0.75914941 0.26025362  -51.18983  28.14466  55.38915  
42 generate ? 0.91779641  0.39471829  -0.04297943 -0.10410992 0.34369837  0.93329125  0.38315909  -0.85209676 0.35653922  -22.91670  38.63797  49.01503  
43 generate ? 0.48856494  -0.38563869 -0.78267943 0.80241940  0.55088297  0.22945819  0.34267681  -0.74014239 0.57858608  -24.69017  69.19707  45.39487  
44 generate ? -0.49104478 -0.80585534 -0.33086584 0.69049555  -0.12848821 -0.71183332 0.53112232  -0.57800342 0.61953299  -54.05936  77.59032  49.53163  
45 generate ? -0.66724542 -0.28520652 0.68807034  -0.28520652 -0.75554728 -0.58975041 0.68807034  -0.58975041 0.42279271  -70.43706  52.21854  55.70843  
46 generate ? -0.49355585 -0.18886581 -0.84895956 0.37436582  0.83494091  -0.40339052 0.78501774  -0.51691719 -0.34138506 -90.16025  21.91139  45.39360  
47 generate ? -0.99992128 -0.00967828 0.00798618  -0.00967828 0.18979425  -0.98177618 0.00798618  -0.98177618 -0.18987298 -112.71782 19.33727  24.54561  
48 generate ? -0.49104478 0.69049555  0.53112232  -0.80585534 -0.12848821 -0.57800342 -0.33086584 -0.71183332 0.61953299  -106.42869 -4.96513  6.65850   
49 generate ? 0.32982362  0.94403924  -0.00250749 -0.91387571 0.31994907  0.24992753  0.23674367  -0.08014046 0.96826129  -79.98422  -17.41074 16.45165  
50 generate ? 0.32827169  0.40056403  -0.85544500 -0.18445892 0.91538101  0.35784424  0.92639765  0.04032433  0.37438129  -69.92977  -0.80014  40.39127  
51 generate ? -0.46031518 -0.81266602 0.35732880  0.50661721  0.09006104  0.85745438  -0.72900544 0.57572818  0.37025413  -40.69834  83.26326  -77.25218 
52 generate ? -0.06818764 -0.12748471 0.98949386  0.99616996  -0.06311227 0.06051642  0.05473429  0.98983054  0.13129991  -38.56235  104.69848 -55.20502 
53 generate ? 0.78478819  0.22626490  0.57698500  0.53455770  -0.71821997 -0.44543028 0.31361692  0.65800020  -0.68460220 -12.76368  99.36502  -39.20214 
54 generate ? 0.91982871  -0.24028714 -0.31012455 -0.24028714 -0.96992549 0.03881541  -0.31012455 0.03881541  -0.94990321 1.04478    74.63353  -51.35898 
55 generate ? 0.15031251  -0.88238176 -0.44587955 -0.25755530 -0.47038035 0.84404241  -0.95450061 -0.01203149 -0.29796615 -16.21979  64.68210  -74.87521 
56 generate ? 0.75040471  0.54474305  -0.37436316 -0.10468333 -0.46128203 -0.88105636 -0.65263632 0.70033842  -0.28912270 -44.51963  44.56671  -89.31173 
57 generate ? 0.15031251  -0.25755530 -0.95450061 -0.88238176 -0.47038035 -0.01203149 -0.44587955 0.84404241  -0.29796615 -52.37118  15.21229  -84.13678 
58 generate ? -0.78230836 -0.53112176 -0.32542790 -0.53112176 0.29582522  0.79397551  -0.32542790 0.79397551  -0.51351686 -82.68551  14.28907  -78.63240 
59 generate ? -0.75860755 0.10210323  0.64349788  0.46366730  0.77846462  0.42309038  -0.45774144 0.61932848  -0.63789107 -93.56925  43.07291  -80.40546 
60 generate ? 0.18866123  0.76702425  0.61325423  0.72722074  0.31054662  -0.61213626 -0.65996737 0.56145757  -0.49920784 -69.98144  61.78552  -87.00565  
# 
_struct_ncs_dom.id            1 
_struct_ncs_dom.details       ? 
_struct_ncs_dom.pdbx_ens_id   1 
# 
_struct_ncs_ens.id            1 
_struct_ncs_ens.details       ? 
_struct_ncs_ens.point_group   ? 
# 
_struct.entry_id                  1VAK 
_struct.title                     'T=1 capsid structure of Sesbania mosaic virus coat protein deletion mutant CP-N(delta)65' 
_struct.pdbx_model_details        ? 
_struct.pdbx_CASP_flag            ? 
_struct.pdbx_model_type_details   ? 
# 
_struct_keywords.entry_id        1VAK 
_struct_keywords.pdbx_keywords   VIRUS 
_struct_keywords.text            'T=1 Capsid, SeMV, Icosahedral virus, Virus' 
# 
loop_
_struct_asym.id 
_struct_asym.pdbx_blank_PDB_chainid_flag 
_struct_asym.pdbx_modified 
_struct_asym.entity_id 
_struct_asym.details 
A N N 1 ? 
B N N 2 ? 
C N N 3 ? 
# 
_struct_ref.id                         1 
_struct_ref.db_name                    UNP 
_struct_ref.db_code                    Q9EB06_9VIRU 
_struct_ref.pdbx_db_accession          Q9EB06 
_struct_ref.entity_id                  1 
_struct_ref.pdbx_seq_one_letter_code   
;AVSSSRGGITVLTHSELSAEIGVTDSIVVSSELVMPYTVGTWLRGVAANWSKYSWLSVRYTYIPSCPSSTAGSIHMGFQY
DMADTVPVSVNQLSNLRGYVSGQVWSGSAGLCFINGTRCSDTSTAISTTLDVSKLGKKWYPYKTSADYATAVGVDVNIAT
PLVPARLVIALLDGSSSTAVAAGRIYCTYTIQMIEPTASALNN
;
_struct_ref.pdbx_align_begin           66 
_struct_ref.pdbx_db_isoform            ? 
# 
_struct_ref_seq.align_id                      1 
_struct_ref_seq.ref_id                        1 
_struct_ref_seq.pdbx_PDB_id_code              1VAK 
_struct_ref_seq.pdbx_strand_id                A 
_struct_ref_seq.seq_align_beg                 1 
_struct_ref_seq.pdbx_seq_align_beg_ins_code   ? 
_struct_ref_seq.seq_align_end                 203 
_struct_ref_seq.pdbx_seq_align_end_ins_code   ? 
_struct_ref_seq.pdbx_db_accession             Q9EB06 
_struct_ref_seq.db_align_beg                  66 
_struct_ref_seq.pdbx_db_align_beg_ins_code    ? 
_struct_ref_seq.db_align_end                  268 
_struct_ref_seq.pdbx_db_align_end_ins_code    ? 
_struct_ref_seq.pdbx_auth_seq_align_beg       66 
_struct_ref_seq.pdbx_auth_seq_align_end       268 
# 
loop_
_pdbx_struct_assembly.id 
_pdbx_struct_assembly.details 
_pdbx_struct_assembly.method_details 
_pdbx_struct_assembly.oligomeric_details 
_pdbx_struct_assembly.oligomeric_count 
1 'complete icosahedral assembly'                ? 'complete icosahedral assembly' 60 
2 'icosahedral asymmetric unit'                  ? monomeric                       1  
3 'icosahedral pentamer'                         ? pentameric                      5  
4 'icosahedral 23 hexamer'                       ? hexameric                       6  
5 'icosahedral asymmetric unit, std point frame' ? monomeric                       1  
6 'crystal asymmetric unit, crystal frame'       ? 60-meric                        60 
# 
loop_
_pdbx_struct_assembly_gen.assembly_id 
_pdbx_struct_assembly_gen.oper_expression 
_pdbx_struct_assembly_gen.asym_id_list 
1 '(1-60)'           A,B,C 
2 1                  A,B,C 
3 '(1-5)'            A,B,C 
4 '(1,2,6,10,23,24)' A,B,C 
5 P                  A,B,C 
6 '(X0)(1-60)'       A,B,C 
# 
loop_
_pdbx_struct_oper_list.id 
_pdbx_struct_oper_list.type 
_pdbx_struct_oper_list.name 
_pdbx_struct_oper_list.symmetry_operation 
_pdbx_struct_oper_list.matrix[1][1] 
_pdbx_struct_oper_list.matrix[1][2] 
_pdbx_struct_oper_list.matrix[1][3] 
_pdbx_struct_oper_list.vector[1] 
_pdbx_struct_oper_list.matrix[2][1] 
_pdbx_struct_oper_list.matrix[2][2] 
_pdbx_struct_oper_list.matrix[2][3] 
_pdbx_struct_oper_list.vector[2] 
_pdbx_struct_oper_list.matrix[3][1] 
_pdbx_struct_oper_list.matrix[3][2] 
_pdbx_struct_oper_list.matrix[3][3] 
_pdbx_struct_oper_list.vector[3] 
P  'transform to point frame' ?     ?     0.64983428  0.68230370  0.33492843  11.97284   -0.19762643 -0.27382153 0.94125744  16.46255  0.73393405  -0.67785207 -0.04309737 71.00786  
X0 'identity operation'       1_555 x,y,z 1.00000000  0.00000000  0.00000000  0.00000    0.00000000  1.00000000  0.00000000  0.00000   0.00000000  0.00000000  1.00000000  0.00000   
1  'identity operation'       1_555 x,y,z 1.00000000  0.00000000  0.00000000  0.00000    0.00000000  1.00000000  0.00000000  -0.00000  0.00000000  0.00000000  1.00000000  -0.00000  
2  'point symmetry operation' ?     ?     0.49616306  -0.69488247 -0.52053873 -6.19628   0.17664195  0.66779187  -0.72308481 12.88781  0.85007048  0.26681899  0.45407906  27.30603  
3  'point symmetry operation' ?     ?     -0.31906222 -0.94770150 0.00782113  -32.44001  -0.40906978 0.13026782  -0.90315681 0.65509   0.85490422  -0.29136260 -0.42923958 37.87657  
4  'point symmetry operation' ?     ?     -0.31906222 -0.40906978 0.85490422  -42.46324  -0.94770150 0.13026782  -0.29136260 -19.79297 0.00782113  -0.90315681 -0.42923958 17.10349  
5  'point symmetry operation' ?     ?     0.49616306  0.17664195  0.85007049  -22.41421  -0.69488247 0.66779187  0.26681900  -20.19783 -0.52053873 -0.72308481 0.45407906  -6.30552  
6  'point symmetry operation' ?     ?     0.07731838  -0.99499743 -0.06326125 -9.05386   -0.99499743 -0.08103315 0.05842729  -7.32264  -0.06326125 0.05842729  -0.99628524 -39.01109 
7  'point symmetry operation' ?     ?     -0.19117229 -0.73505768 0.65049470  -24.08370  -0.45832751 0.65288250  0.60305914  -0.60627  -0.86797986 -0.18285142 -0.46171021 -65.07070 
8  'point symmetry operation' ?     ?     0.32827169  -0.18445892 0.92639765  -14.61000  0.40056403  0.91538101  0.04032433  27.11503  -0.85544500 0.35784424  0.37438129  -74.65648 
9  'point symmetry operation' ?     ?     0.91779641  -0.10410992 0.38315909  6.27492    0.39471829  0.34369837  -0.85209676 37.53138  -0.04297943 0.93329125  0.35653922  -54.52121 
10 'point symmetry operation' ?     ?     0.76269873  -0.60505027 -0.22848375 9.70880    -0.46778613 -0.27211945 -0.84090852 16.24773  0.44661705  0.74824139  -0.49057927 -32.49114 
11 'point symmetry operation' ?     ?     -0.92188758 0.10822874  -0.37203470 -119.79089 0.10822874  -0.85004354 -0.51547310 79.92740  -0.37203470 -0.51547310 0.77193112  -1.89959  
12 'point symmetry operation' ?     ?     -0.75454455 0.61361187  0.23268646  -122.84259 -0.53464271 -0.78039644 0.32425078  54.22606  0.38055181  0.12025754  0.91690700  14.84070  
13 'point symmetry operation' ?     ?     -0.06818764 0.99616996  0.05473429  -103.90535 -0.12748471 -0.06311227 0.98983054  56.33526  0.98949386  0.06051642  0.13129991  39.06964  
14 'point symmetry operation' ?     ?     0.18866123  0.72722074  -0.65996737 -89.14981  0.76702425  0.31054661  0.56145757  83.34016  0.61325422  -0.61213625 -0.49920784 37.30367  
15 'point symmetry operation' ?     ?     -0.33895436 0.17844289  -0.92372511 -98.96762  0.91270317  -0.17580366 -0.36887124 97.92091  -0.22821670 -0.96811735 -0.10327598 11.98328  
16 'point symmetry operation' ?     ?     -0.15543080 0.88676868  0.43529596  -97.72330  0.88676868  -0.06892332 0.45704582  105.28124 0.43529596  0.45704582  -0.77564590 -24.87049 
17 'point symmetry operation' ?     ?     0.44955378  0.81632828  -0.36264244 -73.44549  0.81632828  -0.54027793 -0.20422511 111.37841 -0.36264244 -0.20422511 -0.90927585 -42.85720 
18 'point symmetry operation' ?     ?     0.05897817  0.13599046  -0.98895307 -75.61269  0.13599046  -0.98253656 -0.12699806 93.78063  -0.98895307 -0.12699806 -0.07644162 -68.07089 
19 'point symmetry operation' ?     ?     -0.78739541 -0.21404104 -0.57809593 -101.22990 -0.21404104 -0.78451279 0.58200181  76.80744  -0.57809593 0.58200181  0.57190820  -65.66711 
20 'point symmetry operation' ?     ?     -0.91990743 0.24996542  0.30213838  -114.89501 0.24996542  -0.21986876 0.94296077  83.91520  0.30213838  0.94296077  0.13977619  -38.96778 
21 'point symmetry operation' ?     ?     0.20346631  -0.77629971 0.59662402  -0.78240   0.45678879  -0.46371994 -0.75914941 78.48283  0.86599392  0.42699249  0.26025362  17.89729  
22 'point symmetry operation' ?     ?     0.47099784  -0.50060118 0.72633291  4.24350    -0.50060118 -0.82963841 -0.24718127 48.94675  0.72633291  -0.24718127 -0.64135943 25.14085  
23 'point symmetry operation' ?     ?     0.76269873  -0.46778613 0.44661705  14.70668   -0.60505027 -0.27211945 0.74824139  34.60685  -0.22848375 -0.84090852 -0.49057927 -0.05832  
24 'point symmetry operation' ?     ?     0.67544826  -0.72320383 0.14403427  16.14738   0.28778662  0.43836469  0.85147828  55.28039  -0.67893189 -0.53367838 0.50422104  -22.87581 
25 'point symmetry operation' ?     ?     0.32982362  -0.91387571 0.23674367  6.57461    0.94403924  0.31994907  -0.08014046 82.39724  -0.00250749 0.24992753  0.96826129  -11.77864 
26 'point symmetry operation' ?     ?     0.75040471  -0.10468333 -0.65263632 -20.21495  0.54474305  -0.46128203 0.70033842  107.35802 -0.37436316 -0.88105636 -0.28912270 -3.22278  
27 'point symmetry operation' ?     ?     -0.20095524 -0.76548553 -0.61126828 -44.03472  0.78413664  -0.49970919 0.36799518  117.16118 -0.58715135 -0.40536729 0.70066443  -20.15280 
28 'point symmetry operation' ?     ?     -0.75454455 -0.53464271 0.38055181  -69.34629  0.61361187  -0.78039644 0.12025754  115.91079 0.23268646  0.32425078  0.91690700  -2.60658  
29 'point symmetry operation' ?     ?     -0.14532161 0.26882818  0.95216229  -61.16993  0.26882818  -0.91544353 0.29949049  105.33484 0.95216229  0.29949049  0.06076514  25.16760  
30 'point symmetry operation' ?     ?     0.78478819  0.53455770  0.31361692  -30.80509  0.22626490  -0.71821997 0.65800020  100.04893 0.57698500  -0.44543028 -0.68460220 24.78677  
31 'point symmetry operation' ?     ?     -0.49355585 0.37436582  0.78501774  -88.33678  -0.18886581 0.83494091  -0.51691719 -11.85817 -0.84895956 -0.40339052 -0.34138506 -52.20686 
32 'point symmetry operation' ?     ?     0.48856494  0.80241940  0.34267681  -59.01809  -0.38563869 0.55088297  -0.74014239 -14.04230 -0.78267943 0.22945819  0.57858608  -61.46716 
33 'point symmetry operation' ?     ?     0.67544826  0.28778662  -0.67893189 -42.34680  -0.72320383 0.43836469  -0.53367838 -24.76345 0.14403427  0.85147828  0.50422104  -37.86136 
34 'point symmetry operation' ?     ?     -0.19117229 -0.45832751 -0.86797986 -61.36207  -0.73505768 0.65288250  -0.18285142 -29.20535 0.65049470  0.60305914  -0.46171021 -14.01187 
35 'point symmetry operation' ?     ?     -0.91365657 -0.40481863 0.03679077  -89.78544  -0.40481863 0.89798009  -0.17249243 -21.22945 0.03679077  -0.17249243 -0.98432353 -22.87787 
36 'point symmetry operation' ?     ?     -0.46031518 0.50661721  -0.72900544 -117.23392 -0.81266602 0.09006104  0.57572818  3.90333   0.35732880  0.85745438  0.37025413  -28.24882 
37 'point symmetry operation' ?     ?     -0.75860755 0.46366730  -0.45774144 -127.75875 0.10210323  0.77846462  0.61932848  25.82038  0.64349788  0.42309038  -0.63789107 -9.30204  
38 'point symmetry operation' ?     ?     -0.68360244 0.71464222  -0.14823698 -129.58164 0.71464222  0.61415120  -0.33482053 52.13182  -0.14823698 -0.33482053 -0.93054877 -25.25490 
39 'point symmetry operation' ?     ?     -0.33895436 0.91270317  -0.22821670 -120.18344 0.17844289  -0.17580366 -0.96811735 46.47615  -0.92372511 -0.36887124 -0.10327598 -54.06108 
40 'point symmetry operation' ?     ?     -0.20095524 0.78413664  -0.58715135 -112.55213 -0.76548553 -0.49970919 -0.40536729 16.66930  -0.61126828 0.36799518  0.70066443  -55.91142 
41 'point symmetry operation' ?     ?     0.20346631  0.45678879  0.86599392  -51.18983  -0.77629971 -0.46371994 0.42699249  28.14466  0.59662402  -0.75914941 0.26025362  55.38915  
42 'point symmetry operation' ?     ?     0.91779641  0.39471829  -0.04297943 -22.91670  -0.10410992 0.34369837  0.93329125  38.63797  0.38315909  -0.85209676 0.35653922  49.01503  
43 'point symmetry operation' ?     ?     0.48856494  -0.38563869 -0.78267943 -24.69017  0.80241940  0.55088297  0.22945819  69.19707  0.34267681  -0.74014239 0.57858608  45.39487  
44 'point symmetry operation' ?     ?     -0.49104478 -0.80585534 -0.33086584 -54.05936  0.69049555  -0.12848821 -0.71183332 77.59032  0.53112232  -0.57800342 0.61953299  49.53163  
45 'point symmetry operation' ?     ?     -0.66724542 -0.28520652 0.68807034  -70.43706  -0.28520652 -0.75554728 -0.58975041 52.21854  0.68807034  -0.58975041 0.42279271  55.70843  
46 'point symmetry operation' ?     ?     -0.49355585 -0.18886581 -0.84895956 -90.16025  0.37436582  0.83494091  -0.40339052 21.91139  0.78501774  -0.51691719 -0.34138506 45.39360  
47 'point symmetry operation' ?     ?     -0.99992128 -0.00967828 0.00798618  -112.71782 -0.00967828 0.18979425  -0.98177618 19.33727  0.00798618  -0.98177618 -0.18987298 24.54561  
48 'point symmetry operation' ?     ?     -0.49104478 0.69049555  0.53112232  -106.42869 -0.80585534 -0.12848821 -0.57800342 -4.96513  -0.33086584 -0.71183332 0.61953299  6.65850   
49 'point symmetry operation' ?     ?     0.32982362  0.94403924  -0.00250749 -79.98422  -0.91387571 0.31994907  0.24992753  -17.41074 0.23674367  -0.08014046 0.96826129  16.45165  
50 'point symmetry operation' ?     ?     0.32827169  0.40056403  -0.85544500 -69.92977  -0.18445892 0.91538101  0.35784424  -0.80014  0.92639765  0.04032433  0.37438129  40.39127  
51 'point symmetry operation' ?     ?     -0.46031518 -0.81266602 0.35732880  -40.69834  0.50661721  0.09006104  0.85745438  83.26326  -0.72900544 0.57572818  0.37025413  -77.25218 
52 'point symmetry operation' ?     ?     -0.06818764 -0.12748471 0.98949386  -38.56235  0.99616996  -0.06311227 0.06051642  104.69848 0.05473429  0.98983054  0.13129991  -55.20502 
53 'point symmetry operation' ?     ?     0.78478819  0.22626490  0.57698500  -12.76368  0.53455770  -0.71821997 -0.44543028 99.36502  0.31361692  0.65800020  -0.68460220 -39.20214 
54 'point symmetry operation' ?     ?     0.91982871  -0.24028714 -0.31012455 1.04478    -0.24028714 -0.96992549 0.03881541  74.63353  -0.31012455 0.03881541  -0.94990321 -51.35898 
55 'point symmetry operation' ?     ?     0.15031251  -0.88238176 -0.44587955 -16.21979  -0.25755530 -0.47038035 0.84404241  64.68210  -0.95450061 -0.01203149 -0.29796615 -74.87521 
56 'point symmetry operation' ?     ?     0.75040471  0.54474305  -0.37436316 -44.51963  -0.10468333 -0.46128203 -0.88105636 44.56671  -0.65263632 0.70033842  -0.28912270 -89.31173 
57 'point symmetry operation' ?     ?     0.15031251  -0.25755530 -0.95450061 -52.37118  -0.88238176 -0.47038035 -0.01203149 15.21229  -0.44587955 0.84404241  -0.29796615 -84.13678 
58 'point symmetry operation' ?     ?     -0.78230836 -0.53112176 -0.32542790 -82.68551  -0.53112176 0.29582522  0.79397551  14.28907  -0.32542790 0.79397551  -0.51351686 -78.63240 
59 'point symmetry operation' ?     ?     -0.75860755 0.10210323  0.64349788  -93.56925  0.46366730  0.77846462  0.42309038  43.07291  -0.45774144 0.61932848  -0.63789107 -80.40546 
60 'point symmetry operation' ?     ?     0.18866123  0.76702425  0.61325423  -69.98144  0.72722074  0.31054662  -0.61213626 61.78552  -0.65996737 0.56145757  -0.49920784 -87.00565  
# 
loop_
_struct_conf.conf_type_id 
_struct_conf.id 
_struct_conf.pdbx_PDB_helix_id 
_struct_conf.beg_label_comp_id 
_struct_conf.beg_label_asym_id 
_struct_conf.beg_label_seq_id 
_struct_conf.pdbx_beg_PDB_ins_code 
_struct_conf.end_label_comp_id 
_struct_conf.end_label_asym_id 
_struct_conf.end_label_seq_id 
_struct_conf.pdbx_end_PDB_ins_code 
_struct_conf.beg_auth_comp_id 
_struct_conf.beg_auth_asym_id 
_struct_conf.beg_auth_seq_id 
_struct_conf.end_auth_comp_id 
_struct_conf.end_auth_asym_id 
_struct_conf.end_auth_seq_id 
_struct_conf.pdbx_PDB_helix_class 
_struct_conf.details 
_struct_conf.pdbx_PDB_helix_length 
HELX_P HELX_P1 1 MET A 35  ? GLY A 40  ? MET A 100 GLY A 105 1 ? 6  
HELX_P HELX_P2 2 GLY A 40  ? ALA A 48  ? GLY A 105 ALA A 113 1 ? 9  
HELX_P HELX_P3 3 SER A 89  ? ASN A 95  ? SER A 154 ASN A 160 1 ? 7  
HELX_P HELX_P4 4 GLY A 107 ? ALA A 109 ? GLY A 172 ALA A 174 5 ? 3  
HELX_P HELX_P5 5 GLY A 110 ? GLY A 116 ? GLY A 175 GLY A 181 1 ? 7  
HELX_P HELX_P6 6 THR A 144 ? ASP A 155 ? THR A 209 ASP A 220 1 ? 12 
HELX_P HELX_P7 7 VAL A 156 ? THR A 160 ? VAL A 221 THR A 225 5 ? 5  
HELX_P HELX_P8 8 ALA A 198 ? ASN A 202 ? ALA A 263 ASN A 267 5 ? 5  
# 
_struct_conf_type.id          HELX_P 
_struct_conf_type.criteria    ? 
_struct_conf_type.reference   ? 
# 
loop_
_struct_conn.id 
_struct_conn.conn_type_id 
_struct_conn.pdbx_leaving_atom_flag 
_struct_conn.pdbx_PDB_id 
_struct_conn.ptnr1_label_asym_id 
_struct_conn.ptnr1_label_comp_id 
_struct_conn.ptnr1_label_seq_id 
_struct_conn.ptnr1_label_atom_id 
_struct_conn.pdbx_ptnr1_label_alt_id 
_struct_conn.pdbx_ptnr1_PDB_ins_code 
_struct_conn.pdbx_ptnr1_standard_comp_id 
_struct_conn.ptnr1_symmetry 
_struct_conn.ptnr2_label_asym_id 
_struct_conn.ptnr2_label_comp_id 
_struct_conn.ptnr2_label_seq_id 
_struct_conn.ptnr2_label_atom_id 
_struct_conn.pdbx_ptnr2_label_alt_id 
_struct_conn.pdbx_ptnr2_PDB_ins_code 
_struct_conn.ptnr1_auth_asym_id 
_struct_conn.ptnr1_auth_comp_id 
_struct_conn.ptnr1_auth_seq_id 
_struct_conn.ptnr2_auth_asym_id 
_struct_conn.ptnr2_auth_comp_id 
_struct_conn.ptnr2_auth_seq_id 
_struct_conn.ptnr2_symmetry 
_struct_conn.pdbx_ptnr3_label_atom_id 
_struct_conn.pdbx_ptnr3_label_seq_id 
_struct_conn.pdbx_ptnr3_label_comp_id 
_struct_conn.pdbx_ptnr3_label_asym_id 
_struct_conn.pdbx_ptnr3_label_alt_id 
_struct_conn.pdbx_ptnr3_PDB_ins_code 
_struct_conn.details 
_struct_conn.pdbx_dist_value 
_struct_conn.pdbx_value_order 
_struct_conn.pdbx_role 
metalc1 metalc ? ? A TYR 142 O   ? ? ? 1_555 B CA . CA ? ? A TYR 207 A CA 375 1_555 ? ? ? ? ? ? ? 2.368 ? ? 
metalc2 metalc ? ? A ASN 202 OD1 ? ? ? 1_555 B CA . CA ? ? A ASN 267 A CA 375 1_555 ? ? ? ? ? ? ? 2.265 ? ? 
metalc3 metalc ? ? A ASN 203 O   ? ? ? 1_555 B CA . CA ? ? A ASN 268 A CA 375 1_555 ? ? ? ? ? ? ? 2.431 ? ? 
# 
_struct_conn_type.id          metalc 
_struct_conn_type.criteria    ? 
_struct_conn_type.reference   ? 
# 
loop_
_pdbx_struct_conn_angle.id 
_pdbx_struct_conn_angle.ptnr1_label_atom_id 
_pdbx_struct_conn_angle.ptnr1_label_alt_id 
_pdbx_struct_conn_angle.ptnr1_label_asym_id 
_pdbx_struct_conn_angle.ptnr1_label_comp_id 
_pdbx_struct_conn_angle.ptnr1_label_seq_id 
_pdbx_struct_conn_angle.ptnr1_auth_atom_id 
_pdbx_struct_conn_angle.ptnr1_auth_asym_id 
_pdbx_struct_conn_angle.ptnr1_auth_comp_id 
_pdbx_struct_conn_angle.ptnr1_auth_seq_id 
_pdbx_struct_conn_angle.ptnr1_PDB_ins_code 
_pdbx_struct_conn_angle.ptnr1_symmetry 
_pdbx_struct_conn_angle.ptnr2_label_atom_id 
_pdbx_struct_conn_angle.ptnr2_label_alt_id 
_pdbx_struct_conn_angle.ptnr2_label_asym_id 
_pdbx_struct_conn_angle.ptnr2_label_comp_id 
_pdbx_struct_conn_angle.ptnr2_label_seq_id 
_pdbx_struct_conn_angle.ptnr2_auth_atom_id 
_pdbx_struct_conn_angle.ptnr2_auth_asym_id 
_pdbx_struct_conn_angle.ptnr2_auth_comp_id 
_pdbx_struct_conn_angle.ptnr2_auth_seq_id 
_pdbx_struct_conn_angle.ptnr2_PDB_ins_code 
_pdbx_struct_conn_angle.ptnr2_symmetry 
_pdbx_struct_conn_angle.ptnr3_label_atom_id 
_pdbx_struct_conn_angle.ptnr3_label_alt_id 
_pdbx_struct_conn_angle.ptnr3_label_asym_id 
_pdbx_struct_conn_angle.ptnr3_label_comp_id 
_pdbx_struct_conn_angle.ptnr3_label_seq_id 
_pdbx_struct_conn_angle.ptnr3_auth_atom_id 
_pdbx_struct_conn_angle.ptnr3_auth_asym_id 
_pdbx_struct_conn_angle.ptnr3_auth_comp_id 
_pdbx_struct_conn_angle.ptnr3_auth_seq_id 
_pdbx_struct_conn_angle.ptnr3_PDB_ins_code 
_pdbx_struct_conn_angle.ptnr3_symmetry 
_pdbx_struct_conn_angle.value 
_pdbx_struct_conn_angle.value_esd 
1 O   ? A TYR 142 ? A TYR 207 ? 1_555 CA ? B CA . ? A CA 375 ? 1_555 OD1 ? A ASN 202 ? A ASN 267 ? 1_555 86.3 ? 
2 O   ? A TYR 142 ? A TYR 207 ? 1_555 CA ? B CA . ? A CA 375 ? 1_555 O   ? A ASN 203 ? A ASN 268 ? 1_555 77.5 ? 
3 OD1 ? A ASN 202 ? A ASN 267 ? 1_555 CA ? B CA . ? A CA 375 ? 1_555 O   ? A ASN 203 ? A ASN 268 ? 1_555 85.5 ? 
# 
loop_
_struct_sheet.id 
_struct_sheet.type 
_struct_sheet.number_strands 
_struct_sheet.details 
A ? 4 ? 
B ? 4 ? 
C ? 4 ? 
# 
loop_
_struct_sheet_order.sheet_id 
_struct_sheet_order.range_id_1 
_struct_sheet_order.range_id_2 
_struct_sheet_order.offset 
_struct_sheet_order.sense 
A 1 2 ? anti-parallel 
A 2 3 ? anti-parallel 
A 3 4 ? anti-parallel 
B 1 2 ? anti-parallel 
B 2 3 ? anti-parallel 
B 3 4 ? anti-parallel 
C 1 2 ? anti-parallel 
C 2 3 ? anti-parallel 
C 3 4 ? anti-parallel 
# 
loop_
_struct_sheet_range.sheet_id 
_struct_sheet_range.id 
_struct_sheet_range.beg_label_comp_id 
_struct_sheet_range.beg_label_asym_id 
_struct_sheet_range.beg_label_seq_id 
_struct_sheet_range.pdbx_beg_PDB_ins_code 
_struct_sheet_range.end_label_comp_id 
_struct_sheet_range.end_label_asym_id 
_struct_sheet_range.end_label_seq_id 
_struct_sheet_range.pdbx_end_PDB_ins_code 
_struct_sheet_range.beg_auth_comp_id 
_struct_sheet_range.beg_auth_asym_id 
_struct_sheet_range.beg_auth_seq_id 
_struct_sheet_range.end_auth_comp_id 
_struct_sheet_range.end_auth_asym_id 
_struct_sheet_range.end_auth_seq_id 
A 1 THR A 10  ? VAL A 23  ? THR A 75  VAL A 88  
A 2 VAL A 180 ? PRO A 196 ? VAL A 245 PRO A 261 
A 3 TRP A 50  ? PRO A 64  ? TRP A 115 PRO A 129 
A 4 ILE A 126 ? THR A 129 ? ILE A 191 THR A 194 
B 1 THR A 10  ? VAL A 23  ? THR A 75  VAL A 88  
B 2 VAL A 180 ? PRO A 196 ? VAL A 245 PRO A 261 
B 3 TRP A 50  ? PRO A 64  ? TRP A 115 PRO A 129 
B 4 TYR A 140 ? PRO A 141 ? TYR A 205 PRO A 206 
C 1 VAL A 28  ? LEU A 33  ? VAL A 93  LEU A 98  
C 2 ARG A 166 ? LEU A 172 ? ARG A 231 LEU A 237 
C 3 SER A 73  ? GLN A 79  ? SER A 138 GLN A 144 
C 4 ARG A 97  ? GLN A 103 ? ARG A 162 GLN A 168 
# 
loop_
_pdbx_struct_sheet_hbond.sheet_id 
_pdbx_struct_sheet_hbond.range_id_1 
_pdbx_struct_sheet_hbond.range_id_2 
_pdbx_struct_sheet_hbond.range_1_label_atom_id 
_pdbx_struct_sheet_hbond.range_1_label_comp_id 
_pdbx_struct_sheet_hbond.range_1_label_asym_id 
_pdbx_struct_sheet_hbond.range_1_label_seq_id 
_pdbx_struct_sheet_hbond.range_1_PDB_ins_code 
_pdbx_struct_sheet_hbond.range_1_auth_atom_id 
_pdbx_struct_sheet_hbond.range_1_auth_comp_id 
_pdbx_struct_sheet_hbond.range_1_auth_asym_id 
_pdbx_struct_sheet_hbond.range_1_auth_seq_id 
_pdbx_struct_sheet_hbond.range_2_label_atom_id 
_pdbx_struct_sheet_hbond.range_2_label_comp_id 
_pdbx_struct_sheet_hbond.range_2_label_asym_id 
_pdbx_struct_sheet_hbond.range_2_label_seq_id 
_pdbx_struct_sheet_hbond.range_2_PDB_ins_code 
_pdbx_struct_sheet_hbond.range_2_auth_atom_id 
_pdbx_struct_sheet_hbond.range_2_auth_comp_id 
_pdbx_struct_sheet_hbond.range_2_auth_asym_id 
_pdbx_struct_sheet_hbond.range_2_auth_seq_id 
A 1 2 N ILE A 21  ? N ILE A 86  O GLY A 183 ? O GLY A 248 
A 2 3 O THR A 188 ? O THR A 253 N ARG A 59  ? N ARG A 124 
A 3 4 N TYR A 62  ? N TYR A 127 O ILE A 126 ? O ILE A 191 
B 1 2 N ILE A 21  ? N ILE A 86  O GLY A 183 ? O GLY A 248 
B 2 3 O THR A 188 ? O THR A 253 N ARG A 59  ? N ARG A 124 
B 3 4 N TYR A 53  ? N TYR A 118 O TYR A 140 ? O TYR A 205 
C 1 2 N SER A 30  ? N SER A 95  O ILE A 169 ? O ILE A 234 
C 2 3 O VAL A 168 ? O VAL A 233 N GLY A 77  ? N GLY A 142 
C 3 4 N ILE A 74  ? N ILE A 139 O GLY A 102 ? O GLY A 167 
# 
_struct_site.id                   AC1 
_struct_site.pdbx_evidence_code   Software 
_struct_site.pdbx_auth_asym_id    A 
_struct_site.pdbx_auth_comp_id    CA 
_struct_site.pdbx_auth_seq_id     375 
_struct_site.pdbx_auth_ins_code   ? 
_struct_site.pdbx_num_residues    3 
_struct_site.details              'BINDING SITE FOR RESIDUE CA A 375' 
# 
loop_
_struct_site_gen.id 
_struct_site_gen.site_id 
_struct_site_gen.pdbx_num_res 
_struct_site_gen.label_comp_id 
_struct_site_gen.label_asym_id 
_struct_site_gen.label_seq_id 
_struct_site_gen.pdbx_auth_ins_code 
_struct_site_gen.auth_comp_id 
_struct_site_gen.auth_asym_id 
_struct_site_gen.auth_seq_id 
_struct_site_gen.label_atom_id 
_struct_site_gen.label_alt_id 
_struct_site_gen.symmetry 
_struct_site_gen.details 
1 AC1 3 TYR A 142 ? TYR A 207 . ? 1_555 ? 
2 AC1 3 ASN A 202 ? ASN A 267 . ? 1_555 ? 
3 AC1 3 ASN A 203 ? ASN A 268 . ? 1_555 ? 
# 
loop_
_pdbx_validate_torsion.id 
_pdbx_validate_torsion.PDB_model_num 
_pdbx_validate_torsion.auth_comp_id 
_pdbx_validate_torsion.auth_asym_id 
_pdbx_validate_torsion.auth_seq_id 
_pdbx_validate_torsion.PDB_ins_code 
_pdbx_validate_torsion.label_alt_id 
_pdbx_validate_torsion.phi 
_pdbx_validate_torsion.psi 
1 1 VAL A 99  ? ? -100.34 67.48  
2 1 SER A 130 ? ? -147.03 14.82  
3 1 MET A 147 ? ? -49.79  -18.38 
4 1 ASP A 186 ? ? -67.12  63.70  
5 1 VAL A 197 ? ? 68.03   -52.80 
6 1 GLU A 260 ? ? 51.36   72.83  
# 
_pdbx_point_symmetry.entry_id             1VAK 
_pdbx_point_symmetry.Schoenflies_symbol   I 
_pdbx_point_symmetry.H-M_notation         532 
# 
loop_
_pdbx_unobs_or_zero_occ_residues.id 
_pdbx_unobs_or_zero_occ_residues.PDB_model_num 
_pdbx_unobs_or_zero_occ_residues.polymer_flag 
_pdbx_unobs_or_zero_occ_residues.occupancy_flag 
_pdbx_unobs_or_zero_occ_residues.auth_asym_id 
_pdbx_unobs_or_zero_occ_residues.auth_comp_id 
_pdbx_unobs_or_zero_occ_residues.auth_seq_id 
_pdbx_unobs_or_zero_occ_residues.PDB_ins_code 
_pdbx_unobs_or_zero_occ_residues.label_asym_id 
_pdbx_unobs_or_zero_occ_residues.label_comp_id 
_pdbx_unobs_or_zero_occ_residues.label_seq_id 
1 1 Y 1 A ALA 66 ? A ALA 1 
2 1 Y 1 A VAL 67 ? A VAL 2 
3 1 Y 1 A SER 68 ? A SER 3 
4 1 Y 1 A SER 69 ? A SER 4 
5 1 Y 1 A SER 70 ? A SER 5 
6 1 Y 1 A ARG 71 ? A ARG 6 
7 1 Y 1 A GLY 72 ? A GLY 7 
# 
loop_
_chem_comp_atom.comp_id 
_chem_comp_atom.atom_id 
_chem_comp_atom.type_symbol 
_chem_comp_atom.pdbx_aromatic_flag 
_chem_comp_atom.pdbx_stereo_config 
_chem_comp_atom.pdbx_ordinal 
ALA N    N  N N 1   
ALA CA   C  N S 2   
ALA C    C  N N 3   
ALA O    O  N N 4   
ALA CB   C  N N 5   
ALA OXT  O  N N 6   
ALA H    H  N N 7   
ALA H2   H  N N 8   
ALA HA   H  N N 9   
ALA HB1  H  N N 10  
ALA HB2  H  N N 11  
ALA HB3  H  N N 12  
ALA HXT  H  N N 13  
ARG N    N  N N 14  
ARG CA   C  N S 15  
ARG C    C  N N 16  
ARG O    O  N N 17  
ARG CB   C  N N 18  
ARG CG   C  N N 19  
ARG CD   C  N N 20  
ARG NE   N  N N 21  
ARG CZ   C  N N 22  
ARG NH1  N  N N 23  
ARG NH2  N  N N 24  
ARG OXT  O  N N 25  
ARG H    H  N N 26  
ARG H2   H  N N 27  
ARG HA   H  N N 28  
ARG HB2  H  N N 29  
ARG HB3  H  N N 30  
ARG HG2  H  N N 31  
ARG HG3  H  N N 32  
ARG HD2  H  N N 33  
ARG HD3  H  N N 34  
ARG HE   H  N N 35  
ARG HH11 H  N N 36  
ARG HH12 H  N N 37  
ARG HH21 H  N N 38  
ARG HH22 H  N N 39  
ARG HXT  H  N N 40  
ASN N    N  N N 41  
ASN CA   C  N S 42  
ASN C    C  N N 43  
ASN O    O  N N 44  
ASN CB   C  N N 45  
ASN CG   C  N N 46  
ASN OD1  O  N N 47  
ASN ND2  N  N N 48  
ASN OXT  O  N N 49  
ASN H    H  N N 50  
ASN H2   H  N N 51  
ASN HA   H  N N 52  
ASN HB2  H  N N 53  
ASN HB3  H  N N 54  
ASN HD21 H  N N 55  
ASN HD22 H  N N 56  
ASN HXT  H  N N 57  
ASP N    N  N N 58  
ASP CA   C  N S 59  
ASP C    C  N N 60  
ASP O    O  N N 61  
ASP CB   C  N N 62  
ASP CG   C  N N 63  
ASP OD1  O  N N 64  
ASP OD2  O  N N 65  
ASP OXT  O  N N 66  
ASP H    H  N N 67  
ASP H2   H  N N 68  
ASP HA   H  N N 69  
ASP HB2  H  N N 70  
ASP HB3  H  N N 71  
ASP HD2  H  N N 72  
ASP HXT  H  N N 73  
CA  CA   CA N N 74  
CYS N    N  N N 75  
CYS CA   C  N R 76  
CYS C    C  N N 77  
CYS O    O  N N 78  
CYS CB   C  N N 79  
CYS SG   S  N N 80  
CYS OXT  O  N N 81  
CYS H    H  N N 82  
CYS H2   H  N N 83  
CYS HA   H  N N 84  
CYS HB2  H  N N 85  
CYS HB3  H  N N 86  
CYS HG   H  N N 87  
CYS HXT  H  N N 88  
GLN N    N  N N 89  
GLN CA   C  N S 90  
GLN C    C  N N 91  
GLN O    O  N N 92  
GLN CB   C  N N 93  
GLN CG   C  N N 94  
GLN CD   C  N N 95  
GLN OE1  O  N N 96  
GLN NE2  N  N N 97  
GLN OXT  O  N N 98  
GLN H    H  N N 99  
GLN H2   H  N N 100 
GLN HA   H  N N 101 
GLN HB2  H  N N 102 
GLN HB3  H  N N 103 
GLN HG2  H  N N 104 
GLN HG3  H  N N 105 
GLN HE21 H  N N 106 
GLN HE22 H  N N 107 
GLN HXT  H  N N 108 
GLU N    N  N N 109 
GLU CA   C  N S 110 
GLU C    C  N N 111 
GLU O    O  N N 112 
GLU CB   C  N N 113 
GLU CG   C  N N 114 
GLU CD   C  N N 115 
GLU OE1  O  N N 116 
GLU OE2  O  N N 117 
GLU OXT  O  N N 118 
GLU H    H  N N 119 
GLU H2   H  N N 120 
GLU HA   H  N N 121 
GLU HB2  H  N N 122 
GLU HB3  H  N N 123 
GLU HG2  H  N N 124 
GLU HG3  H  N N 125 
GLU HE2  H  N N 126 
GLU HXT  H  N N 127 
GLY N    N  N N 128 
GLY CA   C  N N 129 
GLY C    C  N N 130 
GLY O    O  N N 131 
GLY OXT  O  N N 132 
GLY H    H  N N 133 
GLY H2   H  N N 134 
GLY HA2  H  N N 135 
GLY HA3  H  N N 136 
GLY HXT  H  N N 137 
HIS N    N  N N 138 
HIS CA   C  N S 139 
HIS C    C  N N 140 
HIS O    O  N N 141 
HIS CB   C  N N 142 
HIS CG   C  Y N 143 
HIS ND1  N  Y N 144 
HIS CD2  C  Y N 145 
HIS CE1  C  Y N 146 
HIS NE2  N  Y N 147 
HIS OXT  O  N N 148 
HIS H    H  N N 149 
HIS H2   H  N N 150 
HIS HA   H  N N 151 
HIS HB2  H  N N 152 
HIS HB3  H  N N 153 
HIS HD1  H  N N 154 
HIS HD2  H  N N 155 
HIS HE1  H  N N 156 
HIS HE2  H  N N 157 
HIS HXT  H  N N 158 
HOH O    O  N N 159 
HOH H1   H  N N 160 
HOH H2   H  N N 161 
ILE N    N  N N 162 
ILE CA   C  N S 163 
ILE C    C  N N 164 
ILE O    O  N N 165 
ILE CB   C  N S 166 
ILE CG1  C  N N 167 
ILE CG2  C  N N 168 
ILE CD1  C  N N 169 
ILE OXT  O  N N 170 
ILE H    H  N N 171 
ILE H2   H  N N 172 
ILE HA   H  N N 173 
ILE HB   H  N N 174 
ILE HG12 H  N N 175 
ILE HG13 H  N N 176 
ILE HG21 H  N N 177 
ILE HG22 H  N N 178 
ILE HG23 H  N N 179 
ILE HD11 H  N N 180 
ILE HD12 H  N N 181 
ILE HD13 H  N N 182 
ILE HXT  H  N N 183 
LEU N    N  N N 184 
LEU CA   C  N S 185 
LEU C    C  N N 186 
LEU O    O  N N 187 
LEU CB   C  N N 188 
LEU CG   C  N N 189 
LEU CD1  C  N N 190 
LEU CD2  C  N N 191 
LEU OXT  O  N N 192 
LEU H    H  N N 193 
LEU H2   H  N N 194 
LEU HA   H  N N 195 
LEU HB2  H  N N 196 
LEU HB3  H  N N 197 
LEU HG   H  N N 198 
LEU HD11 H  N N 199 
LEU HD12 H  N N 200 
LEU HD13 H  N N 201 
LEU HD21 H  N N 202 
LEU HD22 H  N N 203 
LEU HD23 H  N N 204 
LEU HXT  H  N N 205 
LYS N    N  N N 206 
LYS CA   C  N S 207 
LYS C    C  N N 208 
LYS O    O  N N 209 
LYS CB   C  N N 210 
LYS CG   C  N N 211 
LYS CD   C  N N 212 
LYS CE   C  N N 213 
LYS NZ   N  N N 214 
LYS OXT  O  N N 215 
LYS H    H  N N 216 
LYS H2   H  N N 217 
LYS HA   H  N N 218 
LYS HB2  H  N N 219 
LYS HB3  H  N N 220 
LYS HG2  H  N N 221 
LYS HG3  H  N N 222 
LYS HD2  H  N N 223 
LYS HD3  H  N N 224 
LYS HE2  H  N N 225 
LYS HE3  H  N N 226 
LYS HZ1  H  N N 227 
LYS HZ2  H  N N 228 
LYS HZ3  H  N N 229 
LYS HXT  H  N N 230 
MET N    N  N N 231 
MET CA   C  N S 232 
MET C    C  N N 233 
MET O    O  N N 234 
MET CB   C  N N 235 
MET CG   C  N N 236 
MET SD   S  N N 237 
MET CE   C  N N 238 
MET OXT  O  N N 239 
MET H    H  N N 240 
MET H2   H  N N 241 
MET HA   H  N N 242 
MET HB2  H  N N 243 
MET HB3  H  N N 244 
MET HG2  H  N N 245 
MET HG3  H  N N 246 
MET HE1  H  N N 247 
MET HE2  H  N N 248 
MET HE3  H  N N 249 
MET HXT  H  N N 250 
PHE N    N  N N 251 
PHE CA   C  N S 252 
PHE C    C  N N 253 
PHE O    O  N N 254 
PHE CB   C  N N 255 
PHE CG   C  Y N 256 
PHE CD1  C  Y N 257 
PHE CD2  C  Y N 258 
PHE CE1  C  Y N 259 
PHE CE2  C  Y N 260 
PHE CZ   C  Y N 261 
PHE OXT  O  N N 262 
PHE H    H  N N 263 
PHE H2   H  N N 264 
PHE HA   H  N N 265 
PHE HB2  H  N N 266 
PHE HB3  H  N N 267 
PHE HD1  H  N N 268 
PHE HD2  H  N N 269 
PHE HE1  H  N N 270 
PHE HE2  H  N N 271 
PHE HZ   H  N N 272 
PHE HXT  H  N N 273 
PRO N    N  N N 274 
PRO CA   C  N S 275 
PRO C    C  N N 276 
PRO O    O  N N 277 
PRO CB   C  N N 278 
PRO CG   C  N N 279 
PRO CD   C  N N 280 
PRO OXT  O  N N 281 
PRO H    H  N N 282 
PRO HA   H  N N 283 
PRO HB2  H  N N 284 
PRO HB3  H  N N 285 
PRO HG2  H  N N 286 
PRO HG3  H  N N 287 
PRO HD2  H  N N 288 
PRO HD3  H  N N 289 
PRO HXT  H  N N 290 
SER N    N  N N 291 
SER CA   C  N S 292 
SER C    C  N N 293 
SER O    O  N N 294 
SER CB   C  N N 295 
SER OG   O  N N 296 
SER OXT  O  N N 297 
SER H    H  N N 298 
SER H2   H  N N 299 
SER HA   H  N N 300 
SER HB2  H  N N 301 
SER HB3  H  N N 302 
SER HG   H  N N 303 
SER HXT  H  N N 304 
THR N    N  N N 305 
THR CA   C  N S 306 
THR C    C  N N 307 
THR O    O  N N 308 
THR CB   C  N R 309 
THR OG1  O  N N 310 
THR CG2  C  N N 311 
THR OXT  O  N N 312 
THR H    H  N N 313 
THR H2   H  N N 314 
THR HA   H  N N 315 
THR HB   H  N N 316 
THR HG1  H  N N 317 
THR HG21 H  N N 318 
THR HG22 H  N N 319 
THR HG23 H  N N 320 
THR HXT  H  N N 321 
TRP N    N  N N 322 
TRP CA   C  N S 323 
TRP C    C  N N 324 
TRP O    O  N N 325 
TRP CB   C  N N 326 
TRP CG   C  Y N 327 
TRP CD1  C  Y N 328 
TRP CD2  C  Y N 329 
TRP NE1  N  Y N 330 
TRP CE2  C  Y N 331 
TRP CE3  C  Y N 332 
TRP CZ2  C  Y N 333 
TRP CZ3  C  Y N 334 
TRP CH2  C  Y N 335 
TRP OXT  O  N N 336 
TRP H    H  N N 337 
TRP H2   H  N N 338 
TRP HA   H  N N 339 
TRP HB2  H  N N 340 
TRP HB3  H  N N 341 
TRP HD1  H  N N 342 
TRP HE1  H  N N 343 
TRP HE3  H  N N 344 
TRP HZ2  H  N N 345 
TRP HZ3  H  N N 346 
TRP HH2  H  N N 347 
TRP HXT  H  N N 348 
TYR N    N  N N 349 
TYR CA   C  N S 350 
TYR C    C  N N 351 
TYR O    O  N N 352 
TYR CB   C  N N 353 
TYR CG   C  Y N 354 
TYR CD1  C  Y N 355 
TYR CD2  C  Y N 356 
TYR CE1  C  Y N 357 
TYR CE2  C  Y N 358 
TYR CZ   C  Y N 359 
TYR OH   O  N N 360 
TYR OXT  O  N N 361 
TYR H    H  N N 362 
TYR H2   H  N N 363 
TYR HA   H  N N 364 
TYR HB2  H  N N 365 
TYR HB3  H  N N 366 
TYR HD1  H  N N 367 
TYR HD2  H  N N 368 
TYR HE1  H  N N 369 
TYR HE2  H  N N 370 
TYR HH   H  N N 371 
TYR HXT  H  N N 372 
VAL N    N  N N 373 
VAL CA   C  N S 374 
VAL C    C  N N 375 
VAL O    O  N N 376 
VAL CB   C  N N 377 
VAL CG1  C  N N 378 
VAL CG2  C  N N 379 
VAL OXT  O  N N 380 
VAL H    H  N N 381 
VAL H2   H  N N 382 
VAL HA   H  N N 383 
VAL HB   H  N N 384 
VAL HG11 H  N N 385 
VAL HG12 H  N N 386 
VAL HG13 H  N N 387 
VAL HG21 H  N N 388 
VAL HG22 H  N N 389 
VAL HG23 H  N N 390 
VAL HXT  H  N N 391 
# 
loop_
_chem_comp_bond.comp_id 
_chem_comp_bond.atom_id_1 
_chem_comp_bond.atom_id_2 
_chem_comp_bond.value_order 
_chem_comp_bond.pdbx_aromatic_flag 
_chem_comp_bond.pdbx_stereo_config 
_chem_comp_bond.pdbx_ordinal 
ALA N   CA   sing N N 1   
ALA N   H    sing N N 2   
ALA N   H2   sing N N 3   
ALA CA  C    sing N N 4   
ALA CA  CB   sing N N 5   
ALA CA  HA   sing N N 6   
ALA C   O    doub N N 7   
ALA C   OXT  sing N N 8   
ALA CB  HB1  sing N N 9   
ALA CB  HB2  sing N N 10  
ALA CB  HB3  sing N N 11  
ALA OXT HXT  sing N N 12  
ARG N   CA   sing N N 13  
ARG N   H    sing N N 14  
ARG N   H2   sing N N 15  
ARG CA  C    sing N N 16  
ARG CA  CB   sing N N 17  
ARG CA  HA   sing N N 18  
ARG C   O    doub N N 19  
ARG C   OXT  sing N N 20  
ARG CB  CG   sing N N 21  
ARG CB  HB2  sing N N 22  
ARG CB  HB3  sing N N 23  
ARG CG  CD   sing N N 24  
ARG CG  HG2  sing N N 25  
ARG CG  HG3  sing N N 26  
ARG CD  NE   sing N N 27  
ARG CD  HD2  sing N N 28  
ARG CD  HD3  sing N N 29  
ARG NE  CZ   sing N N 30  
ARG NE  HE   sing N N 31  
ARG CZ  NH1  sing N N 32  
ARG CZ  NH2  doub N N 33  
ARG NH1 HH11 sing N N 34  
ARG NH1 HH12 sing N N 35  
ARG NH2 HH21 sing N N 36  
ARG NH2 HH22 sing N N 37  
ARG OXT HXT  sing N N 38  
ASN N   CA   sing N N 39  
ASN N   H    sing N N 40  
ASN N   H2   sing N N 41  
ASN CA  C    sing N N 42  
ASN CA  CB   sing N N 43  
ASN CA  HA   sing N N 44  
ASN C   O    doub N N 45  
ASN C   OXT  sing N N 46  
ASN CB  CG   sing N N 47  
ASN CB  HB2  sing N N 48  
ASN CB  HB3  sing N N 49  
ASN CG  OD1  doub N N 50  
ASN CG  ND2  sing N N 51  
ASN ND2 HD21 sing N N 52  
ASN ND2 HD22 sing N N 53  
ASN OXT HXT  sing N N 54  
ASP N   CA   sing N N 55  
ASP N   H    sing N N 56  
ASP N   H2   sing N N 57  
ASP CA  C    sing N N 58  
ASP CA  CB   sing N N 59  
ASP CA  HA   sing N N 60  
ASP C   O    doub N N 61  
ASP C   OXT  sing N N 62  
ASP CB  CG   sing N N 63  
ASP CB  HB2  sing N N 64  
ASP CB  HB3  sing N N 65  
ASP CG  OD1  doub N N 66  
ASP CG  OD2  sing N N 67  
ASP OD2 HD2  sing N N 68  
ASP OXT HXT  sing N N 69  
CYS N   CA   sing N N 70  
CYS N   H    sing N N 71  
CYS N   H2   sing N N 72  
CYS CA  C    sing N N 73  
CYS CA  CB   sing N N 74  
CYS CA  HA   sing N N 75  
CYS C   O    doub N N 76  
CYS C   OXT  sing N N 77  
CYS CB  SG   sing N N 78  
CYS CB  HB2  sing N N 79  
CYS CB  HB3  sing N N 80  
CYS SG  HG   sing N N 81  
CYS OXT HXT  sing N N 82  
GLN N   CA   sing N N 83  
GLN N   H    sing N N 84  
GLN N   H2   sing N N 85  
GLN CA  C    sing N N 86  
GLN CA  CB   sing N N 87  
GLN CA  HA   sing N N 88  
GLN C   O    doub N N 89  
GLN C   OXT  sing N N 90  
GLN CB  CG   sing N N 91  
GLN CB  HB2  sing N N 92  
GLN CB  HB3  sing N N 93  
GLN CG  CD   sing N N 94  
GLN CG  HG2  sing N N 95  
GLN CG  HG3  sing N N 96  
GLN CD  OE1  doub N N 97  
GLN CD  NE2  sing N N 98  
GLN NE2 HE21 sing N N 99  
GLN NE2 HE22 sing N N 100 
GLN OXT HXT  sing N N 101 
GLU N   CA   sing N N 102 
GLU N   H    sing N N 103 
GLU N   H2   sing N N 104 
GLU CA  C    sing N N 105 
GLU CA  CB   sing N N 106 
GLU CA  HA   sing N N 107 
GLU C   O    doub N N 108 
GLU C   OXT  sing N N 109 
GLU CB  CG   sing N N 110 
GLU CB  HB2  sing N N 111 
GLU CB  HB3  sing N N 112 
GLU CG  CD   sing N N 113 
GLU CG  HG2  sing N N 114 
GLU CG  HG3  sing N N 115 
GLU CD  OE1  doub N N 116 
GLU CD  OE2  sing N N 117 
GLU OE2 HE2  sing N N 118 
GLU OXT HXT  sing N N 119 
GLY N   CA   sing N N 120 
GLY N   H    sing N N 121 
GLY N   H2   sing N N 122 
GLY CA  C    sing N N 123 
GLY CA  HA2  sing N N 124 
GLY CA  HA3  sing N N 125 
GLY C   O    doub N N 126 
GLY C   OXT  sing N N 127 
GLY OXT HXT  sing N N 128 
HIS N   CA   sing N N 129 
HIS N   H    sing N N 130 
HIS N   H2   sing N N 131 
HIS CA  C    sing N N 132 
HIS CA  CB   sing N N 133 
HIS CA  HA   sing N N 134 
HIS C   O    doub N N 135 
HIS C   OXT  sing N N 136 
HIS CB  CG   sing N N 137 
HIS CB  HB2  sing N N 138 
HIS CB  HB3  sing N N 139 
HIS CG  ND1  sing Y N 140 
HIS CG  CD2  doub Y N 141 
HIS ND1 CE1  doub Y N 142 
HIS ND1 HD1  sing N N 143 
HIS CD2 NE2  sing Y N 144 
HIS CD2 HD2  sing N N 145 
HIS CE1 NE2  sing Y N 146 
HIS CE1 HE1  sing N N 147 
HIS NE2 HE2  sing N N 148 
HIS OXT HXT  sing N N 149 
HOH O   H1   sing N N 150 
HOH O   H2   sing N N 151 
ILE N   CA   sing N N 152 
ILE N   H    sing N N 153 
ILE N   H2   sing N N 154 
ILE CA  C    sing N N 155 
ILE CA  CB   sing N N 156 
ILE CA  HA   sing N N 157 
ILE C   O    doub N N 158 
ILE C   OXT  sing N N 159 
ILE CB  CG1  sing N N 160 
ILE CB  CG2  sing N N 161 
ILE CB  HB   sing N N 162 
ILE CG1 CD1  sing N N 163 
ILE CG1 HG12 sing N N 164 
ILE CG1 HG13 sing N N 165 
ILE CG2 HG21 sing N N 166 
ILE CG2 HG22 sing N N 167 
ILE CG2 HG23 sing N N 168 
ILE CD1 HD11 sing N N 169 
ILE CD1 HD12 sing N N 170 
ILE CD1 HD13 sing N N 171 
ILE OXT HXT  sing N N 172 
LEU N   CA   sing N N 173 
LEU N   H    sing N N 174 
LEU N   H2   sing N N 175 
LEU CA  C    sing N N 176 
LEU CA  CB   sing N N 177 
LEU CA  HA   sing N N 178 
LEU C   O    doub N N 179 
LEU C   OXT  sing N N 180 
LEU CB  CG   sing N N 181 
LEU CB  HB2  sing N N 182 
LEU CB  HB3  sing N N 183 
LEU CG  CD1  sing N N 184 
LEU CG  CD2  sing N N 185 
LEU CG  HG   sing N N 186 
LEU CD1 HD11 sing N N 187 
LEU CD1 HD12 sing N N 188 
LEU CD1 HD13 sing N N 189 
LEU CD2 HD21 sing N N 190 
LEU CD2 HD22 sing N N 191 
LEU CD2 HD23 sing N N 192 
LEU OXT HXT  sing N N 193 
LYS N   CA   sing N N 194 
LYS N   H    sing N N 195 
LYS N   H2   sing N N 196 
LYS CA  C    sing N N 197 
LYS CA  CB   sing N N 198 
LYS CA  HA   sing N N 199 
LYS C   O    doub N N 200 
LYS C   OXT  sing N N 201 
LYS CB  CG   sing N N 202 
LYS CB  HB2  sing N N 203 
LYS CB  HB3  sing N N 204 
LYS CG  CD   sing N N 205 
LYS CG  HG2  sing N N 206 
LYS CG  HG3  sing N N 207 
LYS CD  CE   sing N N 208 
LYS CD  HD2  sing N N 209 
LYS CD  HD3  sing N N 210 
LYS CE  NZ   sing N N 211 
LYS CE  HE2  sing N N 212 
LYS CE  HE3  sing N N 213 
LYS NZ  HZ1  sing N N 214 
LYS NZ  HZ2  sing N N 215 
LYS NZ  HZ3  sing N N 216 
LYS OXT HXT  sing N N 217 
MET N   CA   sing N N 218 
MET N   H    sing N N 219 
MET N   H2   sing N N 220 
MET CA  C    sing N N 221 
MET CA  CB   sing N N 222 
MET CA  HA   sing N N 223 
MET C   O    doub N N 224 
MET C   OXT  sing N N 225 
MET CB  CG   sing N N 226 
MET CB  HB2  sing N N 227 
MET CB  HB3  sing N N 228 
MET CG  SD   sing N N 229 
MET CG  HG2  sing N N 230 
MET CG  HG3  sing N N 231 
MET SD  CE   sing N N 232 
MET CE  HE1  sing N N 233 
MET CE  HE2  sing N N 234 
MET CE  HE3  sing N N 235 
MET OXT HXT  sing N N 236 
PHE N   CA   sing N N 237 
PHE N   H    sing N N 238 
PHE N   H2   sing N N 239 
PHE CA  C    sing N N 240 
PHE CA  CB   sing N N 241 
PHE CA  HA   sing N N 242 
PHE C   O    doub N N 243 
PHE C   OXT  sing N N 244 
PHE CB  CG   sing N N 245 
PHE CB  HB2  sing N N 246 
PHE CB  HB3  sing N N 247 
PHE CG  CD1  doub Y N 248 
PHE CG  CD2  sing Y N 249 
PHE CD1 CE1  sing Y N 250 
PHE CD1 HD1  sing N N 251 
PHE CD2 CE2  doub Y N 252 
PHE CD2 HD2  sing N N 253 
PHE CE1 CZ   doub Y N 254 
PHE CE1 HE1  sing N N 255 
PHE CE2 CZ   sing Y N 256 
PHE CE2 HE2  sing N N 257 
PHE CZ  HZ   sing N N 258 
PHE OXT HXT  sing N N 259 
PRO N   CA   sing N N 260 
PRO N   CD   sing N N 261 
PRO N   H    sing N N 262 
PRO CA  C    sing N N 263 
PRO CA  CB   sing N N 264 
PRO CA  HA   sing N N 265 
PRO C   O    doub N N 266 
PRO C   OXT  sing N N 267 
PRO CB  CG   sing N N 268 
PRO CB  HB2  sing N N 269 
PRO CB  HB3  sing N N 270 
PRO CG  CD   sing N N 271 
PRO CG  HG2  sing N N 272 
PRO CG  HG3  sing N N 273 
PRO CD  HD2  sing N N 274 
PRO CD  HD3  sing N N 275 
PRO OXT HXT  sing N N 276 
SER N   CA   sing N N 277 
SER N   H    sing N N 278 
SER N   H2   sing N N 279 
SER CA  C    sing N N 280 
SER CA  CB   sing N N 281 
SER CA  HA   sing N N 282 
SER C   O    doub N N 283 
SER C   OXT  sing N N 284 
SER CB  OG   sing N N 285 
SER CB  HB2  sing N N 286 
SER CB  HB3  sing N N 287 
SER OG  HG   sing N N 288 
SER OXT HXT  sing N N 289 
THR N   CA   sing N N 290 
THR N   H    sing N N 291 
THR N   H2   sing N N 292 
THR CA  C    sing N N 293 
THR CA  CB   sing N N 294 
THR CA  HA   sing N N 295 
THR C   O    doub N N 296 
THR C   OXT  sing N N 297 
THR CB  OG1  sing N N 298 
THR CB  CG2  sing N N 299 
THR CB  HB   sing N N 300 
THR OG1 HG1  sing N N 301 
THR CG2 HG21 sing N N 302 
THR CG2 HG22 sing N N 303 
THR CG2 HG23 sing N N 304 
THR OXT HXT  sing N N 305 
TRP N   CA   sing N N 306 
TRP N   H    sing N N 307 
TRP N   H2   sing N N 308 
TRP CA  C    sing N N 309 
TRP CA  CB   sing N N 310 
TRP CA  HA   sing N N 311 
TRP C   O    doub N N 312 
TRP C   OXT  sing N N 313 
TRP CB  CG   sing N N 314 
TRP CB  HB2  sing N N 315 
TRP CB  HB3  sing N N 316 
TRP CG  CD1  doub Y N 317 
TRP CG  CD2  sing Y N 318 
TRP CD1 NE1  sing Y N 319 
TRP CD1 HD1  sing N N 320 
TRP CD2 CE2  doub Y N 321 
TRP CD2 CE3  sing Y N 322 
TRP NE1 CE2  sing Y N 323 
TRP NE1 HE1  sing N N 324 
TRP CE2 CZ2  sing Y N 325 
TRP CE3 CZ3  doub Y N 326 
TRP CE3 HE3  sing N N 327 
TRP CZ2 CH2  doub Y N 328 
TRP CZ2 HZ2  sing N N 329 
TRP CZ3 CH2  sing Y N 330 
TRP CZ3 HZ3  sing N N 331 
TRP CH2 HH2  sing N N 332 
TRP OXT HXT  sing N N 333 
TYR N   CA   sing N N 334 
TYR N   H    sing N N 335 
TYR N   H2   sing N N 336 
TYR CA  C    sing N N 337 
TYR CA  CB   sing N N 338 
TYR CA  HA   sing N N 339 
TYR C   O    doub N N 340 
TYR C   OXT  sing N N 341 
TYR CB  CG   sing N N 342 
TYR CB  HB2  sing N N 343 
TYR CB  HB3  sing N N 344 
TYR CG  CD1  doub Y N 345 
TYR CG  CD2  sing Y N 346 
TYR CD1 CE1  sing Y N 347 
TYR CD1 HD1  sing N N 348 
TYR CD2 CE2  doub Y N 349 
TYR CD2 HD2  sing N N 350 
TYR CE1 CZ   doub Y N 351 
TYR CE1 HE1  sing N N 352 
TYR CE2 CZ   sing Y N 353 
TYR CE2 HE2  sing N N 354 
TYR CZ  OH   sing N N 355 
TYR OH  HH   sing N N 356 
TYR OXT HXT  sing N N 357 
VAL N   CA   sing N N 358 
VAL N   H    sing N N 359 
VAL N   H2   sing N N 360 
VAL CA  C    sing N N 361 
VAL CA  CB   sing N N 362 
VAL CA  HA   sing N N 363 
VAL C   O    doub N N 364 
VAL C   OXT  sing N N 365 
VAL CB  CG1  sing N N 366 
VAL CB  CG2  sing N N 367 
VAL CB  HB   sing N N 368 
VAL CG1 HG11 sing N N 369 
VAL CG1 HG12 sing N N 370 
VAL CG1 HG13 sing N N 371 
VAL CG2 HG21 sing N N 372 
VAL CG2 HG22 sing N N 373 
VAL CG2 HG23 sing N N 374 
VAL OXT HXT  sing N N 375 
# 
_atom_sites.entry_id                    1VAK 
_atom_sites.fract_transf_matrix[1][1]   0.00506168 
_atom_sites.fract_transf_matrix[1][2]   0.00084501 
_atom_sites.fract_transf_matrix[1][3]   0.00139042 
_atom_sites.fract_transf_matrix[2][1]   -0.00110222 
_atom_sites.fract_transf_matrix[2][2]   -0.00137202 
_atom_sites.fract_transf_matrix[2][3]   0.00484634 
_atom_sites.fract_transf_matrix[3][1]   0.00096374 
_atom_sites.fract_transf_matrix[3][2]   -0.00350861 
_atom_sites.fract_transf_matrix[3][3]   -0.00077412 
_atom_sites.fract_transf_vector[1]      0.512553 
_atom_sites.fract_transf_vector[2]      0.078302 
_atom_sites.fract_transf_vector[3]      0.452513 
# 
loop_
_atom_type.symbol 
C  
CA 
N  
O  
S  
# 
loop_
_atom_site.group_PDB 
_atom_site.id 
_atom_site.type_symbol 
_atom_site.label_atom_id 
_atom_site.label_alt_id 
_atom_site.label_comp_id 
_atom_site.label_asym_id 
_atom_site.label_entity_id 
_atom_site.label_seq_id 
_atom_site.pdbx_PDB_ins_code 
_atom_site.Cartn_x 
_atom_site.Cartn_y 
_atom_site.Cartn_z 
_atom_site.occupancy 
_atom_site.B_iso_or_equiv 
_atom_site.pdbx_formal_charge 
_atom_site.auth_seq_id 
_atom_site.auth_comp_id 
_atom_site.auth_asym_id 
_atom_site.auth_atom_id 
_atom_site.pdbx_PDB_model_num 
ATOM   1    N  N   . GLY A 1 8   ? -7.468  10.266  -24.125 1.00 11.08 ? 73  GLY A N   1 
ATOM   2    C  CA  . GLY A 1 8   ? -6.711  8.983   -24.290 1.00 13.39 ? 73  GLY A CA  1 
ATOM   3    C  C   . GLY A 1 8   ? -6.493  8.272   -22.963 1.00 14.48 ? 73  GLY A C   1 
ATOM   4    O  O   . GLY A 1 8   ? -5.534  7.509   -22.785 1.00 14.50 ? 73  GLY A O   1 
ATOM   5    N  N   . ILE A 1 9   ? -7.399  8.523   -22.027 1.00 15.33 ? 74  ILE A N   1 
ATOM   6    C  CA  . ILE A 1 9   ? -7.323  7.929   -20.703 1.00 14.82 ? 74  ILE A CA  1 
ATOM   7    C  C   . ILE A 1 9   ? -8.084  6.615   -20.619 1.00 14.95 ? 74  ILE A C   1 
ATOM   8    O  O   . ILE A 1 9   ? -9.191  6.488   -21.140 1.00 17.11 ? 74  ILE A O   1 
ATOM   9    C  CB  . ILE A 1 9   ? -7.900  8.888   -19.648 1.00 15.27 ? 74  ILE A CB  1 
ATOM   10   C  CG1 . ILE A 1 9   ? -7.164  10.224  -19.728 1.00 14.46 ? 74  ILE A CG1 1 
ATOM   11   C  CG2 . ILE A 1 9   ? -7.790  8.277   -18.248 1.00 14.45 ? 74  ILE A CG2 1 
ATOM   12   C  CD1 . ILE A 1 9   ? -7.599  11.219  -18.692 1.00 14.83 ? 74  ILE A CD1 1 
ATOM   13   N  N   . THR A 1 10  ? -7.476  5.635   -19.964 1.00 13.83 ? 75  THR A N   1 
ATOM   14   C  CA  . THR A 1 10  ? -8.100  4.337   -19.770 1.00 12.73 ? 75  THR A CA  1 
ATOM   15   C  C   . THR A 1 10  ? -8.257  4.205   -18.260 1.00 12.87 ? 75  THR A C   1 
ATOM   16   O  O   . THR A 1 10  ? -7.278  3.990   -17.550 1.00 13.82 ? 75  THR A O   1 
ATOM   17   C  CB  . THR A 1 10  ? -7.205  3.203   -20.307 1.00 11.74 ? 75  THR A CB  1 
ATOM   18   O  OG1 . THR A 1 10  ? -6.913  3.442   -21.691 1.00 12.78 ? 75  THR A OG1 1 
ATOM   19   C  CG2 . THR A 1 10  ? -7.900  1.862   -20.168 1.00 9.53  ? 75  THR A CG2 1 
ATOM   20   N  N   . VAL A 1 11  ? -9.483  4.371   -17.770 1.00 12.71 ? 76  VAL A N   1 
ATOM   21   C  CA  . VAL A 1 11  ? -9.743  4.283   -16.338 1.00 12.73 ? 76  VAL A CA  1 
ATOM   22   C  C   . VAL A 1 11  ? -10.117 2.875   -15.912 1.00 12.63 ? 76  VAL A C   1 
ATOM   23   O  O   . VAL A 1 11  ? -10.918 2.203   -16.562 1.00 13.07 ? 76  VAL A O   1 
ATOM   24   C  CB  . VAL A 1 11  ? -10.861 5.234   -15.909 1.00 11.23 ? 76  VAL A CB  1 
ATOM   25   C  CG1 . VAL A 1 11  ? -11.063 5.137   -14.417 1.00 13.35 ? 76  VAL A CG1 1 
ATOM   26   C  CG2 . VAL A 1 11  ? -10.505 6.650   -16.288 1.00 15.54 ? 76  VAL A CG2 1 
ATOM   27   N  N   . LEU A 1 12  ? -9.553  2.448   -14.790 1.00 12.34 ? 77  LEU A N   1 
ATOM   28   C  CA  . LEU A 1 12  ? -9.777  1.108   -14.287 1.00 12.09 ? 77  LEU A CA  1 
ATOM   29   C  C   . LEU A 1 12  ? -9.890  1.080   -12.762 1.00 12.09 ? 77  LEU A C   1 
ATOM   30   O  O   . LEU A 1 12  ? -9.096  1.707   -12.056 1.00 12.92 ? 77  LEU A O   1 
ATOM   31   C  CB  . LEU A 1 12  ? -8.617  0.242   -14.782 1.00 13.06 ? 77  LEU A CB  1 
ATOM   32   C  CG  . LEU A 1 12  ? -8.186  -1.097  -14.207 1.00 14.65 ? 77  LEU A CG  1 
ATOM   33   C  CD1 . LEU A 1 12  ? -7.083  -1.647  -15.088 1.00 16.46 ? 77  LEU A CD1 1 
ATOM   34   C  CD2 . LEU A 1 12  ? -7.667  -0.934  -12.796 1.00 17.09 ? 77  LEU A CD2 1 
ATOM   35   N  N   . THR A 1 13  ? -10.892 0.367   -12.258 1.00 10.34 ? 78  THR A N   1 
ATOM   36   C  CA  . THR A 1 13  ? -11.096 0.236   -10.817 1.00 9.90  ? 78  THR A CA  1 
ATOM   37   C  C   . THR A 1 13  ? -11.029 -1.249  -10.486 1.00 10.60 ? 78  THR A C   1 
ATOM   38   O  O   . THR A 1 13  ? -11.775 -2.052  -11.051 1.00 11.37 ? 78  THR A O   1 
ATOM   39   C  CB  . THR A 1 13  ? -12.453 0.800   -10.383 1.00 7.97  ? 78  THR A CB  1 
ATOM   40   O  OG1 . THR A 1 13  ? -12.460 2.216   -10.589 1.00 7.93  ? 78  THR A OG1 1 
ATOM   41   C  CG2 . THR A 1 13  ? -12.701 0.513   -8.917  1.00 7.22  ? 78  THR A CG2 1 
ATOM   42   N  N   . HIS A 1 14  ? -10.153 -1.612  -9.557  1.00 9.39  ? 79  HIS A N   1 
ATOM   43   C  CA  . HIS A 1 14  ? -9.966  -3.013  -9.223  1.00 8.87  ? 79  HIS A CA  1 
ATOM   44   C  C   . HIS A 1 14  ? -9.343  -3.207  -7.841  1.00 9.42  ? 79  HIS A C   1 
ATOM   45   O  O   . HIS A 1 14  ? -8.635  -2.330  -7.340  1.00 9.63  ? 79  HIS A O   1 
ATOM   46   C  CB  . HIS A 1 14  ? -9.061  -3.618  -10.300 1.00 9.09  ? 79  HIS A CB  1 
ATOM   47   C  CG  . HIS A 1 14  ? -8.779  -5.077  -10.133 1.00 10.28 ? 79  HIS A CG  1 
ATOM   48   N  ND1 . HIS A 1 14  ? -9.759  -6.043  -10.226 1.00 11.07 ? 79  HIS A ND1 1 
ATOM   49   C  CD2 . HIS A 1 14  ? -7.613  -5.741  -9.951  1.00 9.92  ? 79  HIS A CD2 1 
ATOM   50   C  CE1 . HIS A 1 14  ? -9.207  -7.238  -10.116 1.00 10.80 ? 79  HIS A CE1 1 
ATOM   51   N  NE2 . HIS A 1 14  ? -7.906  -7.084  -9.950  1.00 10.81 ? 79  HIS A NE2 1 
ATOM   52   N  N   . SER A 1 15  ? -9.628  -4.349  -7.222  1.00 9.28  ? 80  SER A N   1 
ATOM   53   C  CA  . SER A 1 15  ? -9.056  -4.686  -5.920  1.00 8.68  ? 80  SER A CA  1 
ATOM   54   C  C   . SER A 1 15  ? -8.151  -5.885  -6.162  1.00 8.66  ? 80  SER A C   1 
ATOM   55   O  O   . SER A 1 15  ? -8.382  -6.663  -7.084  1.00 9.00  ? 80  SER A O   1 
ATOM   56   C  CB  . SER A 1 15  ? -10.149 -5.034  -4.909  1.00 9.32  ? 80  SER A CB  1 
ATOM   57   O  OG  . SER A 1 15  ? -10.646 -3.874  -4.272  1.00 8.44  ? 80  SER A OG  1 
ATOM   58   N  N   . GLU A 1 16  ? -7.135  -6.057  -5.332  1.00 9.52  ? 81  GLU A N   1 
ATOM   59   C  CA  . GLU A 1 16  ? -6.190  -7.146  -5.538  1.00 9.18  ? 81  GLU A CA  1 
ATOM   60   C  C   . GLU A 1 16  ? -5.387  -7.414  -4.267  1.00 9.07  ? 81  GLU A C   1 
ATOM   61   O  O   . GLU A 1 16  ? -5.287  -6.545  -3.403  1.00 10.31 ? 81  GLU A O   1 
ATOM   62   C  CB  . GLU A 1 16  ? -5.281  -6.723  -6.685  1.00 11.01 ? 81  GLU A CB  1 
ATOM   63   C  CG  . GLU A 1 16  ? -4.000  -7.467  -6.870  1.00 13.95 ? 81  GLU A CG  1 
ATOM   64   C  CD  . GLU A 1 16  ? -3.145  -6.827  -7.953  1.00 14.95 ? 81  GLU A CD  1 
ATOM   65   O  OE1 . GLU A 1 16  ? -2.107  -7.422  -8.305  1.00 19.49 ? 81  GLU A OE1 1 
ATOM   66   O  OE2 . GLU A 1 16  ? -3.510  -5.733  -8.450  1.00 10.47 ? 81  GLU A OE2 1 
ATOM   67   N  N   . LEU A 1 17  ? -4.830  -8.611  -4.132  1.00 7.16  ? 82  LEU A N   1 
ATOM   68   C  CA  . LEU A 1 17  ? -4.033  -8.917  -2.944  1.00 7.84  ? 82  LEU A CA  1 
ATOM   69   C  C   . LEU A 1 17  ? -2.701  -8.159  -2.983  1.00 8.94  ? 82  LEU A C   1 
ATOM   70   O  O   . LEU A 1 17  ? -2.031  -8.139  -4.016  1.00 9.95  ? 82  LEU A O   1 
ATOM   71   C  CB  . LEU A 1 17  ? -3.760  -10.414 -2.867  1.00 6.00  ? 82  LEU A CB  1 
ATOM   72   C  CG  . LEU A 1 17  ? -2.746  -10.828 -1.798  1.00 5.54  ? 82  LEU A CG  1 
ATOM   73   C  CD1 . LEU A 1 17  ? -3.253  -10.441 -0.417  1.00 4.83  ? 82  LEU A CD1 1 
ATOM   74   C  CD2 . LEU A 1 17  ? -2.502  -12.322 -1.885  1.00 5.54  ? 82  LEU A CD2 1 
ATOM   75   N  N   . SER A 1 18  ? -2.311  -7.545  -1.869  1.00 9.80  ? 83  SER A N   1 
ATOM   76   C  CA  . SER A 1 18  ? -1.059  -6.795  -1.839  1.00 11.09 ? 83  SER A CA  1 
ATOM   77   C  C   . SER A 1 18  ? 0.021   -7.452  -0.983  1.00 11.26 ? 83  SER A C   1 
ATOM   78   O  O   . SER A 1 18  ? 1.184   -7.520  -1.391  1.00 11.97 ? 83  SER A O   1 
ATOM   79   C  CB  . SER A 1 18  ? -1.303  -5.372  -1.348  1.00 14.05 ? 83  SER A CB  1 
ATOM   80   O  OG  . SER A 1 18  ? -0.689  -4.433  -2.207  1.00 20.81 ? 83  SER A OG  1 
ATOM   81   N  N   . ALA A 1 19  ? -0.350  -7.948  0.192   1.00 11.27 ? 84  ALA A N   1 
ATOM   82   C  CA  . ALA A 1 19  ? 0.633   -8.588  1.055   1.00 10.63 ? 84  ALA A CA  1 
ATOM   83   C  C   . ALA A 1 19  ? 0.013   -9.518  2.086   1.00 10.71 ? 84  ALA A C   1 
ATOM   84   O  O   . ALA A 1 19  ? -1.113  -9.300  2.528   1.00 11.67 ? 84  ALA A O   1 
ATOM   85   C  CB  . ALA A 1 19  ? 1.463   -7.525  1.763   1.00 9.86  ? 84  ALA A CB  1 
ATOM   86   N  N   . GLU A 1 20  ? 0.758   -10.560 2.452   1.00 10.09 ? 85  GLU A N   1 
ATOM   87   C  CA  . GLU A 1 20  ? 0.336   -11.519 3.470   1.00 9.55  ? 85  GLU A CA  1 
ATOM   88   C  C   . GLU A 1 20  ? 0.893   -10.940 4.774   1.00 9.34  ? 85  GLU A C   1 
ATOM   89   O  O   . GLU A 1 20  ? 1.996   -10.385 4.781   1.00 10.03 ? 85  GLU A O   1 
ATOM   90   C  CB  . GLU A 1 20  ? 0.948   -12.893 3.188   1.00 9.73  ? 85  GLU A CB  1 
ATOM   91   C  CG  . GLU A 1 20  ? 0.462   -13.551 1.903   1.00 11.96 ? 85  GLU A CG  1 
ATOM   92   C  CD  . GLU A 1 20  ? -0.868  -14.268 2.074   1.00 14.79 ? 85  GLU A CD  1 
ATOM   93   O  OE1 . GLU A 1 20  ? -1.411  -14.782 1.069   1.00 15.97 ? 85  GLU A OE1 1 
ATOM   94   O  OE2 . GLU A 1 20  ? -1.368  -14.325 3.217   1.00 16.30 ? 85  GLU A OE2 1 
ATOM   95   N  N   . ILE A 1 21  ? 0.147   -11.062 5.869   1.00 7.96  ? 86  ILE A N   1 
ATOM   96   C  CA  . ILE A 1 21  ? 0.581   -10.492 7.144   1.00 7.11  ? 86  ILE A CA  1 
ATOM   97   C  C   . ILE A 1 21  ? 0.728   -11.482 8.297   1.00 8.04  ? 86  ILE A C   1 
ATOM   98   O  O   . ILE A 1 21  ? -0.122  -12.354 8.490   1.00 7.97  ? 86  ILE A O   1 
ATOM   99   C  CB  . ILE A 1 21  ? -0.397  -9.382  7.586   1.00 5.18  ? 86  ILE A CB  1 
ATOM   100  C  CG1 . ILE A 1 21  ? -0.484  -8.306  6.501   1.00 3.90  ? 86  ILE A CG1 1 
ATOM   101  C  CG2 . ILE A 1 21  ? 0.044   -8.781  8.899   1.00 4.16  ? 86  ILE A CG2 1 
ATOM   102  C  CD1 . ILE A 1 21  ? 0.820   -7.598  6.233   1.00 3.97  ? 86  ILE A CD1 1 
ATOM   103  N  N   . GLY A 1 22  ? 1.810   -11.323 9.066   1.00 9.49  ? 87  GLY A N   1 
ATOM   104  C  CA  . GLY A 1 22  ? 2.067   -12.181 10.216  1.00 9.75  ? 87  GLY A CA  1 
ATOM   105  C  C   . GLY A 1 22  ? 2.491   -11.364 11.432  1.00 10.84 ? 87  GLY A C   1 
ATOM   106  O  O   . GLY A 1 22  ? 3.026   -10.263 11.273  1.00 11.51 ? 87  GLY A O   1 
ATOM   107  N  N   . VAL A 1 23  ? 2.267   -11.886 12.638  1.00 11.10 ? 88  VAL A N   1 
ATOM   108  C  CA  . VAL A 1 23  ? 2.630   -11.158 13.860  1.00 12.27 ? 88  VAL A CA  1 
ATOM   109  C  C   . VAL A 1 23  ? 3.558   -11.884 14.806  1.00 13.94 ? 88  VAL A C   1 
ATOM   110  O  O   . VAL A 1 23  ? 3.473   -13.104 14.972  1.00 15.64 ? 88  VAL A O   1 
ATOM   111  C  CB  . VAL A 1 23  ? 1.410   -10.792 14.728  1.00 10.84 ? 88  VAL A CB  1 
ATOM   112  C  CG1 . VAL A 1 23  ? 1.136   -9.318  14.638  1.00 11.40 ? 88  VAL A CG1 1 
ATOM   113  C  CG2 . VAL A 1 23  ? 0.215   -11.614 14.318  1.00 10.66 ? 88  VAL A CG2 1 
ATOM   114  N  N   . THR A 1 24  ? 4.416   -11.104 15.456  1.00 13.99 ? 89  THR A N   1 
ATOM   115  C  CA  . THR A 1 24  ? 5.356   -11.623 16.441  1.00 13.35 ? 89  THR A CA  1 
ATOM   116  C  C   . THR A 1 24  ? 5.234   -10.746 17.681  1.00 14.04 ? 89  THR A C   1 
ATOM   117  O  O   . THR A 1 24  ? 4.473   -9.780  17.684  1.00 13.21 ? 89  THR A O   1 
ATOM   118  C  CB  . THR A 1 24  ? 6.794   -11.556 15.942  1.00 10.94 ? 89  THR A CB  1 
ATOM   119  O  OG1 . THR A 1 24  ? 7.192   -10.186 15.842  1.00 12.22 ? 89  THR A OG1 1 
ATOM   120  C  CG2 . THR A 1 24  ? 6.909   -12.213 14.588  1.00 9.78  ? 89  THR A CG2 1 
ATOM   121  N  N   . ASP A 1 25  ? 5.984   -11.079 18.725  1.00 15.51 ? 90  ASP A N   1 
ATOM   122  C  CA  . ASP A 1 25  ? 5.936   -10.319 19.967  1.00 16.32 ? 90  ASP A CA  1 
ATOM   123  C  C   . ASP A 1 25  ? 6.832   -9.086  19.964  1.00 16.32 ? 90  ASP A C   1 
ATOM   124  O  O   . ASP A 1 25  ? 6.795   -8.293  20.901  1.00 18.16 ? 90  ASP A O   1 
ATOM   125  C  CB  . ASP A 1 25  ? 6.300   -11.214 21.148  1.00 18.94 ? 90  ASP A CB  1 
ATOM   126  C  CG  . ASP A 1 25  ? 7.608   -11.949 20.944  1.00 21.79 ? 90  ASP A CG  1 
ATOM   127  O  OD1 . ASP A 1 25  ? 8.394   -11.547 20.056  1.00 24.60 ? 90  ASP A OD1 1 
ATOM   128  O  OD2 . ASP A 1 25  ? 7.852   -12.928 21.683  1.00 23.70 ? 90  ASP A OD2 1 
ATOM   129  N  N   . SER A 1 26  ? 7.645   -8.931  18.924  1.00 14.87 ? 91  SER A N   1 
ATOM   130  C  CA  . SER A 1 26  ? 8.521   -7.768  18.802  1.00 13.40 ? 91  SER A CA  1 
ATOM   131  C  C   . SER A 1 26  ? 8.059   -6.984  17.568  1.00 13.24 ? 91  SER A C   1 
ATOM   132  O  O   . SER A 1 26  ? 7.639   -7.577  16.572  1.00 14.04 ? 91  SER A O   1 
ATOM   133  C  CB  . SER A 1 26  ? 9.971   -8.208  18.648  1.00 10.94 ? 91  SER A CB  1 
ATOM   134  N  N   . ILE A 1 27  ? 8.124   -5.660  17.632  1.00 10.85 ? 92  ILE A N   1 
ATOM   135  C  CA  . ILE A 1 27  ? 7.686   -4.839  16.511  1.00 9.13  ? 92  ILE A CA  1 
ATOM   136  C  C   . ILE A 1 27  ? 8.506   -5.085  15.251  1.00 8.84  ? 92  ILE A C   1 
ATOM   137  O  O   . ILE A 1 27  ? 9.721   -5.274  15.305  1.00 8.62  ? 92  ILE A O   1 
ATOM   138  C  CB  . ILE A 1 27  ? 7.760   -3.333  16.843  1.00 8.91  ? 92  ILE A CB  1 
ATOM   139  C  CG1 . ILE A 1 27  ? 7.142   -2.512  15.708  1.00 9.29  ? 92  ILE A CG1 1 
ATOM   140  C  CG2 . ILE A 1 27  ? 9.200   -2.913  17.036  1.00 7.66  ? 92  ILE A CG2 1 
ATOM   141  C  CD1 . ILE A 1 27  ? 7.178   -1.011  15.943  1.00 7.67  ? 92  ILE A CD1 1 
ATOM   142  N  N   . VAL A 1 28  ? 7.818   -5.082  14.114  1.00 8.91  ? 93  VAL A N   1 
ATOM   143  C  CA  . VAL A 1 28  ? 8.450   -5.275  12.815  1.00 7.87  ? 93  VAL A CA  1 
ATOM   144  C  C   . VAL A 1 28  ? 7.874   -4.227  11.867  1.00 9.03  ? 93  VAL A C   1 
ATOM   145  O  O   . VAL A 1 28  ? 6.673   -4.227  11.586  1.00 9.75  ? 93  VAL A O   1 
ATOM   146  C  CB  . VAL A 1 28  ? 8.153   -6.667  12.244  1.00 5.75  ? 93  VAL A CB  1 
ATOM   147  C  CG1 . VAL A 1 28  ? 8.810   -6.816  10.900  1.00 2.81  ? 93  VAL A CG1 1 
ATOM   148  C  CG2 . VAL A 1 28  ? 8.634   -7.733  13.200  1.00 4.59  ? 93  VAL A CG2 1 
ATOM   149  N  N   . VAL A 1 29  ? 8.725   -3.330  11.385  1.00 9.13  ? 94  VAL A N   1 
ATOM   150  C  CA  . VAL A 1 29  ? 8.277   -2.283  10.482  1.00 9.61  ? 94  VAL A CA  1 
ATOM   151  C  C   . VAL A 1 29  ? 8.718   -2.567  9.057   1.00 11.66 ? 94  VAL A C   1 
ATOM   152  O  O   . VAL A 1 29  ? 9.842   -3.001  8.821   1.00 13.60 ? 94  VAL A O   1 
ATOM   153  C  CB  . VAL A 1 29  ? 8.831   -0.911  10.900  1.00 7.30  ? 94  VAL A CB  1 
ATOM   154  C  CG1 . VAL A 1 29  ? 8.264   0.172   10.004  1.00 6.62  ? 94  VAL A CG1 1 
ATOM   155  C  CG2 . VAL A 1 29  ? 8.483   -0.636  12.341  1.00 7.04  ? 94  VAL A CG2 1 
ATOM   156  N  N   . SER A 1 30  ? 7.819   -2.323  8.111   1.00 11.62 ? 95  SER A N   1 
ATOM   157  C  CA  . SER A 1 30  ? 8.104   -2.529  6.697   1.00 12.19 ? 95  SER A CA  1 
ATOM   158  C  C   . SER A 1 30  ? 7.398   -1.437  5.897   1.00 13.28 ? 95  SER A C   1 
ATOM   159  O  O   . SER A 1 30  ? 6.565   -0.709  6.438   1.00 13.83 ? 95  SER A O   1 
ATOM   160  C  CB  . SER A 1 30  ? 7.611   -3.908  6.254   1.00 11.64 ? 95  SER A CB  1 
ATOM   161  O  OG  . SER A 1 30  ? 6.229   -4.078  6.522   1.00 13.36 ? 95  SER A OG  1 
ATOM   162  N  N   . SER A 1 31  ? 7.740   -1.304  4.621   1.00 13.48 ? 96  SER A N   1 
ATOM   163  C  CA  . SER A 1 31  ? 7.101   -0.304  3.775   1.00 14.60 ? 96  SER A CA  1 
ATOM   164  C  C   . SER A 1 31  ? 7.019   -0.831  2.354   1.00 16.04 ? 96  SER A C   1 
ATOM   165  O  O   . SER A 1 31  ? 7.802   -1.689  1.954   1.00 16.16 ? 96  SER A O   1 
ATOM   166  C  CB  . SER A 1 31  ? 7.882   1.013   3.788   1.00 15.43 ? 96  SER A CB  1 
ATOM   167  O  OG  . SER A 1 31  ? 9.061   0.924   3.007   1.00 17.06 ? 96  SER A OG  1 
ATOM   168  N  N   . GLU A 1 32  ? 6.061   -0.313  1.596   1.00 18.19 ? 97  GLU A N   1 
ATOM   169  C  CA  . GLU A 1 32  ? 5.852   -0.729  0.219   1.00 18.38 ? 97  GLU A CA  1 
ATOM   170  C  C   . GLU A 1 32  ? 5.607   0.532   -0.609  1.00 16.05 ? 97  GLU A C   1 
ATOM   171  O  O   . GLU A 1 32  ? 4.926   1.452   -0.153  1.00 15.82 ? 97  GLU A O   1 
ATOM   172  C  CB  . GLU A 1 32  ? 4.628   -1.645  0.153   1.00 26.56 ? 97  GLU A CB  1 
ATOM   173  C  CG  . GLU A 1 32  ? 4.800   -2.900  -0.685  1.00 37.50 ? 97  GLU A CG  1 
ATOM   174  C  CD  . GLU A 1 32  ? 5.974   -3.756  -0.228  1.00 43.09 ? 97  GLU A CD  1 
ATOM   175  O  OE1 . GLU A 1 32  ? 7.124   -3.443  -0.609  1.00 46.04 ? 97  GLU A OE1 1 
ATOM   176  O  OE2 . GLU A 1 32  ? 5.747   -4.737  0.520   1.00 47.32 ? 97  GLU A OE2 1 
ATOM   177  N  N   . LEU A 1 33  ? 6.171   0.593   -1.810  1.00 12.72 ? 98  LEU A N   1 
ATOM   178  C  CA  . LEU A 1 33  ? 5.965   1.763   -2.657  1.00 10.01 ? 98  LEU A CA  1 
ATOM   179  C  C   . LEU A 1 33  ? 4.534   1.747   -3.181  1.00 9.58  ? 98  LEU A C   1 
ATOM   180  O  O   . LEU A 1 33  ? 3.955   0.681   -3.401  1.00 10.91 ? 98  LEU A O   1 
ATOM   181  C  CB  . LEU A 1 33  ? 6.936   1.752   -3.837  1.00 7.82  ? 98  LEU A CB  1 
ATOM   182  C  CG  . LEU A 1 33  ? 8.431   1.907   -3.554  1.00 8.32  ? 98  LEU A CG  1 
ATOM   183  C  CD1 . LEU A 1 33  ? 9.186   1.824   -4.871  1.00 8.04  ? 98  LEU A CD1 1 
ATOM   184  C  CD2 . LEU A 1 33  ? 8.714   3.235   -2.863  1.00 6.28  ? 98  LEU A CD2 1 
ATOM   185  N  N   . VAL A 1 34  ? 3.953   2.925   -3.374  1.00 8.00  ? 99  VAL A N   1 
ATOM   186  C  CA  . VAL A 1 34  ? 2.594   2.987   -3.884  1.00 6.69  ? 99  VAL A CA  1 
ATOM   187  C  C   . VAL A 1 34  ? 2.594   3.297   -5.382  1.00 7.85  ? 99  VAL A C   1 
ATOM   188  O  O   . VAL A 1 34  ? 2.179   4.374   -5.808  1.00 8.19  ? 99  VAL A O   1 
ATOM   189  C  CB  . VAL A 1 34  ? 1.757   4.047   -3.131  1.00 4.74  ? 99  VAL A CB  1 
ATOM   190  C  CG1 . VAL A 1 34  ? 0.296   3.958   -3.558  1.00 2.81  ? 99  VAL A CG1 1 
ATOM   191  C  CG2 . VAL A 1 34  ? 1.878   3.832   -1.631  1.00 3.09  ? 99  VAL A CG2 1 
ATOM   192  N  N   . MET A 1 35  ? 3.087   2.345   -6.172  1.00 8.02  ? 100 MET A N   1 
ATOM   193  C  CA  . MET A 1 35  ? 3.128   2.480   -7.627  1.00 8.36  ? 100 MET A CA  1 
ATOM   194  C  C   . MET A 1 35  ? 2.618   1.181   -8.251  1.00 8.62  ? 100 MET A C   1 
ATOM   195  O  O   . MET A 1 35  ? 2.772   0.098   -7.678  1.00 8.42  ? 100 MET A O   1 
ATOM   196  C  CB  . MET A 1 35  ? 4.546   2.790   -8.117  1.00 8.39  ? 100 MET A CB  1 
ATOM   197  C  CG  . MET A 1 35  ? 5.593   1.777   -7.714  1.00 10.82 ? 100 MET A CG  1 
ATOM   198  S  SD  . MET A 1 35  ? 7.227   2.320   -8.235  1.00 12.77 ? 100 MET A SD  1 
ATOM   199  C  CE  . MET A 1 35  ? 7.875   0.845   -8.953  1.00 12.65 ? 100 MET A CE  1 
ATOM   200  N  N   . PRO A 1 36  ? 2.009   1.276   -9.442  1.00 8.16  ? 101 PRO A N   1 
ATOM   201  C  CA  . PRO A 1 36  ? 1.455   0.132   -10.165 1.00 8.08  ? 101 PRO A CA  1 
ATOM   202  C  C   . PRO A 1 36  ? 2.271   -1.146  -10.053 1.00 9.49  ? 101 PRO A C   1 
ATOM   203  O  O   . PRO A 1 36  ? 1.742   -2.201  -9.701  1.00 10.28 ? 101 PRO A O   1 
ATOM   204  C  CB  . PRO A 1 36  ? 1.371   0.645   -11.595 1.00 7.07  ? 101 PRO A CB  1 
ATOM   205  C  CG  . PRO A 1 36  ? 1.064   2.082   -11.398 1.00 6.22  ? 101 PRO A CG  1 
ATOM   206  C  CD  . PRO A 1 36  ? 2.034   2.464   -10.311 1.00 6.79  ? 101 PRO A CD  1 
ATOM   207  N  N   . TYR A 1 37  ? 3.561   -1.048  -10.335 1.00 9.84  ? 102 TYR A N   1 
ATOM   208  C  CA  . TYR A 1 37  ? 4.421   -2.220  -10.295 1.00 9.81  ? 102 TYR A CA  1 
ATOM   209  C  C   . TYR A 1 37  ? 4.443   -2.967  -8.970  1.00 9.75  ? 102 TYR A C   1 
ATOM   210  O  O   . TYR A 1 37  ? 4.495   -4.194  -8.950  1.00 9.32  ? 102 TYR A O   1 
ATOM   211  C  CB  . TYR A 1 37  ? 5.855   -1.838  -10.658 1.00 11.33 ? 102 TYR A CB  1 
ATOM   212  C  CG  . TYR A 1 37  ? 6.772   -3.033  -10.785 1.00 12.21 ? 102 TYR A CG  1 
ATOM   213  C  CD1 . TYR A 1 37  ? 7.018   -3.622  -12.025 1.00 13.04 ? 102 TYR A CD1 1 
ATOM   214  C  CD2 . TYR A 1 37  ? 7.372   -3.593  -9.661  1.00 11.55 ? 102 TYR A CD2 1 
ATOM   215  C  CE1 . TYR A 1 37  ? 7.841   -4.734  -12.140 1.00 13.06 ? 102 TYR A CE1 1 
ATOM   216  C  CE2 . TYR A 1 37  ? 8.191   -4.705  -9.766  1.00 12.67 ? 102 TYR A CE2 1 
ATOM   217  C  CZ  . TYR A 1 37  ? 8.424   -5.269  -11.005 1.00 13.01 ? 102 TYR A CZ  1 
ATOM   218  O  OH  . TYR A 1 37  ? 9.255   -6.357  -11.102 1.00 13.98 ? 102 TYR A OH  1 
ATOM   219  N  N   . THR A 1 38  ? 4.405   -2.244  -7.858  1.00 9.58  ? 103 THR A N   1 
ATOM   220  C  CA  . THR A 1 38  ? 4.474   -2.924  -6.575  1.00 9.76  ? 103 THR A CA  1 
ATOM   221  C  C   . THR A 1 38  ? 3.179   -3.191  -5.821  1.00 9.13  ? 103 THR A C   1 
ATOM   222  O  O   . THR A 1 38  ? 3.190   -3.983  -4.883  1.00 11.48 ? 103 THR A O   1 
ATOM   223  C  CB  . THR A 1 38  ? 5.453   -2.206  -5.611  1.00 9.16  ? 103 THR A CB  1 
ATOM   224  O  OG1 . THR A 1 38  ? 4.987   -0.882  -5.349  1.00 11.47 ? 103 THR A OG1 1 
ATOM   225  C  CG2 . THR A 1 38  ? 6.842   -2.125  -6.223  1.00 9.74  ? 103 THR A CG2 1 
ATOM   226  N  N   . VAL A 1 39  ? 2.062   -2.571  -6.195  1.00 7.70  ? 104 VAL A N   1 
ATOM   227  C  CA  . VAL A 1 39  ? 0.850   -2.844  -5.428  1.00 7.65  ? 104 VAL A CA  1 
ATOM   228  C  C   . VAL A 1 39  ? 0.429   -4.304  -5.555  1.00 7.09  ? 104 VAL A C   1 
ATOM   229  O  O   . VAL A 1 39  ? 0.016   -4.915  -4.576  1.00 7.55  ? 104 VAL A O   1 
ATOM   230  C  CB  . VAL A 1 39  ? -0.350  -1.923  -5.815  1.00 6.87  ? 104 VAL A CB  1 
ATOM   231  C  CG1 . VAL A 1 39  ? 0.099   -0.482  -5.864  1.00 6.58  ? 104 VAL A CG1 1 
ATOM   232  C  CG2 . VAL A 1 39  ? -0.955  -2.355  -7.126  1.00 7.98  ? 104 VAL A CG2 1 
ATOM   233  N  N   . GLY A 1 40  ? 0.555   -4.879  -6.744  1.00 5.42  ? 105 GLY A N   1 
ATOM   234  C  CA  . GLY A 1 40  ? 0.163   -6.269  -6.905  1.00 6.60  ? 105 GLY A CA  1 
ATOM   235  C  C   . GLY A 1 40  ? 0.577   -6.860  -8.235  1.00 7.35  ? 105 GLY A C   1 
ATOM   236  O  O   . GLY A 1 40  ? 0.927   -6.127  -9.160  1.00 8.95  ? 105 GLY A O   1 
ATOM   237  N  N   . THR A 1 41  ? 0.528   -8.184  -8.349  1.00 7.74  ? 106 THR A N   1 
ATOM   238  C  CA  . THR A 1 41  ? 0.925   -8.827  -9.596  1.00 8.08  ? 106 THR A CA  1 
ATOM   239  C  C   . THR A 1 41  ? 0.004   -8.493  -10.765 1.00 8.00  ? 106 THR A C   1 
ATOM   240  O  O   . THR A 1 41  ? 0.474   -8.319  -11.889 1.00 9.01  ? 106 THR A O   1 
ATOM   241  C  CB  . THR A 1 41  ? 0.991   -10.363 -9.458  1.00 8.00  ? 106 THR A CB  1 
ATOM   242  O  OG1 . THR A 1 41  ? -0.305  -10.880 -9.134  1.00 10.38 ? 106 THR A OG1 1 
ATOM   243  C  CG2 . THR A 1 41  ? 1.975   -10.749 -8.383  1.00 7.63  ? 106 THR A CG2 1 
ATOM   244  N  N   . TRP A 1 42  ? -1.298  -8.398  -10.507 1.00 8.20  ? 107 TRP A N   1 
ATOM   245  C  CA  . TRP A 1 42  ? -2.249  -8.102  -11.571 1.00 8.88  ? 107 TRP A CA  1 
ATOM   246  C  C   . TRP A 1 42  ? -2.002  -6.739  -12.201 1.00 9.08  ? 107 TRP A C   1 
ATOM   247  O  O   . TRP A 1 42  ? -1.673  -6.650  -13.391 1.00 9.76  ? 107 TRP A O   1 
ATOM   248  C  CB  . TRP A 1 42  ? -3.694  -8.152  -11.064 1.00 8.73  ? 107 TRP A CB  1 
ATOM   249  C  CG  . TRP A 1 42  ? -4.708  -8.128  -12.188 1.00 9.33  ? 107 TRP A CG  1 
ATOM   250  C  CD1 . TRP A 1 42  ? -5.093  -9.183  -12.968 1.00 10.29 ? 107 TRP A CD1 1 
ATOM   251  C  CD2 . TRP A 1 42  ? -5.427  -6.984  -12.682 1.00 9.88  ? 107 TRP A CD2 1 
ATOM   252  N  NE1 . TRP A 1 42  ? -6.005  -8.770  -13.915 1.00 9.74  ? 107 TRP A NE1 1 
ATOM   253  C  CE2 . TRP A 1 42  ? -6.228  -7.426  -13.761 1.00 9.82  ? 107 TRP A CE2 1 
ATOM   254  C  CE3 . TRP A 1 42  ? -5.473  -5.631  -12.319 1.00 8.90  ? 107 TRP A CE3 1 
ATOM   255  C  CZ2 . TRP A 1 42  ? -7.062  -6.563  -14.480 1.00 9.75  ? 107 TRP A CZ2 1 
ATOM   256  C  CZ3 . TRP A 1 42  ? -6.304  -4.773  -13.035 1.00 7.96  ? 107 TRP A CZ3 1 
ATOM   257  C  CH2 . TRP A 1 42  ? -7.086  -5.245  -14.103 1.00 7.56  ? 107 TRP A CH2 1 
ATOM   258  N  N   . LEU A 1 43  ? -2.170  -5.682  -11.404 1.00 7.89  ? 108 LEU A N   1 
ATOM   259  C  CA  . LEU A 1 43  ? -1.979  -4.328  -11.908 1.00 7.63  ? 108 LEU A CA  1 
ATOM   260  C  C   . LEU A 1 43  ? -0.587  -4.156  -12.501 1.00 8.04  ? 108 LEU A C   1 
ATOM   261  O  O   . LEU A 1 43  ? -0.412  -3.415  -13.468 1.00 8.41  ? 108 LEU A O   1 
ATOM   262  C  CB  . LEU A 1 43  ? -2.207  -3.290  -10.800 1.00 5.93  ? 108 LEU A CB  1 
ATOM   263  C  CG  . LEU A 1 43  ? -2.074  -1.822  -11.240 1.00 3.67  ? 108 LEU A CG  1 
ATOM   264  C  CD1 . LEU A 1 43  ? -3.052  -1.536  -12.357 1.00 2.81  ? 108 LEU A CD1 1 
ATOM   265  C  CD2 . LEU A 1 43  ? -2.335  -0.891  -10.072 1.00 3.60  ? 108 LEU A CD2 1 
ATOM   266  N  N   . ARG A 1 44  ? 0.398   -4.842  -11.927 1.00 7.36  ? 109 ARG A N   1 
ATOM   267  C  CA  . ARG A 1 44  ? 1.763   -4.751  -12.428 1.00 7.57  ? 109 ARG A CA  1 
ATOM   268  C  C   . ARG A 1 44  ? 1.815   -5.095  -13.907 1.00 7.84  ? 109 ARG A C   1 
ATOM   269  O  O   . ARG A 1 44  ? 2.408   -4.369  -14.705 1.00 7.31  ? 109 ARG A O   1 
ATOM   270  C  CB  . ARG A 1 44  ? 2.683   -5.707  -11.679 1.00 7.80  ? 109 ARG A CB  1 
ATOM   271  C  CG  . ARG A 1 44  ? 4.060   -5.827  -12.316 1.00 9.60  ? 109 ARG A CG  1 
ATOM   272  C  CD  . ARG A 1 44  ? 4.868   -6.905  -11.651 1.00 10.92 ? 109 ARG A CD  1 
ATOM   273  N  NE  . ARG A 1 44  ? 5.078   -6.594  -10.246 1.00 15.85 ? 109 ARG A NE  1 
ATOM   274  C  CZ  . ARG A 1 44  ? 5.492   -7.473  -9.342  1.00 18.13 ? 109 ARG A CZ  1 
ATOM   275  N  NH1 . ARG A 1 44  ? 5.740   -8.727  -9.701  1.00 19.51 ? 109 ARG A NH1 1 
ATOM   276  N  NH2 . ARG A 1 44  ? 5.649   -7.098  -8.078  1.00 20.50 ? 109 ARG A NH2 1 
ATOM   277  N  N   . GLY A 1 45  ? 1.198   -6.214  -14.264 1.00 8.25  ? 110 GLY A N   1 
ATOM   278  C  CA  . GLY A 1 45  ? 1.191   -6.640  -15.647 1.00 9.76  ? 110 GLY A CA  1 
ATOM   279  C  C   . GLY A 1 45  ? 0.368   -5.744  -16.552 1.00 10.14 ? 110 GLY A C   1 
ATOM   280  O  O   . GLY A 1 45  ? 0.757   -5.484  -17.693 1.00 11.79 ? 110 GLY A O   1 
ATOM   281  N  N   . VAL A 1 46  ? -0.767  -5.268  -16.049 1.00 8.18  ? 111 VAL A N   1 
ATOM   282  C  CA  . VAL A 1 46  ? -1.640  -4.408  -16.830 1.00 6.60  ? 111 VAL A CA  1 
ATOM   283  C  C   . VAL A 1 46  ? -1.011  -3.050  -17.125 1.00 7.70  ? 111 VAL A C   1 
ATOM   284  O  O   . VAL A 1 46  ? -0.781  -2.700  -18.284 1.00 8.28  ? 111 VAL A O   1 
ATOM   285  C  CB  . VAL A 1 46  ? -2.992  -4.187  -16.109 1.00 5.99  ? 111 VAL A CB  1 
ATOM   286  C  CG1 . VAL A 1 46  ? -3.812  -3.120  -16.835 1.00 5.82  ? 111 VAL A CG1 1 
ATOM   287  C  CG2 . VAL A 1 46  ? -3.770  -5.494  -16.048 1.00 4.18  ? 111 VAL A CG2 1 
ATOM   288  N  N   . ALA A 1 47  ? -0.726  -2.297  -16.068 1.00 7.70  ? 112 ALA A N   1 
ATOM   289  C  CA  . ALA A 1 47  ? -0.156  -0.960  -16.191 1.00 7.95  ? 112 ALA A CA  1 
ATOM   290  C  C   . ALA A 1 47  ? 1.114   -0.856  -17.032 1.00 8.48  ? 112 ALA A C   1 
ATOM   291  O  O   . ALA A 1 47  ? 1.408   0.203   -17.590 1.00 9.76  ? 112 ALA A O   1 
ATOM   292  C  CB  . ALA A 1 47  ? 0.096   -0.388  -14.808 1.00 8.56  ? 112 ALA A CB  1 
ATOM   293  N  N   . ALA A 1 48  ? 1.870   -1.941  -17.127 1.00 7.89  ? 113 ALA A N   1 
ATOM   294  C  CA  . ALA A 1 48  ? 3.103   -1.921  -17.904 1.00 8.06  ? 113 ALA A CA  1 
ATOM   295  C  C   . ALA A 1 48  ? 2.860   -1.584  -19.377 1.00 9.26  ? 113 ALA A C   1 
ATOM   296  O  O   . ALA A 1 48  ? 3.780   -1.171  -20.081 1.00 9.84  ? 113 ALA A O   1 
ATOM   297  C  CB  . ALA A 1 48  ? 3.802   -3.257  -17.787 1.00 6.95  ? 113 ALA A CB  1 
ATOM   298  N  N   . ASN A 1 49  ? 1.623   -1.756  -19.837 1.00 9.26  ? 114 ASN A N   1 
ATOM   299  C  CA  . ASN A 1 49  ? 1.272   -1.480  -21.227 1.00 9.23  ? 114 ASN A CA  1 
ATOM   300  C  C   . ASN A 1 49  ? 1.027   0.003   -21.498 1.00 9.81  ? 114 ASN A C   1 
ATOM   301  O  O   . ASN A 1 49  ? 0.705   0.391   -22.622 1.00 9.52  ? 114 ASN A O   1 
ATOM   302  C  CB  . ASN A 1 49  ? 0.028   -2.280  -21.614 1.00 10.34 ? 114 ASN A CB  1 
ATOM   303  C  CG  . ASN A 1 49  ? 0.253   -3.777  -21.543 1.00 11.37 ? 114 ASN A CG  1 
ATOM   304  O  OD1 . ASN A 1 49  ? 0.853   -4.377  -22.440 1.00 11.74 ? 114 ASN A OD1 1 
ATOM   305  N  ND2 . ASN A 1 49  ? -0.219  -4.390  -20.466 1.00 11.46 ? 114 ASN A ND2 1 
ATOM   306  N  N   . TRP A 1 50  ? 1.172   0.827   -20.465 1.00 9.69  ? 115 TRP A N   1 
ATOM   307  C  CA  . TRP A 1 50  ? 0.982   2.271   -20.589 1.00 9.88  ? 115 TRP A CA  1 
ATOM   308  C  C   . TRP A 1 50  ? 2.223   2.987   -20.060 1.00 10.05 ? 115 TRP A C   1 
ATOM   309  O  O   . TRP A 1 50  ? 2.879   2.496   -19.145 1.00 11.13 ? 115 TRP A O   1 
ATOM   310  C  CB  . TRP A 1 50  ? -0.250  2.709   -19.797 1.00 10.15 ? 115 TRP A CB  1 
ATOM   311  C  CG  . TRP A 1 50  ? -1.552  2.492   -20.508 1.00 9.74  ? 115 TRP A CG  1 
ATOM   312  C  CD1 . TRP A 1 50  ? -2.202  3.381   -21.317 1.00 9.54  ? 115 TRP A CD1 1 
ATOM   313  C  CD2 . TRP A 1 50  ? -2.368  1.313   -20.468 1.00 9.54  ? 115 TRP A CD2 1 
ATOM   314  N  NE1 . TRP A 1 50  ? -3.375  2.832   -21.779 1.00 9.19  ? 115 TRP A NE1 1 
ATOM   315  C  CE2 . TRP A 1 50  ? -3.504  1.564   -21.274 1.00 9.04  ? 115 TRP A CE2 1 
ATOM   316  C  CE3 . TRP A 1 50  ? -2.254  0.070   -19.826 1.00 8.88  ? 115 TRP A CE3 1 
ATOM   317  C  CZ2 . TRP A 1 50  ? -4.518  0.616   -21.459 1.00 7.23  ? 115 TRP A CZ2 1 
ATOM   318  C  CZ3 . TRP A 1 50  ? -3.263  -0.873  -20.010 1.00 7.82  ? 115 TRP A CZ3 1 
ATOM   319  C  CH2 . TRP A 1 50  ? -4.382  -0.590  -20.821 1.00 7.09  ? 115 TRP A CH2 1 
ATOM   320  N  N   . SER A 1 51  ? 2.534   4.146   -20.634 1.00 9.36  ? 116 SER A N   1 
ATOM   321  C  CA  . SER A 1 51  ? 3.710   4.914   -20.239 1.00 8.43  ? 116 SER A CA  1 
ATOM   322  C  C   . SER A 1 51  ? 3.625   5.572   -18.875 1.00 7.79  ? 116 SER A C   1 
ATOM   323  O  O   . SER A 1 51  ? 4.567   5.489   -18.084 1.00 8.41  ? 116 SER A O   1 
ATOM   324  C  CB  . SER A 1 51  ? 4.015   5.986   -21.284 1.00 8.38  ? 116 SER A CB  1 
ATOM   325  O  OG  . SER A 1 51  ? 4.643   5.427   -22.417 1.00 8.20  ? 116 SER A OG  1 
ATOM   326  N  N   . LYS A 1 52  ? 2.509   6.245   -18.614 1.00 6.76  ? 117 LYS A N   1 
ATOM   327  C  CA  . LYS A 1 52  ? 2.307   6.926   -17.343 1.00 6.46  ? 117 LYS A CA  1 
ATOM   328  C  C   . LYS A 1 52  ? 0.936   6.593   -16.767 1.00 6.89  ? 117 LYS A C   1 
ATOM   329  O  O   . LYS A 1 52  ? 0.102   5.984   -17.438 1.00 8.55  ? 117 LYS A O   1 
ATOM   330  C  CB  . LYS A 1 52  ? 2.436   8.442   -17.523 1.00 5.39  ? 117 LYS A CB  1 
ATOM   331  C  CG  . LYS A 1 52  ? 3.762   8.895   -18.119 1.00 3.91  ? 117 LYS A CG  1 
ATOM   332  C  CD  . LYS A 1 52  ? 4.128   10.318  -17.687 1.00 3.24  ? 117 LYS A CD  1 
ATOM   333  C  CE  . LYS A 1 52  ? 3.101   11.354  -18.124 1.00 2.81  ? 117 LYS A CE  1 
ATOM   334  N  NZ  . LYS A 1 52  ? 3.055   11.536  -19.599 1.00 2.81  ? 117 LYS A NZ  1 
ATOM   335  N  N   . TYR A 1 53  ? 0.706   6.999   -15.523 1.00 5.88  ? 118 TYR A N   1 
ATOM   336  C  CA  . TYR A 1 53  ? -0.564  6.738   -14.854 1.00 5.20  ? 118 TYR A CA  1 
ATOM   337  C  C   . TYR A 1 53  ? -0.823  7.799   -13.789 1.00 5.35  ? 118 TYR A C   1 
ATOM   338  O  O   . TYR A 1 53  ? 0.040   8.620   -13.484 1.00 5.32  ? 118 TYR A O   1 
ATOM   339  C  CB  . TYR A 1 53  ? -0.518  5.375   -14.175 1.00 3.69  ? 118 TYR A CB  1 
ATOM   340  C  CG  . TYR A 1 53  ? 0.426   5.369   -12.998 1.00 4.58  ? 118 TYR A CG  1 
ATOM   341  C  CD1 . TYR A 1 53  ? -0.031  5.654   -11.711 1.00 5.24  ? 118 TYR A CD1 1 
ATOM   342  C  CD2 . TYR A 1 53  ? 1.792   5.166   -13.184 1.00 5.05  ? 118 TYR A CD2 1 
ATOM   343  C  CE1 . TYR A 1 53  ? 0.851   5.742   -10.638 1.00 5.01  ? 118 TYR A CE1 1 
ATOM   344  C  CE2 . TYR A 1 53  ? 2.684   5.252   -12.119 1.00 5.28  ? 118 TYR A CE2 1 
ATOM   345  C  CZ  . TYR A 1 53  ? 2.208   5.542   -10.851 1.00 5.75  ? 118 TYR A CZ  1 
ATOM   346  O  OH  . TYR A 1 53  ? 3.089   5.633   -9.802  1.00 7.55  ? 118 TYR A OH  1 
ATOM   347  N  N   . SER A 1 54  ? -2.020  7.757   -13.220 1.00 5.57  ? 119 SER A N   1 
ATOM   348  C  CA  . SER A 1 54  ? -2.406  8.676   -12.164 1.00 5.32  ? 119 SER A CA  1 
ATOM   349  C  C   . SER A 1 54  ? -3.332  7.930   -11.218 1.00 5.67  ? 119 SER A C   1 
ATOM   350  O  O   . SER A 1 54  ? -4.160  7.126   -11.657 1.00 7.23  ? 119 SER A O   1 
ATOM   351  C  CB  . SER A 1 54  ? -3.133  9.893   -12.740 1.00 5.07  ? 119 SER A CB  1 
ATOM   352  O  OG  . SER A 1 54  ? -3.691  10.693  -11.706 1.00 2.81  ? 119 SER A OG  1 
ATOM   353  N  N   . TRP A 1 55  ? -3.183  8.181   -9.924  1.00 4.77  ? 120 TRP A N   1 
ATOM   354  C  CA  . TRP A 1 55  ? -4.032  7.534   -8.935  1.00 5.31  ? 120 TRP A CA  1 
ATOM   355  C  C   . TRP A 1 55  ? -5.262  8.398   -8.675  1.00 6.51  ? 120 TRP A C   1 
ATOM   356  O  O   . TRP A 1 55  ? -5.135  9.506   -8.154  1.00 7.30  ? 120 TRP A O   1 
ATOM   357  C  CB  . TRP A 1 55  ? -3.297  7.378   -7.603  1.00 4.32  ? 120 TRP A CB  1 
ATOM   358  C  CG  . TRP A 1 55  ? -2.164  6.403   -7.559  1.00 4.54  ? 120 TRP A CG  1 
ATOM   359  C  CD1 . TRP A 1 55  ? -0.894  6.656   -7.127  1.00 4.11  ? 120 TRP A CD1 1 
ATOM   360  C  CD2 . TRP A 1 55  ? -2.217  4.995   -7.834  1.00 5.23  ? 120 TRP A CD2 1 
ATOM   361  N  NE1 . TRP A 1 55  ? -0.154  5.499   -7.107  1.00 5.34  ? 120 TRP A NE1 1 
ATOM   362  C  CE2 . TRP A 1 55  ? -0.940  4.463   -7.537  1.00 5.55  ? 120 TRP A CE2 1 
ATOM   363  C  CE3 . TRP A 1 55  ? -3.218  4.131   -8.295  1.00 4.56  ? 120 TRP A CE3 1 
ATOM   364  C  CZ2 . TRP A 1 55  ? -0.636  3.105   -7.688  1.00 4.42  ? 120 TRP A CZ2 1 
ATOM   365  C  CZ3 . TRP A 1 55  ? -2.916  2.776   -8.445  1.00 5.42  ? 120 TRP A CZ3 1 
ATOM   366  C  CH2 . TRP A 1 55  ? -1.634  2.280   -8.142  1.00 4.60  ? 120 TRP A CH2 1 
ATOM   367  N  N   . LEU A 1 56  ? -6.448  7.921   -9.041  1.00 7.02  ? 121 LEU A N   1 
ATOM   368  C  CA  . LEU A 1 56  ? -7.653  8.689   -8.736  1.00 7.92  ? 121 LEU A CA  1 
ATOM   369  C  C   . LEU A 1 56  ? -8.040  8.296   -7.316  1.00 8.72  ? 121 LEU A C   1 
ATOM   370  O  O   . LEU A 1 56  ? -8.621  9.081   -6.569  1.00 8.98  ? 121 LEU A O   1 
ATOM   371  C  CB  . LEU A 1 56  ? -8.796  8.360   -9.694  1.00 6.88  ? 121 LEU A CB  1 
ATOM   372  C  CG  . LEU A 1 56  ? -8.716  9.026   -11.069 1.00 6.90  ? 121 LEU A CG  1 
ATOM   373  C  CD1 . LEU A 1 56  ? -10.000 8.756   -11.817 1.00 5.46  ? 121 LEU A CD1 1 
ATOM   374  C  CD2 . LEU A 1 56  ? -8.494  10.523  -10.925 1.00 4.97  ? 121 LEU A CD2 1 
ATOM   375  N  N   . SER A 1 57  ? -7.692  7.066   -6.954  1.00 9.45  ? 122 SER A N   1 
ATOM   376  C  CA  . SER A 1 57  ? -7.962  6.540   -5.631  1.00 9.60  ? 122 SER A CA  1 
ATOM   377  C  C   . SER A 1 57  ? -7.148  5.279   -5.375  1.00 10.39 ? 122 SER A C   1 
ATOM   378  O  O   . SER A 1 57  ? -7.095  4.379   -6.217  1.00 11.11 ? 122 SER A O   1 
ATOM   379  C  CB  . SER A 1 57  ? -9.442  6.219   -5.476  1.00 9.76  ? 122 SER A CB  1 
ATOM   380  O  OG  . SER A 1 57  ? -9.675  5.614   -4.215  1.00 10.64 ? 122 SER A OG  1 
ATOM   381  N  N   . VAL A 1 58  ? -6.512  5.226   -4.208  1.00 10.08 ? 123 VAL A N   1 
ATOM   382  C  CA  . VAL A 1 58  ? -5.708  4.077   -3.806  1.00 10.15 ? 123 VAL A CA  1 
ATOM   383  C  C   . VAL A 1 58  ? -5.949  3.846   -2.334  1.00 10.98 ? 123 VAL A C   1 
ATOM   384  O  O   . VAL A 1 58  ? -5.719  4.744   -1.522  1.00 12.30 ? 123 VAL A O   1 
ATOM   385  C  CB  . VAL A 1 58  ? -4.205  4.330   -3.945  1.00 9.19  ? 123 VAL A CB  1 
ATOM   386  C  CG1 . VAL A 1 58  ? -3.464  3.015   -3.919  1.00 9.73  ? 123 VAL A CG1 1 
ATOM   387  C  CG2 . VAL A 1 58  ? -3.917  5.081   -5.197  1.00 12.16 ? 123 VAL A CG2 1 
ATOM   388  N  N   . ARG A 1 59  ? -6.414  2.656   -1.979  1.00 10.54 ? 124 ARG A N   1 
ATOM   389  C  CA  . ARG A 1 59  ? -6.635  2.367   -0.575  1.00 11.32 ? 124 ARG A CA  1 
ATOM   390  C  C   . ARG A 1 59  ? -6.152  0.976   -0.207  1.00 11.96 ? 124 ARG A C   1 
ATOM   391  O  O   . ARG A 1 59  ? -6.421  -0.006  -0.908  1.00 13.25 ? 124 ARG A O   1 
ATOM   392  C  CB  . ARG A 1 59  ? -8.115  2.535   -0.204  1.00 9.87  ? 124 ARG A CB  1 
ATOM   393  C  CG  . ARG A 1 59  ? -8.866  1.248   0.092   1.00 10.29 ? 124 ARG A CG  1 
ATOM   394  C  CD  . ARG A 1 59  ? -10.323 1.547   0.392   1.00 10.84 ? 124 ARG A CD  1 
ATOM   395  N  NE  . ARG A 1 59  ? -10.482 2.212   1.680   1.00 11.09 ? 124 ARG A NE  1 
ATOM   396  C  CZ  . ARG A 1 59  ? -11.255 3.273   1.885   1.00 10.39 ? 124 ARG A CZ  1 
ATOM   397  N  NH1 . ARG A 1 59  ? -11.943 3.800   0.882   1.00 9.70  ? 124 ARG A NH1 1 
ATOM   398  N  NH2 . ARG A 1 59  ? -11.336 3.809   3.094   1.00 10.18 ? 124 ARG A NH2 1 
ATOM   399  N  N   . TYR A 1 60  ? -5.400  0.914   0.884   1.00 10.66 ? 125 TYR A N   1 
ATOM   400  C  CA  . TYR A 1 60  ? -4.894  -0.346  1.387   1.00 9.11  ? 125 TYR A CA  1 
ATOM   401  C  C   . TYR A 1 60  ? -5.800  -0.700  2.545   1.00 9.17  ? 125 TYR A C   1 
ATOM   402  O  O   . TYR A 1 60  ? -5.994  0.099   3.467   1.00 9.34  ? 125 TYR A O   1 
ATOM   403  C  CB  . TYR A 1 60  ? -3.453  -0.204  1.869   1.00 7.79  ? 125 TYR A CB  1 
ATOM   404  C  CG  . TYR A 1 60  ? -2.479  0.072   0.758   1.00 6.62  ? 125 TYR A CG  1 
ATOM   405  C  CD1 . TYR A 1 60  ? -2.155  1.376   0.400   1.00 6.79  ? 125 TYR A CD1 1 
ATOM   406  C  CD2 . TYR A 1 60  ? -1.906  -0.971  0.041   1.00 5.49  ? 125 TYR A CD2 1 
ATOM   407  C  CE1 . TYR A 1 60  ? -1.278  1.634   -0.649  1.00 7.30  ? 125 TYR A CE1 1 
ATOM   408  C  CE2 . TYR A 1 60  ? -1.034  -0.727  -1.007  1.00 6.54  ? 125 TYR A CE2 1 
ATOM   409  C  CZ  . TYR A 1 60  ? -0.721  0.577   -1.349  1.00 7.58  ? 125 TYR A CZ  1 
ATOM   410  O  OH  . TYR A 1 60  ? 0.154   0.821   -2.387  1.00 8.13  ? 125 TYR A OH  1 
ATOM   411  N  N   . THR A 1 61  ? -6.377  -1.888  2.490   1.00 8.17  ? 126 THR A N   1 
ATOM   412  C  CA  . THR A 1 61  ? -7.266  -2.313  3.550   1.00 7.19  ? 126 THR A CA  1 
ATOM   413  C  C   . THR A 1 61  ? -6.882  -3.711  4.044   1.00 7.21  ? 126 THR A C   1 
ATOM   414  O  O   . THR A 1 61  ? -6.645  -4.629  3.256   1.00 6.60  ? 126 THR A O   1 
ATOM   415  C  CB  . THR A 1 61  ? -8.747  -2.231  3.069   1.00 5.86  ? 126 THR A CB  1 
ATOM   416  O  OG1 . THR A 1 61  ? -9.440  -3.427  3.434   1.00 5.24  ? 126 THR A OG1 1 
ATOM   417  C  CG2 . THR A 1 61  ? -8.816  -2.000  1.551   1.00 4.15  ? 126 THR A CG2 1 
ATOM   418  N  N   . TYR A 1 62  ? -6.782  -3.837  5.366   1.00 7.92  ? 127 TYR A N   1 
ATOM   419  C  CA  . TYR A 1 62  ? -6.405  -5.082  6.028   1.00 7.87  ? 127 TYR A CA  1 
ATOM   420  C  C   . TYR A 1 62  ? -7.617  -5.949  6.348   1.00 7.86  ? 127 TYR A C   1 
ATOM   421  O  O   . TYR A 1 62  ? -8.604  -5.468  6.913   1.00 8.64  ? 127 TYR A O   1 
ATOM   422  C  CB  . TYR A 1 62  ? -5.658  -4.762  7.330   1.00 7.81  ? 127 TYR A CB  1 
ATOM   423  C  CG  . TYR A 1 62  ? -5.346  -5.974  8.183   1.00 9.33  ? 127 TYR A CG  1 
ATOM   424  C  CD1 . TYR A 1 62  ? -4.287  -6.827  7.864   1.00 10.96 ? 127 TYR A CD1 1 
ATOM   425  C  CD2 . TYR A 1 62  ? -6.129  -6.286  9.292   1.00 9.42  ? 127 TYR A CD2 1 
ATOM   426  C  CE1 . TYR A 1 62  ? -4.016  -7.967  8.633   1.00 11.64 ? 127 TYR A CE1 1 
ATOM   427  C  CE2 . TYR A 1 62  ? -5.870  -7.422  10.067  1.00 10.98 ? 127 TYR A CE2 1 
ATOM   428  C  CZ  . TYR A 1 62  ? -4.813  -8.257  9.733   1.00 11.85 ? 127 TYR A CZ  1 
ATOM   429  O  OH  . TYR A 1 62  ? -4.557  -9.376  10.498  1.00 11.34 ? 127 TYR A OH  1 
ATOM   430  N  N   . ILE A 1 63  ? -7.533  -7.225  5.985   1.00 6.34  ? 128 ILE A N   1 
ATOM   431  C  CA  . ILE A 1 63  ? -8.604  -8.182  6.244   1.00 6.98  ? 128 ILE A CA  1 
ATOM   432  C  C   . ILE A 1 63  ? -8.015  -9.335  7.053   1.00 8.04  ? 128 ILE A C   1 
ATOM   433  O  O   . ILE A 1 63  ? -7.037  -9.959  6.639   1.00 8.92  ? 128 ILE A O   1 
ATOM   434  C  CB  . ILE A 1 63  ? -9.191  -8.748  4.934   1.00 5.45  ? 128 ILE A CB  1 
ATOM   435  C  CG1 . ILE A 1 63  ? -9.754  -7.612  4.071   1.00 5.07  ? 128 ILE A CG1 1 
ATOM   436  C  CG2 . ILE A 1 63  ? -10.272 -9.768  5.254   1.00 6.18  ? 128 ILE A CG2 1 
ATOM   437  C  CD1 . ILE A 1 63  ? -10.950 -6.888  4.673   1.00 2.81  ? 128 ILE A CD1 1 
ATOM   438  N  N   . PRO A 1 64  ? -8.608  -9.637  8.221   1.00 9.08  ? 129 PRO A N   1 
ATOM   439  C  CA  . PRO A 1 64  ? -8.137  -10.717 9.094   1.00 10.25 ? 129 PRO A CA  1 
ATOM   440  C  C   . PRO A 1 64  ? -8.497  -12.125 8.611   1.00 10.78 ? 129 PRO A C   1 
ATOM   441  O  O   . PRO A 1 64  ? -9.401  -12.302 7.790   1.00 11.98 ? 129 PRO A O   1 
ATOM   442  C  CB  . PRO A 1 64  ? -8.797  -10.378 10.427  1.00 9.77  ? 129 PRO A CB  1 
ATOM   443  C  CG  . PRO A 1 64  ? -10.127 -9.863  9.985   1.00 9.33  ? 129 PRO A CG  1 
ATOM   444  C  CD  . PRO A 1 64  ? -9.765  -8.949  8.824   1.00 9.58  ? 129 PRO A CD  1 
ATOM   445  N  N   . SER A 1 65  ? -7.782  -13.119 9.134   1.00 10.89 ? 130 SER A N   1 
ATOM   446  C  CA  . SER A 1 65  ? -8.010  -14.519 8.780   1.00 11.70 ? 130 SER A CA  1 
ATOM   447  C  C   . SER A 1 65  ? -7.719  -15.407 9.985   1.00 13.03 ? 130 SER A C   1 
ATOM   448  O  O   . SER A 1 65  ? -7.591  -16.626 9.862   1.00 15.13 ? 130 SER A O   1 
ATOM   449  C  CB  . SER A 1 65  ? -7.090  -14.924 7.629   1.00 10.52 ? 130 SER A CB  1 
ATOM   450  O  OG  . SER A 1 65  ? -5.729  -14.810 8.008   1.00 9.95  ? 130 SER A OG  1 
ATOM   451  N  N   . CYS A 1 66  ? -7.629  -14.790 11.156  1.00 12.84 ? 131 CYS A N   1 
ATOM   452  C  CA  . CYS A 1 66  ? -7.310  -15.514 12.378  1.00 12.07 ? 131 CYS A CA  1 
ATOM   453  C  C   . CYS A 1 66  ? -8.439  -15.558 13.396  1.00 12.06 ? 131 CYS A C   1 
ATOM   454  O  O   . CYS A 1 66  ? -9.487  -14.950 13.207  1.00 13.92 ? 131 CYS A O   1 
ATOM   455  C  CB  . CYS A 1 66  ? -6.086  -14.870 13.020  1.00 10.57 ? 131 CYS A CB  1 
ATOM   456  S  SG  . CYS A 1 66  ? -6.281  -13.095 13.251  1.00 10.25 ? 131 CYS A SG  1 
ATOM   457  N  N   . PRO A 1 67  ? -8.237  -16.307 14.491  1.00 12.07 ? 132 PRO A N   1 
ATOM   458  C  CA  . PRO A 1 67  ? -9.241  -16.422 15.550  1.00 11.13 ? 132 PRO A CA  1 
ATOM   459  C  C   . PRO A 1 67  ? -9.294  -15.129 16.365  1.00 10.95 ? 132 PRO A C   1 
ATOM   460  O  O   . PRO A 1 67  ? -8.328  -14.363 16.391  1.00 10.80 ? 132 PRO A O   1 
ATOM   461  C  CB  . PRO A 1 67  ? -8.731  -17.598 16.377  1.00 10.06 ? 132 PRO A CB  1 
ATOM   462  C  CG  . PRO A 1 67  ? -8.026  -18.432 15.361  1.00 8.83  ? 132 PRO A CG  1 
ATOM   463  C  CD  . PRO A 1 67  ? -7.254  -17.397 14.601  1.00 10.01 ? 132 PRO A CD  1 
ATOM   464  N  N   . SER A 1 68  ? -10.422 -14.901 17.028  1.00 11.51 ? 133 SER A N   1 
ATOM   465  C  CA  . SER A 1 68  ? -10.624 -13.708 17.848  1.00 11.52 ? 133 SER A CA  1 
ATOM   466  C  C   . SER A 1 68  ? -9.681  -13.709 19.038  1.00 12.05 ? 133 SER A C   1 
ATOM   467  O  O   . SER A 1 68  ? -9.515  -12.696 19.715  1.00 12.85 ? 133 SER A O   1 
ATOM   468  C  CB  . SER A 1 68  ? -12.057 -13.671 18.362  1.00 10.27 ? 133 SER A CB  1 
ATOM   469  O  OG  . SER A 1 68  ? -12.306 -14.812 19.163  1.00 11.26 ? 133 SER A OG  1 
ATOM   470  N  N   . SER A 1 69  ? -9.075  -14.860 19.290  1.00 11.78 ? 134 SER A N   1 
ATOM   471  C  CA  . SER A 1 69  ? -8.155  -15.032 20.401  1.00 11.26 ? 134 SER A CA  1 
ATOM   472  C  C   . SER A 1 69  ? -6.708  -14.702 20.033  1.00 11.62 ? 134 SER A C   1 
ATOM   473  O  O   . SER A 1 69  ? -5.822  -14.745 20.886  1.00 13.05 ? 134 SER A O   1 
ATOM   474  C  CB  . SER A 1 69  ? -8.233  -16.473 20.886  1.00 10.68 ? 134 SER A CB  1 
ATOM   475  O  OG  . SER A 1 69  ? -7.972  -17.368 19.818  1.00 11.80 ? 134 SER A OG  1 
ATOM   476  N  N   . THR A 1 70  ? -6.471  -14.374 18.765  1.00 10.34 ? 135 THR A N   1 
ATOM   477  C  CA  . THR A 1 70  ? -5.127  -14.060 18.292  1.00 9.52  ? 135 THR A CA  1 
ATOM   478  C  C   . THR A 1 70  ? -4.570  -12.744 18.824  1.00 10.98 ? 135 THR A C   1 
ATOM   479  O  O   . THR A 1 70  ? -5.179  -11.685 18.667  1.00 13.16 ? 135 THR A O   1 
ATOM   480  C  CB  . THR A 1 70  ? -5.088  -13.996 16.766  1.00 8.02  ? 135 THR A CB  1 
ATOM   481  O  OG1 . THR A 1 70  ? -5.662  -15.191 16.223  1.00 7.05  ? 135 THR A OG1 1 
ATOM   482  C  CG2 . THR A 1 70  ? -3.657  -13.860 16.289  1.00 6.88  ? 135 THR A CG2 1 
ATOM   483  N  N   . ALA A 1 71  ? -3.397  -12.809 19.440  1.00 11.62 ? 136 ALA A N   1 
ATOM   484  C  CA  . ALA A 1 71  ? -2.763  -11.616 19.984  1.00 12.28 ? 136 ALA A CA  1 
ATOM   485  C  C   . ALA A 1 71  ? -2.043  -10.849 18.883  1.00 13.25 ? 136 ALA A C   1 
ATOM   486  O  O   . ALA A 1 71  ? -1.506  -11.451 17.951  1.00 13.35 ? 136 ALA A O   1 
ATOM   487  C  CB  . ALA A 1 71  ? -1.782  -12.003 21.061  1.00 12.19 ? 136 ALA A CB  1 
ATOM   488  N  N   . GLY A 1 72  ? -2.036  -9.522  18.993  1.00 13.74 ? 137 GLY A N   1 
ATOM   489  C  CA  . GLY A 1 72  ? -1.360  -8.701  18.001  1.00 13.38 ? 137 GLY A CA  1 
ATOM   490  C  C   . GLY A 1 72  ? -2.164  -7.522  17.481  1.00 12.90 ? 137 GLY A C   1 
ATOM   491  O  O   . GLY A 1 72  ? -3.392  -7.503  17.582  1.00 13.53 ? 137 GLY A O   1 
ATOM   492  N  N   . SER A 1 73  ? -1.463  -6.530  16.937  1.00 12.12 ? 138 SER A N   1 
ATOM   493  C  CA  . SER A 1 73  ? -2.100  -5.341  16.376  1.00 11.50 ? 138 SER A CA  1 
ATOM   494  C  C   . SER A 1 73  ? -1.343  -4.935  15.113  1.00 11.44 ? 138 SER A C   1 
ATOM   495  O  O   . SER A 1 73  ? -0.145  -5.194  14.983  1.00 12.34 ? 138 SER A O   1 
ATOM   496  C  CB  . SER A 1 73  ? -2.092  -4.187  17.382  1.00 11.66 ? 138 SER A CB  1 
ATOM   497  O  OG  . SER A 1 73  ? -0.789  -3.678  17.580  1.00 10.41 ? 138 SER A OG  1 
ATOM   498  N  N   . ILE A 1 74  ? -2.046  -4.295  14.184  1.00 10.03 ? 139 ILE A N   1 
ATOM   499  C  CA  . ILE A 1 74  ? -1.449  -3.884  12.920  1.00 7.60  ? 139 ILE A CA  1 
ATOM   500  C  C   . ILE A 1 74  ? -1.512  -2.358  12.827  1.00 7.54  ? 139 ILE A C   1 
ATOM   501  O  O   . ILE A 1 74  ? -2.438  -1.736  13.355  1.00 7.66  ? 139 ILE A O   1 
ATOM   502  C  CB  . ILE A 1 74  ? -2.214  -4.591  11.751  1.00 7.11  ? 139 ILE A CB  1 
ATOM   503  C  CG1 . ILE A 1 74  ? -1.356  -4.653  10.484  1.00 6.13  ? 139 ILE A CG1 1 
ATOM   504  C  CG2 . ILE A 1 74  ? -3.549  -3.923  11.528  1.00 4.96  ? 139 ILE A CG2 1 
ATOM   505  C  CD1 . ILE A 1 74  ? -1.438  -3.446  9.613   1.00 9.00  ? 139 ILE A CD1 1 
ATOM   506  N  N   . HIS A 1 75  ? -0.515  -1.756  12.183  1.00 7.44  ? 140 HIS A N   1 
ATOM   507  C  CA  . HIS A 1 75  ? -0.446  -0.299  12.045  1.00 7.23  ? 140 HIS A CA  1 
ATOM   508  C  C   . HIS A 1 75  ? -0.034  0.146   10.647  1.00 7.93  ? 140 HIS A C   1 
ATOM   509  O  O   . HIS A 1 75  ? 0.915   -0.394  10.073  1.00 10.26 ? 140 HIS A O   1 
ATOM   510  C  CB  . HIS A 1 75  ? 0.553   0.252   13.052  1.00 6.49  ? 140 HIS A CB  1 
ATOM   511  C  CG  . HIS A 1 75  ? 0.221   -0.088  14.467  1.00 7.97  ? 140 HIS A CG  1 
ATOM   512  N  ND1 . HIS A 1 75  ? -0.340  0.820   15.337  1.00 8.41  ? 140 HIS A ND1 1 
ATOM   513  C  CD2 . HIS A 1 75  ? 0.339   -1.247  15.155  1.00 8.28  ? 140 HIS A CD2 1 
ATOM   514  C  CE1 . HIS A 1 75  ? -0.553  0.235   16.502  1.00 9.17  ? 140 HIS A CE1 1 
ATOM   515  N  NE2 . HIS A 1 75  ? -0.150  -1.020  16.418  1.00 8.63  ? 140 HIS A NE2 1 
ATOM   516  N  N   . MET A 1 76  ? -0.727  1.143   10.101  1.00 7.06  ? 141 MET A N   1 
ATOM   517  C  CA  . MET A 1 76  ? -0.402  1.630   8.765   1.00 6.54  ? 141 MET A CA  1 
ATOM   518  C  C   . MET A 1 76  ? -0.438  3.148   8.641   1.00 7.51  ? 141 MET A C   1 
ATOM   519  O  O   . MET A 1 76  ? -1.206  3.822   9.336   1.00 8.24  ? 141 MET A O   1 
ATOM   520  C  CB  . MET A 1 76  ? -1.356  1.023   7.738   1.00 5.26  ? 141 MET A CB  1 
ATOM   521  C  CG  . MET A 1 76  ? -1.364  -0.490  7.724   1.00 6.41  ? 141 MET A CG  1 
ATOM   522  S  SD  . MET A 1 76  ? -2.381  -1.171  6.401   1.00 8.14  ? 141 MET A SD  1 
ATOM   523  C  CE  . MET A 1 76  ? -4.002  -0.707  6.961   1.00 7.29  ? 141 MET A CE  1 
ATOM   524  N  N   . GLY A 1 77  ? 0.398   3.667   7.744   1.00 7.48  ? 142 GLY A N   1 
ATOM   525  C  CA  . GLY A 1 77  ? 0.475   5.100   7.499   1.00 7.16  ? 142 GLY A CA  1 
ATOM   526  C  C   . GLY A 1 77  ? 1.247   5.392   6.221   1.00 8.16  ? 142 GLY A C   1 
ATOM   527  O  O   . GLY A 1 77  ? 1.860   4.488   5.644   1.00 9.28  ? 142 GLY A O   1 
ATOM   528  N  N   . PHE A 1 78  ? 1.232   6.648   5.776   1.00 7.82  ? 143 PHE A N   1 
ATOM   529  C  CA  . PHE A 1 78  ? 1.935   7.031   4.550   1.00 7.59  ? 143 PHE A CA  1 
ATOM   530  C  C   . PHE A 1 78  ? 3.092   8.002   4.759   1.00 7.86  ? 143 PHE A C   1 
ATOM   531  O  O   . PHE A 1 78  ? 3.081   8.815   5.682   1.00 9.38  ? 143 PHE A O   1 
ATOM   532  C  CB  . PHE A 1 78  ? 0.976   7.693   3.556   1.00 7.18  ? 143 PHE A CB  1 
ATOM   533  C  CG  . PHE A 1 78  ? -0.094  6.788   3.031   1.00 7.97  ? 143 PHE A CG  1 
ATOM   534  C  CD1 . PHE A 1 78  ? -1.407  6.916   3.472   1.00 7.77  ? 143 PHE A CD1 1 
ATOM   535  C  CD2 . PHE A 1 78  ? 0.199   5.828   2.070   1.00 8.80  ? 143 PHE A CD2 1 
ATOM   536  C  CE1 . PHE A 1 78  ? -2.415  6.102   2.960   1.00 7.47  ? 143 PHE A CE1 1 
ATOM   537  C  CE2 . PHE A 1 78  ? -0.803  5.008   1.552   1.00 8.49  ? 143 PHE A CE2 1 
ATOM   538  C  CZ  . PHE A 1 78  ? -2.111  5.147   1.998   1.00 7.56  ? 143 PHE A CZ  1 
ATOM   539  N  N   . GLN A 1 79  ? 4.082   7.908   3.875   1.00 7.62  ? 144 GLN A N   1 
ATOM   540  C  CA  . GLN A 1 79  ? 5.237   8.803   3.873   1.00 7.27  ? 144 GLN A CA  1 
ATOM   541  C  C   . GLN A 1 79  ? 5.364   9.266   2.424   1.00 7.70  ? 144 GLN A C   1 
ATOM   542  O  O   . GLN A 1 79  ? 4.972   8.535   1.507   1.00 6.00  ? 144 GLN A O   1 
ATOM   543  C  CB  . GLN A 1 79  ? 6.503   8.088   4.344   1.00 5.92  ? 144 GLN A CB  1 
ATOM   544  C  CG  . GLN A 1 79  ? 6.624   8.033   5.854   1.00 6.40  ? 144 GLN A CG  1 
ATOM   545  C  CD  . GLN A 1 79  ? 8.020   7.666   6.322   1.00 8.48  ? 144 GLN A CD  1 
ATOM   546  O  OE1 . GLN A 1 79  ? 8.486   6.547   6.109   1.00 9.02  ? 144 GLN A OE1 1 
ATOM   547  N  NE2 . GLN A 1 79  ? 8.701   8.617   6.962   1.00 8.20  ? 144 GLN A NE2 1 
ATOM   548  N  N   . TYR A 1 80  ? 5.900   10.465  2.202   1.00 9.00  ? 145 TYR A N   1 
ATOM   549  C  CA  . TYR A 1 80  ? 5.976   10.974  0.833   1.00 9.39  ? 145 TYR A CA  1 
ATOM   550  C  C   . TYR A 1 80  ? 7.345   11.349  0.287   1.00 9.57  ? 145 TYR A C   1 
ATOM   551  O  O   . TYR A 1 80  ? 7.498   11.535  -0.918  1.00 10.65 ? 145 TYR A O   1 
ATOM   552  C  CB  . TYR A 1 80  ? 5.013   12.152  0.684   1.00 9.14  ? 145 TYR A CB  1 
ATOM   553  C  CG  . TYR A 1 80  ? 3.623   11.815  1.170   1.00 8.53  ? 145 TYR A CG  1 
ATOM   554  C  CD1 . TYR A 1 80  ? 3.367   11.636  2.529   1.00 7.44  ? 145 TYR A CD1 1 
ATOM   555  C  CD2 . TYR A 1 80  ? 2.581   11.603  0.272   1.00 8.93  ? 145 TYR A CD2 1 
ATOM   556  C  CE1 . TYR A 1 80  ? 2.119   11.247  2.981   1.00 7.91  ? 145 TYR A CE1 1 
ATOM   557  C  CE2 . TYR A 1 80  ? 1.320   11.212  0.716   1.00 9.07  ? 145 TYR A CE2 1 
ATOM   558  C  CZ  . TYR A 1 80  ? 1.100   11.035  2.072   1.00 8.47  ? 145 TYR A CZ  1 
ATOM   559  O  OH  . TYR A 1 80  ? -0.132  10.634  2.518   1.00 9.06  ? 145 TYR A OH  1 
ATOM   560  N  N   . ASP A 1 81  ? 8.334   11.472  1.164   1.00 10.30 ? 146 ASP A N   1 
ATOM   561  C  CA  . ASP A 1 81  ? 9.692   11.792  0.738   1.00 10.07 ? 146 ASP A CA  1 
ATOM   562  C  C   . ASP A 1 81  ? 10.509  10.550  1.046   1.00 10.02 ? 146 ASP A C   1 
ATOM   563  O  O   . ASP A 1 81  ? 10.924  10.341  2.183   1.00 11.00 ? 146 ASP A O   1 
ATOM   564  C  CB  . ASP A 1 81  ? 10.231  12.999  1.511   1.00 11.47 ? 146 ASP A CB  1 
ATOM   565  C  CG  . ASP A 1 81  ? 11.677  13.320  1.168   1.00 12.92 ? 146 ASP A CG  1 
ATOM   566  O  OD1 . ASP A 1 81  ? 12.128  12.961  0.057   1.00 14.99 ? 146 ASP A OD1 1 
ATOM   567  O  OD2 . ASP A 1 81  ? 12.357  13.952  2.008   1.00 13.95 ? 146 ASP A OD2 1 
ATOM   568  N  N   . MET A 1 82  ? 10.721  9.714   0.039   1.00 8.32  ? 147 MET A N   1 
ATOM   569  C  CA  . MET A 1 82  ? 11.462  8.478   0.234   1.00 8.02  ? 147 MET A CA  1 
ATOM   570  C  C   . MET A 1 82  ? 12.792  8.685   0.961   1.00 7.87  ? 147 MET A C   1 
ATOM   571  O  O   . MET A 1 82  ? 13.366  7.742   1.502   1.00 8.44  ? 147 MET A O   1 
ATOM   572  C  CB  . MET A 1 82  ? 11.686  7.790   -1.113  1.00 8.49  ? 147 MET A CB  1 
ATOM   573  C  CG  . MET A 1 82  ? 10.398  7.511   -1.878  1.00 8.35  ? 147 MET A CG  1 
ATOM   574  S  SD  . MET A 1 82  ? 9.163   6.603   -0.906  1.00 8.42  ? 147 MET A SD  1 
ATOM   575  C  CE  . MET A 1 82  ? 8.088   7.925   -0.353  1.00 4.11  ? 147 MET A CE  1 
ATOM   576  N  N   . ALA A 1 83  ? 13.277  9.921   0.981   1.00 6.61  ? 148 ALA A N   1 
ATOM   577  C  CA  . ALA A 1 83  ? 14.528  10.223  1.658   1.00 5.64  ? 148 ALA A CA  1 
ATOM   578  C  C   . ALA A 1 83  ? 14.324  10.234  3.170   1.00 5.89  ? 148 ALA A C   1 
ATOM   579  O  O   . ALA A 1 83  ? 15.266  10.023  3.927   1.00 5.80  ? 148 ALA A O   1 
ATOM   580  C  CB  . ALA A 1 83  ? 15.063  11.566  1.194   1.00 6.84  ? 148 ALA A CB  1 
ATOM   581  N  N   . ASP A 1 84  ? 13.093  10.500  3.606   1.00 7.45  ? 149 ASP A N   1 
ATOM   582  C  CA  . ASP A 1 84  ? 12.771  10.521  5.030   1.00 7.74  ? 149 ASP A CA  1 
ATOM   583  C  C   . ASP A 1 84  ? 13.039  9.126   5.578   1.00 8.38  ? 149 ASP A C   1 
ATOM   584  O  O   . ASP A 1 84  ? 12.837  8.124   4.880   1.00 8.45  ? 149 ASP A O   1 
ATOM   585  C  CB  . ASP A 1 84  ? 11.296  10.883  5.248   1.00 8.57  ? 149 ASP A CB  1 
ATOM   586  C  CG  . ASP A 1 84  ? 11.014  12.360  5.039   1.00 10.76 ? 149 ASP A CG  1 
ATOM   587  O  OD1 . ASP A 1 84  ? 9.822   12.738  4.961   1.00 12.20 ? 149 ASP A OD1 1 
ATOM   588  O  OD2 . ASP A 1 84  ? 11.983  13.148  4.963   1.00 13.27 ? 149 ASP A OD2 1 
ATOM   589  N  N   . THR A 1 85  ? 13.500  9.051   6.822   1.00 7.53  ? 150 THR A N   1 
ATOM   590  C  CA  . THR A 1 85  ? 13.773  7.750   7.407   1.00 8.61  ? 150 THR A CA  1 
ATOM   591  C  C   . THR A 1 85  ? 12.459  7.099   7.854   1.00 7.76  ? 150 THR A C   1 
ATOM   592  O  O   . THR A 1 85  ? 11.525  7.782   8.272   1.00 7.37  ? 150 THR A O   1 
ATOM   593  C  CB  . THR A 1 85  ? 14.790  7.845   8.593   1.00 8.05  ? 150 THR A CB  1 
ATOM   594  O  OG1 . THR A 1 85  ? 14.246  7.193   9.742   1.00 8.22  ? 150 THR A OG1 1 
ATOM   595  C  CG2 . THR A 1 85  ? 15.122  9.290   8.927   1.00 7.84  ? 150 THR A CG2 1 
ATOM   596  N  N   . VAL A 1 86  ? 12.389  5.777   7.738   1.00 6.46  ? 151 VAL A N   1 
ATOM   597  C  CA  . VAL A 1 86  ? 11.192  5.033   8.107   1.00 5.91  ? 151 VAL A CA  1 
ATOM   598  C  C   . VAL A 1 86  ? 10.960  4.963   9.611   1.00 7.10  ? 151 VAL A C   1 
ATOM   599  O  O   . VAL A 1 86  ? 11.893  4.764   10.384  1.00 7.89  ? 151 VAL A O   1 
ATOM   600  C  CB  . VAL A 1 86  ? 11.261  3.598   7.564   1.00 4.13  ? 151 VAL A CB  1 
ATOM   601  C  CG1 . VAL A 1 86  ? 10.064  2.798   8.038   1.00 3.36  ? 151 VAL A CG1 1 
ATOM   602  C  CG2 . VAL A 1 86  ? 11.315  3.630   6.051   1.00 3.82  ? 151 VAL A CG2 1 
ATOM   603  N  N   . PRO A 1 87  ? 9.701   5.117   10.046  1.00 7.37  ? 152 PRO A N   1 
ATOM   604  C  CA  . PRO A 1 87  ? 9.370   5.064   11.475  1.00 6.63  ? 152 PRO A CA  1 
ATOM   605  C  C   . PRO A 1 87  ? 9.918   3.792   12.116  1.00 6.53  ? 152 PRO A C   1 
ATOM   606  O  O   . PRO A 1 87  ? 10.052  2.761   11.454  1.00 6.25  ? 152 PRO A O   1 
ATOM   607  C  CB  . PRO A 1 87  ? 7.846   5.086   11.476  1.00 5.61  ? 152 PRO A CB  1 
ATOM   608  C  CG  . PRO A 1 87  ? 7.525   5.876   10.257  1.00 7.03  ? 152 PRO A CG  1 
ATOM   609  C  CD  . PRO A 1 87  ? 8.493   5.344   9.235   1.00 6.68  ? 152 PRO A CD  1 
ATOM   610  N  N   . VAL A 1 88  ? 10.227  3.863   13.406  1.00 6.82  ? 153 VAL A N   1 
ATOM   611  C  CA  . VAL A 1 88  ? 10.758  2.704   14.117  1.00 6.39  ? 153 VAL A CA  1 
ATOM   612  C  C   . VAL A 1 88  ? 9.893   2.335   15.315  1.00 7.57  ? 153 VAL A C   1 
ATOM   613  O  O   . VAL A 1 88  ? 10.153  1.341   15.992  1.00 8.46  ? 153 VAL A O   1 
ATOM   614  C  CB  . VAL A 1 88  ? 12.178  2.973   14.625  1.00 3.93  ? 153 VAL A CB  1 
ATOM   615  C  CG1 . VAL A 1 88  ? 13.096  3.270   13.462  1.00 2.81  ? 153 VAL A CG1 1 
ATOM   616  C  CG2 . VAL A 1 88  ? 12.162  4.138   15.595  1.00 2.81  ? 153 VAL A CG2 1 
ATOM   617  N  N   . SER A 1 89  ? 8.866   3.139   15.571  1.00 6.96  ? 154 SER A N   1 
ATOM   618  C  CA  . SER A 1 89  ? 7.974   2.897   16.698  1.00 6.53  ? 154 SER A CA  1 
ATOM   619  C  C   . SER A 1 89  ? 6.534   3.259   16.369  1.00 6.53  ? 154 SER A C   1 
ATOM   620  O  O   . SER A 1 89  ? 6.276   4.088   15.494  1.00 5.50  ? 154 SER A O   1 
ATOM   621  C  CB  . SER A 1 89  ? 8.423   3.724   17.904  1.00 7.86  ? 154 SER A CB  1 
ATOM   622  O  OG  . SER A 1 89  ? 8.286   5.117   17.656  1.00 6.66  ? 154 SER A OG  1 
ATOM   623  N  N   . VAL A 1 90  ? 5.601   2.635   17.080  1.00 6.27  ? 155 VAL A N   1 
ATOM   624  C  CA  . VAL A 1 90  ? 4.188   2.918   16.879  1.00 6.26  ? 155 VAL A CA  1 
ATOM   625  C  C   . VAL A 1 90  ? 3.977   4.418   17.075  1.00 7.09  ? 155 VAL A C   1 
ATOM   626  O  O   . VAL A 1 90  ? 3.260   5.064   16.311  1.00 8.67  ? 155 VAL A O   1 
ATOM   627  C  CB  . VAL A 1 90  ? 3.318   2.130   17.882  1.00 4.92  ? 155 VAL A CB  1 
ATOM   628  C  CG1 . VAL A 1 90  ? 1.891   2.638   17.860  1.00 3.81  ? 155 VAL A CG1 1 
ATOM   629  C  CG2 . VAL A 1 90  ? 3.346   0.654   17.524  1.00 4.37  ? 155 VAL A CG2 1 
ATOM   630  N  N   . ASN A 1 91  ? 4.624   4.974   18.091  1.00 6.90  ? 156 ASN A N   1 
ATOM   631  C  CA  . ASN A 1 91  ? 4.506   6.398   18.374  1.00 6.92  ? 156 ASN A CA  1 
ATOM   632  C  C   . ASN A 1 91  ? 4.789   7.220   17.115  1.00 7.28  ? 156 ASN A C   1 
ATOM   633  O  O   . ASN A 1 91  ? 3.941   7.993   16.668  1.00 7.02  ? 156 ASN A O   1 
ATOM   634  C  CB  . ASN A 1 91  ? 5.479   6.781   19.483  1.00 7.72  ? 156 ASN A CB  1 
ATOM   635  C  CG  . ASN A 1 91  ? 5.373   8.240   19.886  1.00 8.80  ? 156 ASN A CG  1 
ATOM   636  O  OD1 . ASN A 1 91  ? 6.393   8.900   20.084  1.00 10.15 ? 156 ASN A OD1 1 
ATOM   637  N  ND2 . ASN A 1 91  ? 4.150   8.751   20.024  1.00 10.12 ? 156 ASN A ND2 1 
ATOM   638  N  N   . GLN A 1 92  ? 5.976   7.055   16.537  1.00 6.84  ? 157 GLN A N   1 
ATOM   639  C  CA  . GLN A 1 92  ? 6.313   7.799   15.324  1.00 6.74  ? 157 GLN A CA  1 
ATOM   640  C  C   . GLN A 1 92  ? 5.320   7.518   14.202  1.00 6.97  ? 157 GLN A C   1 
ATOM   641  O  O   . GLN A 1 92  ? 4.876   8.440   13.508  1.00 7.37  ? 157 GLN A O   1 
ATOM   642  C  CB  . GLN A 1 92  ? 7.713   7.443   14.812  1.00 7.41  ? 157 GLN A CB  1 
ATOM   643  C  CG  . GLN A 1 92  ? 8.854   7.699   15.769  1.00 10.26 ? 157 GLN A CG  1 
ATOM   644  C  CD  . GLN A 1 92  ? 10.199  7.487   15.106  1.00 12.79 ? 157 GLN A CD  1 
ATOM   645  O  OE1 . GLN A 1 92  ? 10.362  6.582   14.282  1.00 13.48 ? 157 GLN A OE1 1 
ATOM   646  N  NE2 . GLN A 1 92  ? 11.174  8.319   15.464  1.00 20.81 ? 157 GLN A NE2 1 
ATOM   647  N  N   . LEU A 1 93  ? 4.987   6.246   14.013  1.00 6.21  ? 158 LEU A N   1 
ATOM   648  C  CA  . LEU A 1 93  ? 4.067   5.874   12.952  1.00 5.80  ? 158 LEU A CA  1 
ATOM   649  C  C   . LEU A 1 93  ? 2.695   6.533   13.115  1.00 6.54  ? 158 LEU A C   1 
ATOM   650  O  O   . LEU A 1 93  ? 2.063   6.909   12.128  1.00 6.59  ? 158 LEU A O   1 
ATOM   651  C  CB  . LEU A 1 93  ? 3.920   4.349   12.892  1.00 3.98  ? 158 LEU A CB  1 
ATOM   652  C  CG  . LEU A 1 93  ? 3.765   3.728   11.495  1.00 2.81  ? 158 LEU A CG  1 
ATOM   653  C  CD1 . LEU A 1 93  ? 3.824   2.224   11.599  1.00 2.81  ? 158 LEU A CD1 1 
ATOM   654  C  CD2 . LEU A 1 93  ? 2.459   4.146   10.853  1.00 2.81  ? 158 LEU A CD2 1 
ATOM   655  N  N   . SER A 1 94  ? 2.241   6.690   14.355  1.00 6.68  ? 159 SER A N   1 
ATOM   656  C  CA  . SER A 1 94  ? 0.932   7.292   14.607  1.00 7.68  ? 159 SER A CA  1 
ATOM   657  C  C   . SER A 1 94  ? 0.822   8.735   14.127  1.00 8.95  ? 159 SER A C   1 
ATOM   658  O  O   . SER A 1 94  ? -0.278  9.258   13.981  1.00 9.36  ? 159 SER A O   1 
ATOM   659  C  CB  . SER A 1 94  ? 0.596   7.240   16.100  1.00 7.94  ? 159 SER A CB  1 
ATOM   660  O  OG  . SER A 1 94  ? 1.237   8.285   16.816  1.00 9.47  ? 159 SER A OG  1 
ATOM   661  N  N   . ASN A 1 95  ? 1.955   9.381   13.887  1.00 10.54 ? 160 ASN A N   1 
ATOM   662  C  CA  . ASN A 1 95  ? 1.943   10.770  13.436  1.00 12.03 ? 160 ASN A CA  1 
ATOM   663  C  C   . ASN A 1 95  ? 1.645   10.889  11.944  1.00 11.84 ? 160 ASN A C   1 
ATOM   664  O  O   . ASN A 1 95  ? 1.183   11.928  11.480  1.00 11.68 ? 160 ASN A O   1 
ATOM   665  C  CB  . ASN A 1 95  ? 3.295   11.435  13.712  1.00 15.20 ? 160 ASN A CB  1 
ATOM   666  C  CG  . ASN A 1 95  ? 3.618   11.531  15.189  1.00 19.11 ? 160 ASN A CG  1 
ATOM   667  O  OD1 . ASN A 1 95  ? 4.696   11.995  15.563  1.00 22.03 ? 160 ASN A OD1 1 
ATOM   668  N  ND2 . ASN A 1 95  ? 2.688   11.101  16.038  1.00 22.55 ? 160 ASN A ND2 1 
ATOM   669  N  N   . LEU A 1 96  ? 1.918   9.822   11.197  1.00 11.16 ? 161 LEU A N   1 
ATOM   670  C  CA  . LEU A 1 96  ? 1.717   9.818   9.750   1.00 10.33 ? 161 LEU A CA  1 
ATOM   671  C  C   . LEU A 1 96  ? 0.301   10.056  9.255   1.00 10.93 ? 161 LEU A C   1 
ATOM   672  O  O   . LEU A 1 96  ? -0.680  9.849   9.971   1.00 9.88  ? 161 LEU A O   1 
ATOM   673  C  CB  . LEU A 1 96  ? 2.219   8.505   9.152   1.00 8.10  ? 161 LEU A CB  1 
ATOM   674  C  CG  . LEU A 1 96  ? 3.721   8.264   9.227   1.00 8.77  ? 161 LEU A CG  1 
ATOM   675  C  CD1 . LEU A 1 96  ? 4.054   6.934   8.569   1.00 7.39  ? 161 LEU A CD1 1 
ATOM   676  C  CD2 . LEU A 1 96  ? 4.452   9.402   8.542   1.00 7.44  ? 161 LEU A CD2 1 
ATOM   677  N  N   . ARG A 1 97  ? 0.224   10.483  8.000   1.00 12.17 ? 162 ARG A N   1 
ATOM   678  C  CA  . ARG A 1 97  ? -1.036  10.751  7.326   1.00 12.96 ? 162 ARG A CA  1 
ATOM   679  C  C   . ARG A 1 97  ? -1.739  9.423   7.070   1.00 12.25 ? 162 ARG A C   1 
ATOM   680  O  O   . ARG A 1 97  ? -1.119  8.473   6.593   1.00 11.94 ? 162 ARG A O   1 
ATOM   681  C  CB  . ARG A 1 97  ? -0.751  11.426  5.987   1.00 17.16 ? 162 ARG A CB  1 
ATOM   682  C  CG  . ARG A 1 97  ? -1.750  12.472  5.575   1.00 20.48 ? 162 ARG A CG  1 
ATOM   683  C  CD  . ARG A 1 97  ? -3.069  11.904  5.133   1.00 23.61 ? 162 ARG A CD  1 
ATOM   684  N  NE  . ARG A 1 97  ? -4.078  12.957  5.185   1.00 31.18 ? 162 ARG A NE  1 
ATOM   685  C  CZ  . ARG A 1 97  ? -5.301  12.854  4.680   1.00 34.69 ? 162 ARG A CZ  1 
ATOM   686  N  NH1 . ARG A 1 97  ? -5.671  11.730  4.068   1.00 37.71 ? 162 ARG A NH1 1 
ATOM   687  N  NH2 . ARG A 1 97  ? -6.153  13.871  4.798   1.00 33.41 ? 162 ARG A NH2 1 
ATOM   688  N  N   . GLY A 1 98  ? -3.027  9.353   7.381   1.00 11.40 ? 163 GLY A N   1 
ATOM   689  C  CA  . GLY A 1 98  ? -3.761  8.124   7.144   1.00 10.41 ? 163 GLY A CA  1 
ATOM   690  C  C   . GLY A 1 98  ? -3.437  6.996   8.105   1.00 10.12 ? 163 GLY A C   1 
ATOM   691  O  O   . GLY A 1 98  ? -3.678  5.827   7.808   1.00 10.26 ? 163 GLY A O   1 
ATOM   692  N  N   . TYR A 1 99  ? -2.894  7.337   9.266   1.00 10.22 ? 164 TYR A N   1 
ATOM   693  C  CA  . TYR A 1 99  ? -2.563  6.331   10.258  1.00 8.27  ? 164 TYR A CA  1 
ATOM   694  C  C   . TYR A 1 99  ? -3.811  5.588   10.718  1.00 8.44  ? 164 TYR A C   1 
ATOM   695  O  O   . TYR A 1 99  ? -4.836  6.207   11.007  1.00 7.87  ? 164 TYR A O   1 
ATOM   696  C  CB  . TYR A 1 99  ? -1.910  6.982   11.476  1.00 6.86  ? 164 TYR A CB  1 
ATOM   697  C  CG  . TYR A 1 99  ? -1.679  6.013   12.617  1.00 5.23  ? 164 TYR A CG  1 
ATOM   698  C  CD1 . TYR A 1 99  ? -0.639  5.086   12.574  1.00 4.68  ? 164 TYR A CD1 1 
ATOM   699  C  CD2 . TYR A 1 99  ? -2.521  6.006   13.727  1.00 3.34  ? 164 TYR A CD2 1 
ATOM   700  C  CE1 . TYR A 1 99  ? -0.442  4.176   13.611  1.00 5.34  ? 164 TYR A CE1 1 
ATOM   701  C  CE2 . TYR A 1 99  ? -2.335  5.099   14.770  1.00 4.01  ? 164 TYR A CE2 1 
ATOM   702  C  CZ  . TYR A 1 99  ? -1.294  4.189   14.707  1.00 5.18  ? 164 TYR A CZ  1 
ATOM   703  O  OH  . TYR A 1 99  ? -1.098  3.300   15.739  1.00 4.00  ? 164 TYR A OH  1 
ATOM   704  N  N   . VAL A 1 100 ? -3.721  4.263   10.771  1.00 9.27  ? 165 VAL A N   1 
ATOM   705  C  CA  . VAL A 1 100 ? -4.821  3.426   11.247  1.00 10.53 ? 165 VAL A CA  1 
ATOM   706  C  C   . VAL A 1 100 ? -4.216  2.346   12.131  1.00 11.45 ? 165 VAL A C   1 
ATOM   707  O  O   . VAL A 1 100 ? -3.068  1.942   11.934  1.00 12.26 ? 165 VAL A O   1 
ATOM   708  C  CB  . VAL A 1 100 ? -5.608  2.749   10.099  1.00 9.77  ? 165 VAL A CB  1 
ATOM   709  C  CG1 . VAL A 1 100 ? -6.406  3.785   9.343   1.00 9.56  ? 165 VAL A CG1 1 
ATOM   710  C  CG2 . VAL A 1 100 ? -4.661  2.022   9.169   1.00 9.54  ? 165 VAL A CG2 1 
ATOM   711  N  N   . SER A 1 101 ? -4.983  1.890   13.113  1.00 11.69 ? 166 SER A N   1 
ATOM   712  C  CA  . SER A 1 101 ? -4.504  0.872   14.035  1.00 12.56 ? 166 SER A CA  1 
ATOM   713  C  C   . SER A 1 101 ? -5.644  -0.040  14.454  1.00 12.27 ? 166 SER A C   1 
ATOM   714  O  O   . SER A 1 101 ? -6.786  0.402   14.589  1.00 11.78 ? 166 SER A O   1 
ATOM   715  C  CB  . SER A 1 101 ? -3.891  1.540   15.270  1.00 13.65 ? 166 SER A CB  1 
ATOM   716  O  OG  . SER A 1 101 ? -3.703  0.610   16.325  1.00 17.63 ? 166 SER A OG  1 
ATOM   717  N  N   . GLY A 1 102 ? -5.336  -1.313  14.664  1.00 11.16 ? 167 GLY A N   1 
ATOM   718  C  CA  . GLY A 1 102 ? -6.374  -2.234  15.073  1.00 11.90 ? 167 GLY A CA  1 
ATOM   719  C  C   . GLY A 1 102 ? -5.872  -3.612  15.438  1.00 12.22 ? 167 GLY A C   1 
ATOM   720  O  O   . GLY A 1 102 ? -4.745  -3.989  15.105  1.00 12.54 ? 167 GLY A O   1 
ATOM   721  N  N   . GLN A 1 103 ? -6.719  -4.366  16.130  1.00 12.27 ? 168 GLN A N   1 
ATOM   722  C  CA  . GLN A 1 103 ? -6.372  -5.719  16.544  1.00 11.44 ? 168 GLN A CA  1 
ATOM   723  C  C   . GLN A 1 103 ? -6.192  -6.569  15.291  1.00 10.10 ? 168 GLN A C   1 
ATOM   724  O  O   . GLN A 1 103 ? -6.925  -6.440  14.311  1.00 9.99  ? 168 GLN A O   1 
ATOM   725  C  CB  . GLN A 1 103 ? -7.476  -6.302  17.428  1.00 11.96 ? 168 GLN A CB  1 
ATOM   726  C  CG  . GLN A 1 103 ? -8.200  -5.244  18.237  1.00 15.53 ? 168 GLN A CG  1 
ATOM   727  C  CD  . GLN A 1 103 ? -9.302  -5.817  19.093  1.00 17.05 ? 168 GLN A CD  1 
ATOM   728  O  OE1 . GLN A 1 103 ? -9.039  -6.427  20.131  1.00 16.54 ? 168 GLN A OE1 1 
ATOM   729  N  NE2 . GLN A 1 103 ? -10.551 -5.633  18.659  1.00 18.25 ? 168 GLN A NE2 1 
ATOM   730  N  N   . VAL A 1 104 ? -5.199  -7.439  15.336  1.00 8.79  ? 169 VAL A N   1 
ATOM   731  C  CA  . VAL A 1 104 ? -4.876  -8.306  14.226  1.00 6.81  ? 169 VAL A CA  1 
ATOM   732  C  C   . VAL A 1 104 ? -6.054  -9.181  13.758  1.00 7.49  ? 169 VAL A C   1 
ATOM   733  O  O   . VAL A 1 104 ? -6.036  -9.718  12.648  1.00 7.31  ? 169 VAL A O   1 
ATOM   734  C  CB  . VAL A 1 104 ? -3.640  -9.150  14.619  1.00 4.86  ? 169 VAL A CB  1 
ATOM   735  C  CG1 . VAL A 1 104 ? -3.984  -10.618 14.694  1.00 6.19  ? 169 VAL A CG1 1 
ATOM   736  C  CG2 . VAL A 1 104 ? -2.521  -8.875  13.657  1.00 3.93  ? 169 VAL A CG2 1 
ATOM   737  N  N   . TRP A 1 105 ? -7.084  -9.309  14.592  1.00 8.64  ? 170 TRP A N   1 
ATOM   738  C  CA  . TRP A 1 105 ? -8.259  -10.112 14.241  1.00 9.68  ? 170 TRP A CA  1 
ATOM   739  C  C   . TRP A 1 105 ? -9.493  -9.273  13.904  1.00 10.54 ? 170 TRP A C   1 
ATOM   740  O  O   . TRP A 1 105 ? -10.573 -9.812  13.669  1.00 10.17 ? 170 TRP A O   1 
ATOM   741  C  CB  . TRP A 1 105 ? -8.614  -11.087 15.370  1.00 8.70  ? 170 TRP A CB  1 
ATOM   742  C  CG  . TRP A 1 105 ? -8.851  -10.442 16.705  1.00 8.02  ? 170 TRP A CG  1 
ATOM   743  C  CD1 . TRP A 1 105 ? -7.911  -10.129 17.644  1.00 9.53  ? 170 TRP A CD1 1 
ATOM   744  C  CD2 . TRP A 1 105 ? -10.111 -10.046 17.255  1.00 7.90  ? 170 TRP A CD2 1 
ATOM   745  N  NE1 . TRP A 1 105 ? -8.506  -9.567  18.747  1.00 8.59  ? 170 TRP A NE1 1 
ATOM   746  C  CE2 . TRP A 1 105 ? -9.857  -9.503  18.536  1.00 7.29  ? 170 TRP A CE2 1 
ATOM   747  C  CE3 . TRP A 1 105 ? -11.431 -10.094 16.791  1.00 7.06  ? 170 TRP A CE3 1 
ATOM   748  C  CZ2 . TRP A 1 105 ? -10.874 -9.014  19.358  1.00 6.36  ? 170 TRP A CZ2 1 
ATOM   749  C  CZ3 . TRP A 1 105 ? -12.442 -9.604  17.610  1.00 5.98  ? 170 TRP A CZ3 1 
ATOM   750  C  CH2 . TRP A 1 105 ? -12.156 -9.072  18.879  1.00 5.70  ? 170 TRP A CH2 1 
ATOM   751  N  N   . SER A 1 106 ? -9.321  -7.956  13.886  1.00 11.73 ? 171 SER A N   1 
ATOM   752  C  CA  . SER A 1 106 ? -10.399 -7.025  13.558  1.00 12.95 ? 171 SER A CA  1 
ATOM   753  C  C   . SER A 1 106 ? -10.189 -6.555  12.114  1.00 14.06 ? 171 SER A C   1 
ATOM   754  O  O   . SER A 1 106 ? -9.178  -6.887  11.493  1.00 14.27 ? 171 SER A O   1 
ATOM   755  C  CB  . SER A 1 106 ? -10.352 -5.831  14.531  1.00 12.97 ? 171 SER A CB  1 
ATOM   756  O  OG  . SER A 1 106 ? -11.151 -4.731  14.105  1.00 14.43 ? 171 SER A OG  1 
ATOM   757  N  N   . GLY A 1 107 ? -11.147 -5.805  11.572  1.00 14.84 ? 172 GLY A N   1 
ATOM   758  C  CA  . GLY A 1 107 ? -11.001 -5.291  10.220  1.00 14.38 ? 172 GLY A CA  1 
ATOM   759  C  C   . GLY A 1 107 ? -11.897 -5.894  9.159   1.00 14.62 ? 172 GLY A C   1 
ATOM   760  O  O   . GLY A 1 107 ? -11.829 -5.496  7.992   1.00 15.19 ? 172 GLY A O   1 
ATOM   761  N  N   . SER A 1 108 ? -12.735 -6.844  9.556   1.00 13.70 ? 173 SER A N   1 
ATOM   762  C  CA  . SER A 1 108 ? -13.640 -7.499  8.623   1.00 12.51 ? 173 SER A CA  1 
ATOM   763  C  C   . SER A 1 108 ? -14.500 -6.496  7.870   1.00 12.30 ? 173 SER A C   1 
ATOM   764  O  O   . SER A 1 108 ? -14.785 -6.683  6.688   1.00 13.14 ? 173 SER A O   1 
ATOM   765  C  CB  . SER A 1 108 ? -14.543 -8.483  9.365   1.00 12.74 ? 173 SER A CB  1 
ATOM   766  O  OG  . SER A 1 108 ? -13.774 -9.489  10.003  1.00 16.79 ? 173 SER A OG  1 
ATOM   767  N  N   . ALA A 1 109 ? -14.907 -5.430  8.554   1.00 11.67 ? 174 ALA A N   1 
ATOM   768  C  CA  . ALA A 1 109 ? -15.748 -4.403  7.948   1.00 10.55 ? 174 ALA A CA  1 
ATOM   769  C  C   . ALA A 1 109 ? -15.119 -3.771  6.708   1.00 10.21 ? 174 ALA A C   1 
ATOM   770  O  O   . ALA A 1 109 ? -15.812 -3.168  5.888   1.00 10.62 ? 174 ALA A O   1 
ATOM   771  C  CB  . ALA A 1 109 ? -16.059 -3.333  8.965   1.00 9.83  ? 174 ALA A CB  1 
ATOM   772  N  N   . GLY A 1 110 ? -13.806 -3.912  6.573   1.00 9.75  ? 175 GLY A N   1 
ATOM   773  C  CA  . GLY A 1 110 ? -13.125 -3.344  5.428   1.00 9.26  ? 175 GLY A CA  1 
ATOM   774  C  C   . GLY A 1 110 ? -13.484 -4.026  4.120   1.00 9.23  ? 175 GLY A C   1 
ATOM   775  O  O   . GLY A 1 110 ? -13.224 -3.485  3.043   1.00 9.09  ? 175 GLY A O   1 
ATOM   776  N  N   . LEU A 1 111 ? -14.078 -5.213  4.205   1.00 8.99  ? 176 LEU A N   1 
ATOM   777  C  CA  . LEU A 1 111 ? -14.463 -5.961  3.011   1.00 9.21  ? 176 LEU A CA  1 
ATOM   778  C  C   . LEU A 1 111 ? -15.319 -5.079  2.108   1.00 10.01 ? 176 LEU A C   1 
ATOM   779  O  O   . LEU A 1 111 ? -15.199 -5.126  0.886   1.00 9.39  ? 176 LEU A O   1 
ATOM   780  C  CB  . LEU A 1 111 ? -15.231 -7.222  3.409   1.00 7.94  ? 176 LEU A CB  1 
ATOM   781  C  CG  . LEU A 1 111 ? -15.594 -8.201  2.291   1.00 7.23  ? 176 LEU A CG  1 
ATOM   782  C  CD1 . LEU A 1 111 ? -14.350 -8.538  1.489   1.00 6.25  ? 176 LEU A CD1 1 
ATOM   783  C  CD2 . LEU A 1 111 ? -16.208 -9.462  2.887   1.00 5.73  ? 176 LEU A CD2 1 
ATOM   784  N  N   . CYS A 1 112 ? -16.175 -4.274  2.732   1.00 11.86 ? 177 CYS A N   1 
ATOM   785  C  CA  . CYS A 1 112 ? -17.056 -3.341  2.036   1.00 12.46 ? 177 CYS A CA  1 
ATOM   786  C  C   . CYS A 1 112 ? -16.314 -2.639  0.891   1.00 12.67 ? 177 CYS A C   1 
ATOM   787  O  O   . CYS A 1 112 ? -16.762 -2.673  -0.253  1.00 12.33 ? 177 CYS A O   1 
ATOM   788  C  CB  . CYS A 1 112 ? -17.598 -2.314  3.045   1.00 11.94 ? 177 CYS A CB  1 
ATOM   789  S  SG  . CYS A 1 112 ? -18.154 -0.723  2.372   1.00 21.12 ? 177 CYS A SG  1 
ATOM   790  N  N   . PHE A 1 113 ? -15.169 -2.029  1.199   1.00 12.23 ? 178 PHE A N   1 
ATOM   791  C  CA  . PHE A 1 113 ? -14.375 -1.315  0.198   1.00 12.91 ? 178 PHE A CA  1 
ATOM   792  C  C   . PHE A 1 113 ? -13.854 -2.181  -0.943  1.00 14.97 ? 178 PHE A C   1 
ATOM   793  O  O   . PHE A 1 113 ? -13.858 -1.760  -2.098  1.00 15.14 ? 178 PHE A O   1 
ATOM   794  C  CB  . PHE A 1 113 ? -13.172 -0.627  0.848   1.00 10.62 ? 178 PHE A CB  1 
ATOM   795  C  CG  . PHE A 1 113 ? -13.528 0.298   1.965   1.00 9.76  ? 178 PHE A CG  1 
ATOM   796  C  CD1 . PHE A 1 113 ? -13.199 -0.023  3.279   1.00 10.54 ? 178 PHE A CD1 1 
ATOM   797  C  CD2 . PHE A 1 113 ? -14.181 1.493   1.711   1.00 7.09  ? 178 PHE A CD2 1 
ATOM   798  C  CE1 . PHE A 1 113 ? -13.519 0.841   4.327   1.00 8.56  ? 178 PHE A CE1 1 
ATOM   799  C  CE2 . PHE A 1 113 ? -14.504 2.359   2.749   1.00 6.43  ? 178 PHE A CE2 1 
ATOM   800  C  CZ  . PHE A 1 113 ? -14.172 2.032   4.061   1.00 6.26  ? 178 PHE A CZ  1 
ATOM   801  N  N   . ILE A 1 114 ? -13.383 -3.379  -0.614  1.00 17.87 ? 179 ILE A N   1 
ATOM   802  C  CA  . ILE A 1 114 ? -12.836 -4.294  -1.611  1.00 20.32 ? 179 ILE A CA  1 
ATOM   803  C  C   . ILE A 1 114 ? -13.900 -4.756  -2.589  1.00 25.50 ? 179 ILE A C   1 
ATOM   804  O  O   . ILE A 1 114 ? -13.741 -4.663  -3.806  1.00 24.71 ? 179 ILE A O   1 
ATOM   805  C  CB  . ILE A 1 114 ? -12.230 -5.532  -0.932  1.00 16.06 ? 179 ILE A CB  1 
ATOM   806  C  CG1 . ILE A 1 114 ? -11.073 -5.108  -0.037  1.00 13.49 ? 179 ILE A CG1 1 
ATOM   807  C  CG2 . ILE A 1 114 ? -11.761 -6.522  -1.971  1.00 13.35 ? 179 ILE A CG2 1 
ATOM   808  C  CD1 . ILE A 1 114 ? -10.435 -6.239  0.704   1.00 12.53 ? 179 ILE A CD1 1 
ATOM   809  N  N   . ASN A 1 115 ? -14.989 -5.257  -2.024  1.00 34.79 ? 180 ASN A N   1 
ATOM   810  C  CA  . ASN A 1 115 ? -16.116 -5.769  -2.785  1.00 41.81 ? 180 ASN A CA  1 
ATOM   811  C  C   . ASN A 1 115 ? -16.698 -4.709  -3.706  1.00 45.37 ? 180 ASN A C   1 
ATOM   812  O  O   . ASN A 1 115 ? -17.395 -5.028  -4.664  1.00 46.78 ? 180 ASN A O   1 
ATOM   813  C  CB  . ASN A 1 115 ? -17.184 -6.269  -1.813  1.00 45.20 ? 180 ASN A CB  1 
ATOM   814  C  CG  . ASN A 1 115 ? -18.176 -7.194  -2.467  1.00 48.81 ? 180 ASN A CG  1 
ATOM   815  O  OD1 . ASN A 1 115 ? -17.825 -7.973  -3.357  1.00 51.26 ? 180 ASN A OD1 1 
ATOM   816  N  ND2 . ASN A 1 115 ? -19.423 -7.134  -2.018  1.00 52.09 ? 180 ASN A ND2 1 
ATOM   817  N  N   . GLY A 1 116 ? -16.404 -3.445  -3.417  1.00 49.42 ? 181 GLY A N   1 
ATOM   818  C  CA  . GLY A 1 116 ? -16.924 -2.364  -4.232  1.00 52.80 ? 181 GLY A CA  1 
ATOM   819  C  C   . GLY A 1 116 ? -18.321 -1.974  -3.781  1.00 56.07 ? 181 GLY A C   1 
ATOM   820  O  O   . GLY A 1 116 ? -18.803 -0.888  -4.100  1.00 57.56 ? 181 GLY A O   1 
ATOM   821  N  N   . THR A 1 117 ? -18.968 -2.866  -3.036  1.00 59.85 ? 182 THR A N   1 
ATOM   822  C  CA  . THR A 1 117 ? -20.317 -2.632  -2.528  1.00 63.08 ? 182 THR A CA  1 
ATOM   823  C  C   . THR A 1 117 ? -20.393 -1.434  -1.586  1.00 64.89 ? 182 THR A C   1 
ATOM   824  O  O   . THR A 1 117 ? -19.380 -1.003  -1.033  1.00 65.36 ? 182 THR A O   1 
ATOM   825  C  CB  . THR A 1 117 ? -20.833 -3.868  -1.782  1.00 60.89 ? 182 THR A CB  1 
ATOM   826  O  OG1 . THR A 1 117 ? -19.762 -4.442  -1.020  1.00 60.50 ? 182 THR A OG1 1 
ATOM   827  C  CG2 . THR A 1 117 ? -21.372 -4.893  -2.762  1.00 63.16 ? 182 THR A CG2 1 
ATOM   828  N  N   . ARG A 1 118 ? -21.601 -0.901  -1.408  1.00 68.31 ? 183 ARG A N   1 
ATOM   829  C  CA  . ARG A 1 118 ? -21.814 0.247   -0.527  1.00 70.31 ? 183 ARG A CA  1 
ATOM   830  C  C   . ARG A 1 118 ? -22.161 -0.250  0.872   1.00 70.88 ? 183 ARG A C   1 
ATOM   831  O  O   . ARG A 1 118 ? -23.015 -1.125  1.026   1.00 70.93 ? 183 ARG A O   1 
ATOM   832  C  CB  . ARG A 1 118 ? -22.940 1.122   -1.068  1.00 70.68 ? 183 ARG A CB  1 
ATOM   833  N  N   . CYS A 1 119 ? -21.504 0.299   1.892   1.00 69.67 ? 184 CYS A N   1 
ATOM   834  C  CA  . CYS A 1 119 ? -21.776 -0.137  3.255   1.00 68.74 ? 184 CYS A CA  1 
ATOM   835  C  C   . CYS A 1 119 ? -21.702 0.979   4.286   1.00 65.63 ? 184 CYS A C   1 
ATOM   836  O  O   . CYS A 1 119 ? -21.090 2.020   4.047   1.00 65.30 ? 184 CYS A O   1 
ATOM   837  C  CB  . CYS A 1 119 ? -20.815 -1.260  3.640   1.00 73.24 ? 184 CYS A CB  1 
ATOM   838  S  SG  . CYS A 1 119 ? -20.749 -2.618  2.440   1.00 79.15 ? 184 CYS A SG  1 
ATOM   839  N  N   . SER A 1 120 ? -22.315 0.734   5.442   1.00 58.65 ? 185 SER A N   1 
ATOM   840  C  CA  . SER A 1 120 ? -22.366 1.715   6.518   1.00 52.89 ? 185 SER A CA  1 
ATOM   841  C  C   . SER A 1 120 ? -21.395 1.485   7.676   1.00 49.01 ? 185 SER A C   1 
ATOM   842  O  O   . SER A 1 120 ? -20.617 2.374   8.028   1.00 48.84 ? 185 SER A O   1 
ATOM   843  C  CB  . SER A 1 120 ? -23.791 1.796   7.056   1.00 54.55 ? 185 SER A CB  1 
ATOM   844  N  N   . ASP A 1 121 ? -21.454 0.293   8.265   1.00 42.16 ? 186 ASP A N   1 
ATOM   845  C  CA  . ASP A 1 121 ? -20.619 -0.062  9.411   1.00 37.14 ? 186 ASP A CA  1 
ATOM   846  C  C   . ASP A 1 121 ? -19.117 -0.175  9.145   1.00 33.94 ? 186 ASP A C   1 
ATOM   847  O  O   . ASP A 1 121 ? -18.510 -1.232  9.319   1.00 34.25 ? 186 ASP A O   1 
ATOM   848  C  CB  . ASP A 1 121 ? -21.153 -1.356  10.052  1.00 37.75 ? 186 ASP A CB  1 
ATOM   849  C  CG  . ASP A 1 121 ? -21.457 -2.442  9.033   1.00 37.74 ? 186 ASP A CG  1 
ATOM   850  O  OD1 . ASP A 1 121 ? -22.010 -2.106  7.963   1.00 37.49 ? 186 ASP A OD1 1 
ATOM   851  O  OD2 . ASP A 1 121 ? -21.162 -3.631  9.310   1.00 37.45 ? 186 ASP A OD2 1 
ATOM   852  N  N   . THR A 1 122 ? -18.519 0.946   8.772   1.00 28.99 ? 187 THR A N   1 
ATOM   853  C  CA  . THR A 1 122 ? -17.102 1.006   8.461   1.00 24.65 ? 187 THR A CA  1 
ATOM   854  C  C   . THR A 1 122 ? -16.174 1.414   9.610   1.00 23.41 ? 187 THR A C   1 
ATOM   855  O  O   . THR A 1 122 ? -14.960 1.246   9.518   1.00 23.68 ? 187 THR A O   1 
ATOM   856  C  CB  . THR A 1 122 ? -16.907 1.941   7.262   1.00 23.69 ? 187 THR A CB  1 
ATOM   857  O  OG1 . THR A 1 122 ? -17.038 1.174   6.064   1.00 22.30 ? 187 THR A OG1 1 
ATOM   858  C  CG2 . THR A 1 122 ? -15.554 2.638   7.298   1.00 25.24 ? 187 THR A CG2 1 
ATOM   859  N  N   . SER A 1 123 ? -16.741 1.928   10.694  1.00 22.40 ? 188 SER A N   1 
ATOM   860  C  CA  . SER A 1 123 ? -15.950 2.368   11.842  1.00 20.72 ? 188 SER A CA  1 
ATOM   861  C  C   . SER A 1 123 ? -14.752 1.507   12.176  1.00 20.01 ? 188 SER A C   1 
ATOM   862  O  O   . SER A 1 123 ? -13.653 2.008   12.397  1.00 20.83 ? 188 SER A O   1 
ATOM   863  C  CB  . SER A 1 123 ? -16.827 2.447   13.083  1.00 22.96 ? 188 SER A CB  1 
ATOM   864  O  OG  . SER A 1 123 ? -17.882 3.367   12.886  1.00 27.42 ? 188 SER A OG  1 
ATOM   865  N  N   . THR A 1 124 ? -14.974 0.201   12.211  1.00 19.69 ? 189 THR A N   1 
ATOM   866  C  CA  . THR A 1 124 ? -13.938 -0.757  12.565  1.00 16.99 ? 189 THR A CA  1 
ATOM   867  C  C   . THR A 1 124 ? -12.912 -1.127  11.502  1.00 15.39 ? 189 THR A C   1 
ATOM   868  O  O   . THR A 1 124 ? -11.889 -1.739  11.816  1.00 16.73 ? 189 THR A O   1 
ATOM   869  C  CB  . THR A 1 124 ? -14.589 -2.034  13.041  1.00 16.10 ? 189 THR A CB  1 
ATOM   870  O  OG1 . THR A 1 124 ? -15.616 -2.404  12.113  1.00 14.51 ? 189 THR A OG1 1 
ATOM   871  C  CG2 . THR A 1 124 ? -15.196 -1.818  14.401  1.00 15.23 ? 189 THR A CG2 1 
ATOM   872  N  N   . ALA A 1 125 ? -13.181 -0.754  10.257  1.00 13.53 ? 190 ALA A N   1 
ATOM   873  C  CA  . ALA A 1 125 ? -12.295 -1.078  9.144   1.00 12.82 ? 190 ALA A CA  1 
ATOM   874  C  C   . ALA A 1 125 ? -10.862 -0.584  9.298   1.00 12.39 ? 190 ALA A C   1 
ATOM   875  O  O   . ALA A 1 125 ? -10.629 0.603   9.533   1.00 11.99 ? 190 ALA A O   1 
ATOM   876  C  CB  . ALA A 1 125 ? -12.890 -0.541  7.840   1.00 10.42 ? 190 ALA A CB  1 
ATOM   877  N  N   . ILE A 1 126 ? -9.905  -1.504  9.168   1.00 11.64 ? 191 ILE A N   1 
ATOM   878  C  CA  . ILE A 1 126 ? -8.488  -1.149  9.249   1.00 10.64 ? 191 ILE A CA  1 
ATOM   879  C  C   . ILE A 1 126 ? -8.117  -0.850  7.795   1.00 10.54 ? 191 ILE A C   1 
ATOM   880  O  O   . ILE A 1 126 ? -7.411  -1.627  7.155   1.00 10.63 ? 191 ILE A O   1 
ATOM   881  C  CB  . ILE A 1 126 ? -7.599  -2.333  9.731   1.00 10.61 ? 191 ILE A CB  1 
ATOM   882  C  CG1 . ILE A 1 126 ? -8.250  -3.087  10.899  1.00 9.60  ? 191 ILE A CG1 1 
ATOM   883  C  CG2 . ILE A 1 126 ? -6.242  -1.812  10.144  1.00 8.41  ? 191 ILE A CG2 1 
ATOM   884  C  CD1 . ILE A 1 126 ? -8.298  -2.343  12.196  1.00 10.78 ? 191 ILE A CD1 1 
ATOM   885  N  N   . SER A 1 127 ? -8.614  0.266   7.275   1.00 9.62  ? 192 SER A N   1 
ATOM   886  C  CA  . SER A 1 127 ? -8.364  0.644   5.889   1.00 9.99  ? 192 SER A CA  1 
ATOM   887  C  C   . SER A 1 127 ? -7.948  2.110   5.807   1.00 10.37 ? 192 SER A C   1 
ATOM   888  O  O   . SER A 1 127 ? -8.406  2.935   6.596   1.00 11.85 ? 192 SER A O   1 
ATOM   889  C  CB  . SER A 1 127 ? -9.636  0.408   5.066   1.00 10.24 ? 192 SER A CB  1 
ATOM   890  O  OG  . SER A 1 127 ? -9.439  0.654   3.687   1.00 13.50 ? 192 SER A OG  1 
ATOM   891  N  N   . THR A 1 128 ? -7.083  2.440   4.855   1.00 9.93  ? 193 THR A N   1 
ATOM   892  C  CA  . THR A 1 128 ? -6.630  3.817   4.716   1.00 10.45 ? 193 THR A CA  1 
ATOM   893  C  C   . THR A 1 128 ? -6.472  4.224   3.252   1.00 10.99 ? 193 THR A C   1 
ATOM   894  O  O   . THR A 1 128 ? -6.105  3.405   2.411   1.00 10.32 ? 193 THR A O   1 
ATOM   895  C  CB  . THR A 1 128 ? -5.301  4.022   5.451   1.00 10.02 ? 193 THR A CB  1 
ATOM   896  O  OG1 . THR A 1 128 ? -4.955  5.410   5.424   1.00 11.94 ? 193 THR A OG1 1 
ATOM   897  C  CG2 . THR A 1 128 ? -4.198  3.213   4.797   1.00 8.87  ? 193 THR A CG2 1 
ATOM   898  N  N   . THR A 1 129 ? -6.747  5.492   2.956   1.00 12.76 ? 194 THR A N   1 
ATOM   899  C  CA  . THR A 1 129 ? -6.661  5.994   1.585   1.00 14.79 ? 194 THR A CA  1 
ATOM   900  C  C   . THR A 1 129 ? -5.643  7.110   1.375   1.00 14.60 ? 194 THR A C   1 
ATOM   901  O  O   . THR A 1 129 ? -5.390  7.920   2.268   1.00 17.11 ? 194 THR A O   1 
ATOM   902  C  CB  . THR A 1 129 ? -8.020  6.504   1.104   1.00 15.98 ? 194 THR A CB  1 
ATOM   903  O  OG1 . THR A 1 129 ? -8.998  5.478   1.278   1.00 18.82 ? 194 THR A OG1 1 
ATOM   904  C  CG2 . THR A 1 129 ? -7.964  6.850   -0.360  1.00 16.85 ? 194 THR A CG2 1 
ATOM   905  N  N   . LEU A 1 130 ? -5.094  7.165   0.167   1.00 12.50 ? 195 LEU A N   1 
ATOM   906  C  CA  . LEU A 1 130 ? -4.084  8.151   -0.189  1.00 11.33 ? 195 LEU A CA  1 
ATOM   907  C  C   . LEU A 1 130 ? -4.633  9.538   -0.561  1.00 11.32 ? 195 LEU A C   1 
ATOM   908  O  O   . LEU A 1 130 ? -5.699  9.633   -1.166  1.00 9.31  ? 195 LEU A O   1 
ATOM   909  C  CB  . LEU A 1 130 ? -3.257  7.593   -1.345  1.00 9.92  ? 195 LEU A CB  1 
ATOM   910  C  CG  . LEU A 1 130 ? -1.984  8.356   -1.683  1.00 9.28  ? 195 LEU A CG  1 
ATOM   911  C  CD1 . LEU A 1 130 ? -1.074  8.406   -0.462  1.00 7.99  ? 195 LEU A CD1 1 
ATOM   912  C  CD2 . LEU A 1 130 ? -1.307  7.679   -2.851  1.00 8.92  ? 195 LEU A CD2 1 
ATOM   913  N  N   . ASP A 1 131 ? -3.889  10.594  -0.197  1.00 12.75 ? 196 ASP A N   1 
ATOM   914  C  CA  . ASP A 1 131 ? -4.249  11.993  -0.492  1.00 13.17 ? 196 ASP A CA  1 
ATOM   915  C  C   . ASP A 1 131 ? -4.615  12.129  -1.953  1.00 14.60 ? 196 ASP A C   1 
ATOM   916  O  O   . ASP A 1 131 ? -5.641  12.711  -2.298  1.00 18.60 ? 196 ASP A O   1 
ATOM   917  C  CB  . ASP A 1 131 ? -3.080  12.944  -0.272  1.00 14.66 ? 196 ASP A CB  1 
ATOM   918  C  CG  . ASP A 1 131 ? -2.370  12.700  1.018   1.00 16.58 ? 196 ASP A CG  1 
ATOM   919  O  OD1 . ASP A 1 131 ? -2.004  11.536  1.269   1.00 19.20 ? 196 ASP A OD1 1 
ATOM   920  O  OD2 . ASP A 1 131 ? -2.161  13.675  1.768   1.00 17.93 ? 196 ASP A OD2 1 
ATOM   921  N  N   . VAL A 1 132 ? -3.736  11.626  -2.811  1.00 13.09 ? 197 VAL A N   1 
ATOM   922  C  CA  . VAL A 1 132 ? -3.959  11.660  -4.248  1.00 11.59 ? 197 VAL A CA  1 
ATOM   923  C  C   . VAL A 1 132 ? -3.908  13.081  -4.801  1.00 11.47 ? 197 VAL A C   1 
ATOM   924  O  O   . VAL A 1 132 ? -3.159  13.361  -5.739  1.00 12.92 ? 197 VAL A O   1 
ATOM   925  C  CB  . VAL A 1 132 ? -5.311  10.973  -4.603  1.00 7.09  ? 197 VAL A CB  1 
ATOM   926  C  CG1 . VAL A 1 132 ? -5.968  11.644  -5.776  1.00 8.41  ? 197 VAL A CG1 1 
ATOM   927  C  CG2 . VAL A 1 132 ? -5.066  9.516   -4.929  1.00 6.55  ? 197 VAL A CG2 1 
ATOM   928  N  N   . SER A 1 133 ? -4.686  13.979  -4.215  1.00 10.05 ? 198 SER A N   1 
ATOM   929  C  CA  . SER A 1 133 ? -4.719  15.359  -4.671  1.00 9.97  ? 198 SER A CA  1 
ATOM   930  C  C   . SER A 1 133 ? -3.557  16.170  -4.109  1.00 11.16 ? 198 SER A C   1 
ATOM   931  O  O   . SER A 1 133 ? -3.287  17.280  -4.568  1.00 11.28 ? 198 SER A O   1 
ATOM   932  C  CB  . SER A 1 133 ? -6.039  16.007  -4.265  1.00 9.56  ? 198 SER A CB  1 
ATOM   933  O  OG  . SER A 1 133 ? -6.186  16.017  -2.858  1.00 8.89  ? 198 SER A OG  1 
ATOM   934  N  N   . LYS A 1 134 ? -2.868  15.615  -3.115  1.00 11.86 ? 199 LYS A N   1 
ATOM   935  C  CA  . LYS A 1 134 ? -1.744  16.309  -2.495  1.00 10.91 ? 199 LYS A CA  1 
ATOM   936  C  C   . LYS A 1 134 ? -0.404  15.675  -2.841  1.00 10.31 ? 199 LYS A C   1 
ATOM   937  O  O   . LYS A 1 134 ? 0.607   15.960  -2.200  1.00 10.39 ? 199 LYS A O   1 
ATOM   938  C  CB  . LYS A 1 134 ? -1.923  16.344  -0.973  1.00 12.58 ? 199 LYS A CB  1 
ATOM   939  C  CG  . LYS A 1 134 ? -2.794  17.484  -0.450  1.00 12.63 ? 199 LYS A CG  1 
ATOM   940  C  CD  . LYS A 1 134 ? -4.123  17.544  -1.161  1.00 16.76 ? 199 LYS A CD  1 
ATOM   941  C  CE  . LYS A 1 134 ? -5.046  18.553  -0.513  1.00 19.42 ? 199 LYS A CE  1 
ATOM   942  N  NZ  . LYS A 1 134 ? -5.402  18.115  0.863   1.00 21.86 ? 199 LYS A NZ  1 
ATOM   943  N  N   . LEU A 1 135 ? -0.396  14.809  -3.850  1.00 9.96  ? 200 LEU A N   1 
ATOM   944  C  CA  . LEU A 1 135 ? 0.837   14.157  -4.273  1.00 10.23 ? 200 LEU A CA  1 
ATOM   945  C  C   . LEU A 1 135 ? 1.692   15.167  -5.036  1.00 10.84 ? 200 LEU A C   1 
ATOM   946  O  O   . LEU A 1 135 ? 1.182   16.177  -5.514  1.00 11.85 ? 200 LEU A O   1 
ATOM   947  C  CB  . LEU A 1 135 ? 0.514   12.964  -5.168  1.00 8.69  ? 200 LEU A CB  1 
ATOM   948  C  CG  . LEU A 1 135 ? -0.419  11.925  -4.546  1.00 7.99  ? 200 LEU A CG  1 
ATOM   949  C  CD1 . LEU A 1 135 ? -0.692  10.811  -5.541  1.00 7.02  ? 200 LEU A CD1 1 
ATOM   950  C  CD2 . LEU A 1 135 ? 0.209   11.372  -3.286  1.00 8.14  ? 200 LEU A CD2 1 
ATOM   951  N  N   . GLY A 1 136 ? 2.988   14.896  -5.147  1.00 11.78 ? 201 GLY A N   1 
ATOM   952  C  CA  . GLY A 1 136 ? 3.881   15.802  -5.857  1.00 13.40 ? 201 GLY A CA  1 
ATOM   953  C  C   . GLY A 1 136 ? 3.322   16.267  -7.191  1.00 13.05 ? 201 GLY A C   1 
ATOM   954  O  O   . GLY A 1 136 ? 3.292   17.469  -7.489  1.00 13.53 ? 201 GLY A O   1 
ATOM   955  N  N   . LYS A 1 137 ? 2.884   15.303  -7.995  1.00 11.60 ? 202 LYS A N   1 
ATOM   956  C  CA  . LYS A 1 137 ? 2.300   15.577  -9.299  1.00 10.47 ? 202 LYS A CA  1 
ATOM   957  C  C   . LYS A 1 137 ? 1.150   14.604  -9.564  1.00 11.06 ? 202 LYS A C   1 
ATOM   958  O  O   . LYS A 1 137 ? 0.848   13.761  -8.718  1.00 11.56 ? 202 LYS A O   1 
ATOM   959  C  CB  . LYS A 1 137 ? 3.368   15.476  -10.392 1.00 9.56  ? 202 LYS A CB  1 
ATOM   960  C  CG  . LYS A 1 137 ? 4.312   14.300  -10.279 1.00 8.93  ? 202 LYS A CG  1 
ATOM   961  C  CD  . LYS A 1 137 ? 5.301   14.311  -11.438 1.00 9.88  ? 202 LYS A CD  1 
ATOM   962  C  CE  . LYS A 1 137 ? 6.259   13.133  -11.379 1.00 10.76 ? 202 LYS A CE  1 
ATOM   963  N  NZ  . LYS A 1 137 ? 6.995   12.967  -12.663 1.00 13.00 ? 202 LYS A NZ  1 
ATOM   964  N  N   . LYS A 1 138 ? 0.498   14.723  -10.719 1.00 10.85 ? 203 LYS A N   1 
ATOM   965  C  CA  . LYS A 1 138 ? -0.621  13.839  -11.034 1.00 9.91  ? 203 LYS A CA  1 
ATOM   966  C  C   . LYS A 1 138 ? -0.214  12.637  -11.856 1.00 10.66 ? 203 LYS A C   1 
ATOM   967  O  O   . LYS A 1 138 ? -0.584  11.507  -11.538 1.00 10.75 ? 203 LYS A O   1 
ATOM   968  C  CB  . LYS A 1 138 ? -1.721  14.576  -11.798 1.00 8.39  ? 203 LYS A CB  1 
ATOM   969  C  CG  . LYS A 1 138 ? -2.866  13.648  -12.199 1.00 6.53  ? 203 LYS A CG  1 
ATOM   970  C  CD  . LYS A 1 138 ? -3.958  14.352  -12.982 1.00 5.39  ? 203 LYS A CD  1 
ATOM   971  C  CE  . LYS A 1 138 ? -5.096  13.393  -13.337 1.00 4.97  ? 203 LYS A CE  1 
ATOM   972  N  NZ  . LYS A 1 138 ? -5.812  12.860  -12.143 1.00 4.79  ? 203 LYS A NZ  1 
ATOM   973  N  N   . TRP A 1 139 ? 0.536   12.885  -12.923 1.00 11.19 ? 204 TRP A N   1 
ATOM   974  C  CA  . TRP A 1 139 ? 0.964   11.803  -13.793 1.00 10.31 ? 204 TRP A CA  1 
ATOM   975  C  C   . TRP A 1 139 ? 2.377   11.308  -13.506 1.00 10.57 ? 204 TRP A C   1 
ATOM   976  O  O   . TRP A 1 139 ? 3.362   12.042  -13.650 1.00 11.75 ? 204 TRP A O   1 
ATOM   977  C  CB  . TRP A 1 139 ? 0.845   12.235  -15.256 1.00 9.77  ? 204 TRP A CB  1 
ATOM   978  C  CG  . TRP A 1 139 ? -0.548  12.653  -15.653 1.00 9.77  ? 204 TRP A CG  1 
ATOM   979  C  CD1 . TRP A 1 139 ? -1.001  13.927  -15.841 1.00 9.32  ? 204 TRP A CD1 1 
ATOM   980  C  CD2 . TRP A 1 139 ? -1.667  11.789  -15.901 1.00 9.78  ? 204 TRP A CD2 1 
ATOM   981  N  NE1 . TRP A 1 139 ? -2.331  13.912  -16.195 1.00 9.18  ? 204 TRP A NE1 1 
ATOM   982  C  CE2 . TRP A 1 139 ? -2.764  12.613  -16.240 1.00 9.29  ? 204 TRP A CE2 1 
ATOM   983  C  CE3 . TRP A 1 139 ? -1.847  10.399  -15.875 1.00 9.88  ? 204 TRP A CE3 1 
ATOM   984  C  CZ2 . TRP A 1 139 ? -4.026  12.094  -16.546 1.00 8.74  ? 204 TRP A CZ2 1 
ATOM   985  C  CZ3 . TRP A 1 139 ? -3.104  9.882   -16.180 1.00 9.90  ? 204 TRP A CZ3 1 
ATOM   986  C  CH2 . TRP A 1 139 ? -4.177  10.731  -16.514 1.00 8.91  ? 204 TRP A CH2 1 
ATOM   987  N  N   . TYR A 1 140 ? 2.467   10.049  -13.092 1.00 9.95  ? 205 TYR A N   1 
ATOM   988  C  CA  . TYR A 1 140 ? 3.752   9.438   -12.801 1.00 8.79  ? 205 TYR A CA  1 
ATOM   989  C  C   . TYR A 1 140 ? 4.094   8.425   -13.879 1.00 9.12  ? 205 TYR A C   1 
ATOM   990  O  O   . TYR A 1 140 ? 3.210   7.870   -14.532 1.00 11.03 ? 205 TYR A O   1 
ATOM   991  C  CB  . TYR A 1 140 ? 3.724   8.730   -11.447 1.00 7.79  ? 205 TYR A CB  1 
ATOM   992  C  CG  . TYR A 1 140 ? 3.794   9.661   -10.263 1.00 9.01  ? 205 TYR A CG  1 
ATOM   993  C  CD1 . TYR A 1 140 ? 2.648   10.265  -9.748  1.00 9.16  ? 205 TYR A CD1 1 
ATOM   994  C  CD2 . TYR A 1 140 ? 5.017   9.945   -9.658  1.00 9.53  ? 205 TYR A CD2 1 
ATOM   995  C  CE1 . TYR A 1 140 ? 2.718   11.133  -8.655  1.00 9.92  ? 205 TYR A CE1 1 
ATOM   996  C  CE2 . TYR A 1 140 ? 5.100   10.808  -8.567  1.00 11.08 ? 205 TYR A CE2 1 
ATOM   997  C  CZ  . TYR A 1 140 ? 3.948   11.400  -8.069  1.00 11.28 ? 205 TYR A CZ  1 
ATOM   998  O  OH  . TYR A 1 140 ? 4.042   12.262  -6.997  1.00 11.46 ? 205 TYR A OH  1 
ATOM   999  N  N   . PRO A 1 141 ? 5.391   8.183   -14.095 1.00 8.79  ? 206 PRO A N   1 
ATOM   1000 C  CA  . PRO A 1 141 ? 5.820   7.215   -15.108 1.00 7.37  ? 206 PRO A CA  1 
ATOM   1001 C  C   . PRO A 1 141 ? 5.775   5.805   -14.522 1.00 7.48  ? 206 PRO A C   1 
ATOM   1002 O  O   . PRO A 1 141 ? 6.073   5.614   -13.342 1.00 7.85  ? 206 PRO A O   1 
ATOM   1003 C  CB  . PRO A 1 141 ? 7.244   7.654   -15.405 1.00 7.04  ? 206 PRO A CB  1 
ATOM   1004 C  CG  . PRO A 1 141 ? 7.720   8.112   -14.053 1.00 6.72  ? 206 PRO A CG  1 
ATOM   1005 C  CD  . PRO A 1 141 ? 6.544   8.932   -13.558 1.00 7.11  ? 206 PRO A CD  1 
ATOM   1006 N  N   . TYR A 1 142 ? 5.396   4.819   -15.327 1.00 6.81  ? 207 TYR A N   1 
ATOM   1007 C  CA  . TYR A 1 142 ? 5.375   3.447   -14.832 1.00 6.72  ? 207 TYR A CA  1 
ATOM   1008 C  C   . TYR A 1 142 ? 6.827   3.004   -14.657 1.00 7.77  ? 207 TYR A C   1 
ATOM   1009 O  O   . TYR A 1 142 ? 7.634   3.089   -15.588 1.00 8.31  ? 207 TYR A O   1 
ATOM   1010 C  CB  . TYR A 1 142 ? 4.648   2.526   -15.819 1.00 5.86  ? 207 TYR A CB  1 
ATOM   1011 C  CG  . TYR A 1 142 ? 4.666   1.059   -15.432 1.00 6.70  ? 207 TYR A CG  1 
ATOM   1012 C  CD1 . TYR A 1 142 ? 5.798   0.274   -15.653 1.00 6.64  ? 207 TYR A CD1 1 
ATOM   1013 C  CD2 . TYR A 1 142 ? 3.554   0.455   -14.840 1.00 6.11  ? 207 TYR A CD2 1 
ATOM   1014 C  CE1 . TYR A 1 142 ? 5.825   -1.075  -15.299 1.00 5.94  ? 207 TYR A CE1 1 
ATOM   1015 C  CE2 . TYR A 1 142 ? 3.571   -0.896  -14.481 1.00 6.11  ? 207 TYR A CE2 1 
ATOM   1016 C  CZ  . TYR A 1 142 ? 4.712   -1.653  -14.717 1.00 6.54  ? 207 TYR A CZ  1 
ATOM   1017 O  OH  . TYR A 1 142 ? 4.747   -2.991  -14.387 1.00 6.21  ? 207 TYR A OH  1 
ATOM   1018 N  N   . LYS A 1 143 ? 7.166   2.544   -13.457 1.00 7.95  ? 208 LYS A N   1 
ATOM   1019 C  CA  . LYS A 1 143 ? 8.526   2.104   -13.178 1.00 7.83  ? 208 LYS A CA  1 
ATOM   1020 C  C   . LYS A 1 143 ? 8.562   0.656   -12.743 1.00 8.74  ? 208 LYS A C   1 
ATOM   1021 O  O   . LYS A 1 143 ? 7.560   0.105   -12.293 1.00 10.08 ? 208 LYS A O   1 
ATOM   1022 C  CB  . LYS A 1 143 ? 9.140   2.969   -12.081 1.00 6.26  ? 208 LYS A CB  1 
ATOM   1023 C  CG  . LYS A 1 143 ? 9.245   4.439   -12.438 1.00 6.38  ? 208 LYS A CG  1 
ATOM   1024 C  CD  . LYS A 1 143 ? 10.548  4.762   -13.149 1.00 6.90  ? 208 LYS A CD  1 
ATOM   1025 C  CE  . LYS A 1 143 ? 10.686  4.051   -14.478 1.00 6.99  ? 208 LYS A CE  1 
ATOM   1026 N  NZ  . LYS A 1 143 ? 11.987  4.396   -15.115 1.00 6.10  ? 208 LYS A NZ  1 
ATOM   1027 N  N   . THR A 1 144 ? 9.727   0.038   -12.886 1.00 9.69  ? 209 THR A N   1 
ATOM   1028 C  CA  . THR A 1 144 ? 9.919   -1.348  -12.479 1.00 10.14 ? 209 THR A CA  1 
ATOM   1029 C  C   . THR A 1 144 ? 10.836  -1.311  -11.266 1.00 11.05 ? 209 THR A C   1 
ATOM   1030 O  O   . THR A 1 144 ? 11.622  -0.374  -11.109 1.00 11.72 ? 209 THR A O   1 
ATOM   1031 C  CB  . THR A 1 144 ? 10.590  -2.164  -13.592 1.00 9.10  ? 209 THR A CB  1 
ATOM   1032 O  OG1 . THR A 1 144 ? 11.881  -1.610  -13.881 1.00 10.07 ? 209 THR A OG1 1 
ATOM   1033 C  CG2 . THR A 1 144 ? 9.751   -2.127  -14.845 1.00 7.60  ? 209 THR A CG2 1 
ATOM   1034 N  N   . SER A 1 145 ? 10.742  -2.317  -10.405 1.00 11.78 ? 210 SER A N   1 
ATOM   1035 C  CA  . SER A 1 145 ? 11.585  -2.356  -9.216  1.00 12.02 ? 210 SER A CA  1 
ATOM   1036 C  C   . SER A 1 145 ? 13.046  -2.115  -9.562  1.00 12.31 ? 210 SER A C   1 
ATOM   1037 O  O   . SER A 1 145 ? 13.683  -1.209  -9.021  1.00 12.08 ? 210 SER A O   1 
ATOM   1038 C  CB  . SER A 1 145 ? 11.455  -3.703  -8.522  1.00 14.22 ? 210 SER A CB  1 
ATOM   1039 O  OG  . SER A 1 145 ? 10.173  -3.833  -7.935  1.00 17.80 ? 210 SER A OG  1 
ATOM   1040 N  N   . ALA A 1 146 ? 13.562  -2.930  -10.476 1.00 11.63 ? 211 ALA A N   1 
ATOM   1041 C  CA  . ALA A 1 146 ? 14.949  -2.838  -10.908 1.00 10.03 ? 211 ALA A CA  1 
ATOM   1042 C  C   . ALA A 1 146 ? 15.380  -1.423  -11.278 1.00 10.94 ? 211 ALA A C   1 
ATOM   1043 O  O   . ALA A 1 146 ? 16.374  -0.911  -10.761 1.00 11.67 ? 211 ALA A O   1 
ATOM   1044 C  CB  . ALA A 1 146 ? 15.169  -3.760  -12.079 1.00 9.96  ? 211 ALA A CB  1 
ATOM   1045 N  N   . ASP A 1 147 ? 14.636  -0.792  -12.179 1.00 10.76 ? 212 ASP A N   1 
ATOM   1046 C  CA  . ASP A 1 147 ? 14.974  0.555   -12.611 1.00 9.85  ? 212 ASP A CA  1 
ATOM   1047 C  C   . ASP A 1 147 ? 14.944  1.511   -11.420 1.00 9.03  ? 212 ASP A C   1 
ATOM   1048 O  O   . ASP A 1 147 ? 15.896  2.261   -11.183 1.00 7.48  ? 212 ASP A O   1 
ATOM   1049 C  CB  . ASP A 1 147 ? 13.996  1.016   -13.691 1.00 11.96 ? 212 ASP A CB  1 
ATOM   1050 C  CG  . ASP A 1 147 ? 14.603  2.049   -14.625 1.00 14.59 ? 212 ASP A CG  1 
ATOM   1051 O  OD1 . ASP A 1 147 ? 15.581  1.712   -15.329 1.00 15.31 ? 212 ASP A OD1 1 
ATOM   1052 O  OD2 . ASP A 1 147 ? 14.104  3.195   -14.658 1.00 15.96 ? 212 ASP A OD2 1 
ATOM   1053 N  N   . TYR A 1 148 ? 13.847  1.474   -10.668 1.00 7.89  ? 213 TYR A N   1 
ATOM   1054 C  CA  . TYR A 1 148 ? 13.692  2.331   -9.500  1.00 6.63  ? 213 TYR A CA  1 
ATOM   1055 C  C   . TYR A 1 148 ? 14.857  2.118   -8.536  1.00 6.72  ? 213 TYR A C   1 
ATOM   1056 O  O   . TYR A 1 148 ? 15.460  3.075   -8.042  1.00 6.54  ? 213 TYR A O   1 
ATOM   1057 C  CB  . TYR A 1 148 ? 12.381  2.012   -8.784  1.00 5.15  ? 213 TYR A CB  1 
ATOM   1058 C  CG  . TYR A 1 148 ? 12.165  2.825   -7.526  1.00 5.83  ? 213 TYR A CG  1 
ATOM   1059 C  CD1 . TYR A 1 148 ? 11.502  4.050   -7.566  1.00 5.93  ? 213 TYR A CD1 1 
ATOM   1060 C  CD2 . TYR A 1 148 ? 12.644  2.378   -6.296  1.00 5.43  ? 213 TYR A CD2 1 
ATOM   1061 C  CE1 . TYR A 1 148 ? 11.320  4.810   -6.409  1.00 6.40  ? 213 TYR A CE1 1 
ATOM   1062 C  CE2 . TYR A 1 148 ? 12.469  3.130   -5.136  1.00 6.53  ? 213 TYR A CE2 1 
ATOM   1063 C  CZ  . TYR A 1 148 ? 11.807  4.343   -5.200  1.00 6.72  ? 213 TYR A CZ  1 
ATOM   1064 O  OH  . TYR A 1 148 ? 11.642  5.087   -4.055  1.00 8.10  ? 213 TYR A OH  1 
ATOM   1065 N  N   . ALA A 1 149 ? 15.162  0.851   -8.276  1.00 6.59  ? 214 ALA A N   1 
ATOM   1066 C  CA  . ALA A 1 149 ? 16.244  0.481   -7.372  1.00 6.71  ? 214 ALA A CA  1 
ATOM   1067 C  C   . ALA A 1 149 ? 17.561  1.146   -7.759  1.00 7.62  ? 214 ALA A C   1 
ATOM   1068 O  O   . ALA A 1 149 ? 18.254  1.726   -6.919  1.00 7.93  ? 214 ALA A O   1 
ATOM   1069 C  CB  . ALA A 1 149 ? 16.406  -1.019  -7.364  1.00 4.79  ? 214 ALA A CB  1 
ATOM   1070 N  N   . THR A 1 150 ? 17.905  1.052   -9.036  1.00 7.08  ? 215 THR A N   1 
ATOM   1071 C  CA  . THR A 1 150 ? 19.132  1.647   -9.532  1.00 7.82  ? 215 THR A CA  1 
ATOM   1072 C  C   . THR A 1 150 ? 19.137  3.159   -9.322  1.00 8.21  ? 215 THR A C   1 
ATOM   1073 O  O   . THR A 1 150 ? 20.150  3.741   -8.927  1.00 7.33  ? 215 THR A O   1 
ATOM   1074 C  CB  . THR A 1 150 ? 19.306  1.362   -11.027 1.00 8.14  ? 215 THR A CB  1 
ATOM   1075 O  OG1 . THR A 1 150 ? 19.472  -0.046  -11.227 1.00 9.09  ? 215 THR A OG1 1 
ATOM   1076 C  CG2 . THR A 1 150 ? 20.511  2.101   -11.569 1.00 7.71  ? 215 THR A CG2 1 
ATOM   1077 N  N   . ALA A 1 151 ? 18.000  3.789   -9.593  1.00 8.50  ? 216 ALA A N   1 
ATOM   1078 C  CA  . ALA A 1 151 ? 17.879  5.230   -9.445  1.00 7.99  ? 216 ALA A CA  1 
ATOM   1079 C  C   . ALA A 1 151 ? 18.155  5.670   -8.013  1.00 8.33  ? 216 ALA A C   1 
ATOM   1080 O  O   . ALA A 1 151 ? 19.028  6.508   -7.772  1.00 7.90  ? 216 ALA A O   1 
ATOM   1081 C  CB  . ALA A 1 151 ? 16.496  5.678   -9.872  1.00 7.82  ? 216 ALA A CB  1 
ATOM   1082 N  N   . VAL A 1 152 ? 17.413  5.108   -7.063  1.00 8.58  ? 217 VAL A N   1 
ATOM   1083 C  CA  . VAL A 1 152 ? 17.595  5.468   -5.661  1.00 8.55  ? 217 VAL A CA  1 
ATOM   1084 C  C   . VAL A 1 152 ? 18.969  5.028   -5.181  1.00 8.60  ? 217 VAL A C   1 
ATOM   1085 O  O   . VAL A 1 152 ? 19.441  5.474   -4.138  1.00 9.55  ? 217 VAL A O   1 
ATOM   1086 C  CB  . VAL A 1 152 ? 16.511  4.837   -4.767  1.00 7.86  ? 217 VAL A CB  1 
ATOM   1087 C  CG1 . VAL A 1 152 ? 15.176  5.505   -5.024  1.00 7.90  ? 217 VAL A CG1 1 
ATOM   1088 C  CG2 . VAL A 1 152 ? 16.408  3.359   -5.050  1.00 8.58  ? 217 VAL A CG2 1 
ATOM   1089 N  N   . GLY A 1 153 ? 19.604  4.148   -5.944  1.00 8.54  ? 218 GLY A N   1 
ATOM   1090 C  CA  . GLY A 1 153 ? 20.934  3.697   -5.583  1.00 8.91  ? 218 GLY A CA  1 
ATOM   1091 C  C   . GLY A 1 153 ? 21.904  4.850   -5.760  1.00 9.83  ? 218 GLY A C   1 
ATOM   1092 O  O   . GLY A 1 153 ? 22.854  5.006   -4.992  1.00 11.71 ? 218 GLY A O   1 
ATOM   1093 N  N   . VAL A 1 154 ? 21.660  5.663   -6.785  1.00 9.83  ? 219 VAL A N   1 
ATOM   1094 C  CA  . VAL A 1 154 ? 22.489  6.826   -7.070  1.00 9.17  ? 219 VAL A CA  1 
ATOM   1095 C  C   . VAL A 1 154 ? 22.206  7.881   -6.009  1.00 10.45 ? 219 VAL A C   1 
ATOM   1096 O  O   . VAL A 1 154 ? 23.126  8.457   -5.432  1.00 11.64 ? 219 VAL A O   1 
ATOM   1097 C  CB  . VAL A 1 154 ? 22.158  7.395   -8.449  1.00 8.11  ? 219 VAL A CB  1 
ATOM   1098 C  CG1 . VAL A 1 154 ? 23.019  8.610   -8.736  1.00 7.18  ? 219 VAL A CG1 1 
ATOM   1099 C  CG2 . VAL A 1 154 ? 22.362  6.325   -9.496  1.00 7.44  ? 219 VAL A CG2 1 
ATOM   1100 N  N   . ASP A 1 155 ? 20.923  8.134   -5.771  1.00 12.15 ? 220 ASP A N   1 
ATOM   1101 C  CA  . ASP A 1 155 ? 20.486  9.086   -4.751  1.00 13.81 ? 220 ASP A CA  1 
ATOM   1102 C  C   . ASP A 1 155 ? 18.989  8.921   -4.522  1.00 13.49 ? 220 ASP A C   1 
ATOM   1103 O  O   . ASP A 1 155 ? 18.205  8.898   -5.469  1.00 13.34 ? 220 ASP A O   1 
ATOM   1104 C  CB  . ASP A 1 155 ? 20.803  10.530  -5.147  1.00 14.66 ? 220 ASP A CB  1 
ATOM   1105 C  CG  . ASP A 1 155 ? 20.518  11.515  -4.021  1.00 15.72 ? 220 ASP A CG  1 
ATOM   1106 O  OD1 . ASP A 1 155 ? 19.326  11.797  -3.759  1.00 15.84 ? 220 ASP A OD1 1 
ATOM   1107 O  OD2 . ASP A 1 155 ? 21.484  11.991  -3.385  1.00 16.52 ? 220 ASP A OD2 1 
ATOM   1108 N  N   . VAL A 1 156 ? 18.602  8.806   -3.256  1.00 12.86 ? 221 VAL A N   1 
ATOM   1109 C  CA  . VAL A 1 156 ? 17.206  8.603   -2.897  1.00 12.00 ? 221 VAL A CA  1 
ATOM   1110 C  C   . VAL A 1 156 ? 16.261  9.633   -3.486  1.00 11.04 ? 221 VAL A C   1 
ATOM   1111 O  O   . VAL A 1 156 ? 15.176  9.288   -3.951  1.00 10.64 ? 221 VAL A O   1 
ATOM   1112 C  CB  . VAL A 1 156 ? 17.013  8.618   -1.379  1.00 12.30 ? 221 VAL A CB  1 
ATOM   1113 C  CG1 . VAL A 1 156 ? 15.715  7.923   -1.025  1.00 13.43 ? 221 VAL A CG1 1 
ATOM   1114 C  CG2 . VAL A 1 156 ? 18.185  7.947   -0.703  1.00 15.92 ? 221 VAL A CG2 1 
ATOM   1115 N  N   . ASN A 1 157 ? 16.666  10.896  -3.477  1.00 9.73  ? 222 ASN A N   1 
ATOM   1116 C  CA  . ASN A 1 157 ? 15.804  11.944  -3.995  1.00 8.65  ? 222 ASN A CA  1 
ATOM   1117 C  C   . ASN A 1 157 ? 15.368  11.781  -5.437  1.00 8.13  ? 222 ASN A C   1 
ATOM   1118 O  O   . ASN A 1 157 ? 14.356  12.353  -5.846  1.00 8.16  ? 222 ASN A O   1 
ATOM   1119 C  CB  . ASN A 1 157 ? 16.447  13.305  -3.785  1.00 8.38  ? 222 ASN A CB  1 
ATOM   1120 C  CG  . ASN A 1 157 ? 16.440  13.710  -2.335  1.00 9.47  ? 222 ASN A CG  1 
ATOM   1121 O  OD1 . ASN A 1 157 ? 17.436  13.546  -1.631  1.00 8.28  ? 222 ASN A OD1 1 
ATOM   1122 N  ND2 . ASN A 1 157 ? 15.294  14.212  -1.863  1.00 10.22 ? 222 ASN A ND2 1 
ATOM   1123 N  N   . ILE A 1 158 ? 16.112  10.997  -6.209  1.00 7.20  ? 223 ILE A N   1 
ATOM   1124 C  CA  . ILE A 1 158 ? 15.745  10.772  -7.601  1.00 7.06  ? 223 ILE A CA  1 
ATOM   1125 C  C   . ILE A 1 158 ? 14.388  10.063  -7.629  1.00 7.90  ? 223 ILE A C   1 
ATOM   1126 O  O   . ILE A 1 158 ? 13.732  9.961   -8.668  1.00 7.64  ? 223 ILE A O   1 
ATOM   1127 C  CB  . ILE A 1 158 ? 16.812  9.911   -8.316  1.00 5.39  ? 223 ILE A CB  1 
ATOM   1128 C  CG1 . ILE A 1 158 ? 18.130  10.685  -8.373  1.00 5.52  ? 223 ILE A CG1 1 
ATOM   1129 C  CG2 . ILE A 1 158 ? 16.355  9.545   -9.719  1.00 3.81  ? 223 ILE A CG2 1 
ATOM   1130 C  CD1 . ILE A 1 158 ? 19.258  9.934   -9.044  1.00 6.31  ? 223 ILE A CD1 1 
ATOM   1131 N  N   . ALA A 1 159 ? 13.956  9.610   -6.461  1.00 9.13  ? 224 ALA A N   1 
ATOM   1132 C  CA  . ALA A 1 159 ? 12.703  8.892   -6.346  1.00 9.75  ? 224 ALA A CA  1 
ATOM   1133 C  C   . ALA A 1 159 ? 11.441  9.739   -6.313  1.00 11.23 ? 224 ALA A C   1 
ATOM   1134 O  O   . ALA A 1 159 ? 10.420  9.314   -6.857  1.00 12.45 ? 224 ALA A O   1 
ATOM   1135 C  CB  . ALA A 1 159 ? 12.738  7.995   -5.120  1.00 8.50  ? 224 ALA A CB  1 
ATOM   1136 N  N   . THR A 1 160 ? 11.486  10.926  -5.706  1.00 11.91 ? 225 THR A N   1 
ATOM   1137 C  CA  . THR A 1 160 ? 10.254  11.713  -5.615  1.00 12.42 ? 225 THR A CA  1 
ATOM   1138 C  C   . THR A 1 160 ? 9.549   11.958  -6.958  1.00 13.53 ? 225 THR A C   1 
ATOM   1139 O  O   . THR A 1 160 ? 8.315   12.052  -7.004  1.00 16.66 ? 225 THR A O   1 
ATOM   1140 C  CB  . THR A 1 160 ? 10.435  13.073  -4.847  1.00 10.61 ? 225 THR A CB  1 
ATOM   1141 O  OG1 . THR A 1 160 ? 10.628  14.133  -5.785  1.00 11.19 ? 225 THR A OG1 1 
ATOM   1142 C  CG2 . THR A 1 160 ? 11.596  13.010  -3.853  1.00 8.30  ? 225 THR A CG2 1 
ATOM   1143 N  N   . PRO A 1 161 ? 10.304  12.073  -8.064  1.00 12.18 ? 226 PRO A N   1 
ATOM   1144 C  CA  . PRO A 1 161 ? 9.568   12.294  -9.313  1.00 10.48 ? 226 PRO A CA  1 
ATOM   1145 C  C   . PRO A 1 161 ? 9.157   10.970  -9.972  1.00 10.16 ? 226 PRO A C   1 
ATOM   1146 O  O   . PRO A 1 161 ? 8.554   10.965  -11.040 1.00 10.99 ? 226 PRO A O   1 
ATOM   1147 C  CB  . PRO A 1 161 ? 10.553  13.103  -10.157 1.00 10.08 ? 226 PRO A CB  1 
ATOM   1148 C  CG  . PRO A 1 161 ? 11.862  12.559  -9.740  1.00 11.12 ? 226 PRO A CG  1 
ATOM   1149 C  CD  . PRO A 1 161 ? 11.728  12.423  -8.227  1.00 11.41 ? 226 PRO A CD  1 
ATOM   1150 N  N   . LEU A 1 162 ? 9.471   9.854   -9.313  1.00 9.33  ? 227 LEU A N   1 
ATOM   1151 C  CA  . LEU A 1 162 ? 9.151   8.522   -9.830  1.00 7.93  ? 227 LEU A CA  1 
ATOM   1152 C  C   . LEU A 1 162 ? 8.031   7.812   -9.072  1.00 8.04  ? 227 LEU A C   1 
ATOM   1153 O  O   . LEU A 1 162 ? 7.356   6.944   -9.622  1.00 9.25  ? 227 LEU A O   1 
ATOM   1154 C  CB  . LEU A 1 162 ? 10.390  7.626   -9.793  1.00 6.09  ? 227 LEU A CB  1 
ATOM   1155 C  CG  . LEU A 1 162 ? 11.611  8.082   -10.585 1.00 5.81  ? 227 LEU A CG  1 
ATOM   1156 C  CD1 . LEU A 1 162 ? 12.697  7.032   -10.472 1.00 3.01  ? 227 LEU A CD1 1 
ATOM   1157 C  CD2 . LEU A 1 162 ? 11.230  8.303   -12.040 1.00 6.98  ? 227 LEU A CD2 1 
ATOM   1158 N  N   . VAL A 1 163 ? 7.837   8.162   -7.807  1.00 7.57  ? 228 VAL A N   1 
ATOM   1159 C  CA  . VAL A 1 163 ? 6.798   7.521   -7.013  1.00 6.79  ? 228 VAL A CA  1 
ATOM   1160 C  C   . VAL A 1 163 ? 6.148   8.531   -6.070  1.00 6.01  ? 228 VAL A C   1 
ATOM   1161 O  O   . VAL A 1 163 ? 6.834   9.340   -5.442  1.00 7.14  ? 228 VAL A O   1 
ATOM   1162 C  CB  . VAL A 1 163 ? 7.387   6.334   -6.213  1.00 6.88  ? 228 VAL A CB  1 
ATOM   1163 C  CG1 . VAL A 1 163 ? 8.496   6.816   -5.289  1.00 7.11  ? 228 VAL A CG1 1 
ATOM   1164 C  CG2 . VAL A 1 163 ? 6.296   5.646   -5.430  1.00 8.41  ? 228 VAL A CG2 1 
ATOM   1165 N  N   . PRO A 1 164 ? 4.810   8.491   -5.959  1.00 4.69  ? 229 PRO A N   1 
ATOM   1166 C  CA  . PRO A 1 164 ? 4.039   9.399   -5.102  1.00 4.33  ? 229 PRO A CA  1 
ATOM   1167 C  C   . PRO A 1 164 ? 4.150   9.202   -3.590  1.00 4.79  ? 229 PRO A C   1 
ATOM   1168 O  O   . PRO A 1 164 ? 4.152   10.181  -2.841  1.00 4.95  ? 229 PRO A O   1 
ATOM   1169 C  CB  . PRO A 1 164 ? 2.616   9.204   -5.603  1.00 3.35  ? 229 PRO A CB  1 
ATOM   1170 C  CG  . PRO A 1 164 ? 2.606   7.752   -5.951  1.00 4.21  ? 229 PRO A CG  1 
ATOM   1171 C  CD  . PRO A 1 164 ? 3.912   7.580   -6.690  1.00 3.95  ? 229 PRO A CD  1 
ATOM   1172 N  N   . ALA A 1 165 ? 4.235   7.953   -3.133  1.00 5.39  ? 230 ALA A N   1 
ATOM   1173 C  CA  . ALA A 1 165 ? 4.322   7.697   -1.695  1.00 5.85  ? 230 ALA A CA  1 
ATOM   1174 C  C   . ALA A 1 165 ? 4.620   6.245   -1.354  1.00 6.92  ? 230 ALA A C   1 
ATOM   1175 O  O   . ALA A 1 165 ? 4.638   5.378   -2.226  1.00 9.31  ? 230 ALA A O   1 
ATOM   1176 C  CB  . ALA A 1 165 ? 3.021   8.114   -1.023  1.00 4.26  ? 230 ALA A CB  1 
ATOM   1177 N  N   . ARG A 1 166 ? 4.861   5.986   -0.074  1.00 6.83  ? 231 ARG A N   1 
ATOM   1178 C  CA  . ARG A 1 166 ? 5.123   4.631   0.392   1.00 6.64  ? 231 ARG A CA  1 
ATOM   1179 C  C   . ARG A 1 166 ? 4.191   4.375   1.574   1.00 6.88  ? 231 ARG A C   1 
ATOM   1180 O  O   . ARG A 1 166 ? 3.850   5.297   2.319   1.00 6.53  ? 231 ARG A O   1 
ATOM   1181 C  CB  . ARG A 1 166 ? 6.588   4.464   0.833   1.00 5.47  ? 231 ARG A CB  1 
ATOM   1182 C  CG  . ARG A 1 166 ? 6.937   5.198   2.122   1.00 7.14  ? 231 ARG A CG  1 
ATOM   1183 C  CD  . ARG A 1 166 ? 8.136   4.588   2.843   1.00 6.63  ? 231 ARG A CD  1 
ATOM   1184 N  NE  . ARG A 1 166 ? 9.419   5.046   2.320   1.00 7.42  ? 231 ARG A NE  1 
ATOM   1185 C  CZ  . ARG A 1 166 ? 10.274  5.814   2.993   1.00 7.35  ? 231 ARG A CZ  1 
ATOM   1186 N  NH1 . ARG A 1 166 ? 9.994   6.219   4.224   1.00 5.29  ? 231 ARG A NH1 1 
ATOM   1187 N  NH2 . ARG A 1 166 ? 11.415  6.183   2.428   1.00 8.11  ? 231 ARG A NH2 1 
ATOM   1188 N  N   . LEU A 1 167 ? 3.764   3.127   1.731   1.00 6.88  ? 232 LEU A N   1 
ATOM   1189 C  CA  . LEU A 1 167 ? 2.886   2.748   2.831   1.00 6.83  ? 232 LEU A CA  1 
ATOM   1190 C  C   . LEU A 1 167 ? 3.733   2.035   3.871   1.00 7.76  ? 232 LEU A C   1 
ATOM   1191 O  O   . LEU A 1 167 ? 4.308   0.990   3.569   1.00 8.34  ? 232 LEU A O   1 
ATOM   1192 C  CB  . LEU A 1 167 ? 1.802   1.784   2.338   1.00 4.89  ? 232 LEU A CB  1 
ATOM   1193 C  CG  . LEU A 1 167 ? 0.949   1.112   3.421   1.00 4.00  ? 232 LEU A CG  1 
ATOM   1194 C  CD1 . LEU A 1 167 ? -0.077  2.093   3.942   1.00 3.12  ? 232 LEU A CD1 1 
ATOM   1195 C  CD2 . LEU A 1 167 ? 0.254   -0.105  2.855   1.00 2.81  ? 232 LEU A CD2 1 
ATOM   1196 N  N   . VAL A 1 168 ? 3.838   2.580   5.083   1.00 7.80  ? 233 VAL A N   1 
ATOM   1197 C  CA  . VAL A 1 168 ? 4.623   1.881   6.092   1.00 9.09  ? 233 VAL A CA  1 
ATOM   1198 C  C   . VAL A 1 168 ? 3.660   1.081   6.958   1.00 9.68  ? 233 VAL A C   1 
ATOM   1199 O  O   . VAL A 1 168 ? 2.543   1.516   7.249   1.00 8.23  ? 233 VAL A O   1 
ATOM   1200 C  CB  . VAL A 1 168 ? 5.501   2.831   6.964   1.00 7.96  ? 233 VAL A CB  1 
ATOM   1201 C  CG1 . VAL A 1 168 ? 5.754   4.127   6.225   1.00 9.22  ? 233 VAL A CG1 1 
ATOM   1202 C  CG2 . VAL A 1 168 ? 4.873   3.059   8.313   1.00 9.49  ? 233 VAL A CG2 1 
ATOM   1203 N  N   . ILE A 1 169 ? 4.113   -0.105  7.345   1.00 11.73 ? 234 ILE A N   1 
ATOM   1204 C  CA  . ILE A 1 169 ? 3.336   -1.045  8.133   1.00 12.11 ? 234 ILE A CA  1 
ATOM   1205 C  C   . ILE A 1 169 ? 4.134   -1.491  9.348   1.00 12.05 ? 234 ILE A C   1 
ATOM   1206 O  O   . ILE A 1 169 ? 5.354   -1.648  9.279   1.00 12.33 ? 234 ILE A O   1 
ATOM   1207 C  CB  . ILE A 1 169 ? 3.023   -2.287  7.286   1.00 13.86 ? 234 ILE A CB  1 
ATOM   1208 C  CG1 . ILE A 1 169 ? 2.218   -1.881  6.060   1.00 17.73 ? 234 ILE A CG1 1 
ATOM   1209 C  CG2 . ILE A 1 169 ? 2.278   -3.310  8.095   1.00 14.70 ? 234 ILE A CG2 1 
ATOM   1210 C  CD1 . ILE A 1 169 ? 2.251   -2.919  4.965   1.00 22.69 ? 234 ILE A CD1 1 
ATOM   1211 N  N   . ALA A 1 170 ? 3.440   -1.701  10.458  1.00 11.41 ? 235 ALA A N   1 
ATOM   1212 C  CA  . ALA A 1 170 ? 4.080   -2.159  11.677  1.00 10.46 ? 235 ALA A CA  1 
ATOM   1213 C  C   . ALA A 1 170 ? 3.208   -3.224  12.331  1.00 10.72 ? 235 ALA A C   1 
ATOM   1214 O  O   . ALA A 1 170 ? 1.988   -3.080  12.410  1.00 12.38 ? 235 ALA A O   1 
ATOM   1215 C  CB  . ALA A 1 170 ? 4.288   -1.000  12.627  1.00 8.54  ? 235 ALA A CB  1 
ATOM   1216 N  N   . LEU A 1 171 ? 3.841   -4.300  12.784  1.00 10.43 ? 236 LEU A N   1 
ATOM   1217 C  CA  . LEU A 1 171 ? 3.128   -5.382  13.451  1.00 9.21  ? 236 LEU A CA  1 
ATOM   1218 C  C   . LEU A 1 171 ? 3.815   -5.753  14.755  1.00 9.86  ? 236 LEU A C   1 
ATOM   1219 O  O   . LEU A 1 171 ? 5.029   -5.964  14.795  1.00 11.14 ? 236 LEU A O   1 
ATOM   1220 C  CB  . LEU A 1 171 ? 3.042   -6.594  12.532  1.00 6.59  ? 236 LEU A CB  1 
ATOM   1221 C  CG  . LEU A 1 171 ? 1.903   -6.406  11.535  1.00 6.73  ? 236 LEU A CG  1 
ATOM   1222 C  CD1 . LEU A 1 171 ? 2.370   -6.707  10.138  1.00 7.29  ? 236 LEU A CD1 1 
ATOM   1223 C  CD2 . LEU A 1 171 ? 0.743   -7.291  11.934  1.00 6.03  ? 236 LEU A CD2 1 
ATOM   1224 N  N   . LEU A 1 172 ? 3.036   -5.810  15.829  1.00 8.81  ? 237 LEU A N   1 
ATOM   1225 C  CA  . LEU A 1 172 ? 3.575   -6.154  17.135  1.00 9.27  ? 237 LEU A CA  1 
ATOM   1226 C  C   . LEU A 1 172 ? 2.460   -6.642  18.056  1.00 10.49 ? 237 LEU A C   1 
ATOM   1227 O  O   . LEU A 1 172 ? 1.327   -6.857  17.612  1.00 10.20 ? 237 LEU A O   1 
ATOM   1228 C  CB  . LEU A 1 172 ? 4.286   -4.943  17.754  1.00 8.50  ? 237 LEU A CB  1 
ATOM   1229 C  CG  . LEU A 1 172 ? 3.452   -3.760  18.268  1.00 8.45  ? 237 LEU A CG  1 
ATOM   1230 C  CD1 . LEU A 1 172 ? 4.384   -2.684  18.790  1.00 7.70  ? 237 LEU A CD1 1 
ATOM   1231 C  CD2 . LEU A 1 172 ? 2.575   -3.200  17.164  1.00 9.18  ? 237 LEU A CD2 1 
ATOM   1232 N  N   . ASP A 1 173 ? 2.793   -6.817  19.334  1.00 11.20 ? 238 ASP A N   1 
ATOM   1233 C  CA  . ASP A 1 173 ? 1.839   -7.283  20.343  1.00 11.91 ? 238 ASP A CA  1 
ATOM   1234 C  C   . ASP A 1 173 ? 1.424   -8.737  20.148  1.00 12.10 ? 238 ASP A C   1 
ATOM   1235 O  O   . ASP A 1 173 ? 0.428   -9.188  20.717  1.00 12.46 ? 238 ASP A O   1 
ATOM   1236 C  CB  . ASP A 1 173 ? 0.588   -6.401  20.360  1.00 11.70 ? 238 ASP A CB  1 
ATOM   1237 C  CG  . ASP A 1 173 ? 0.892   -4.972  20.749  1.00 13.29 ? 238 ASP A CG  1 
ATOM   1238 O  OD1 . ASP A 1 173 ? 1.493   -4.750  21.825  1.00 13.94 ? 238 ASP A OD1 1 
ATOM   1239 O  OD2 . ASP A 1 173 ? 0.525   -4.069  19.973  1.00 15.17 ? 238 ASP A OD2 1 
ATOM   1240 N  N   . GLY A 1 174 ? 2.187   -9.462  19.336  1.00 12.62 ? 239 GLY A N   1 
ATOM   1241 C  CA  . GLY A 1 174 ? 1.895   -10.864 19.101  1.00 13.05 ? 239 GLY A CA  1 
ATOM   1242 C  C   . GLY A 1 174 ? 2.293   -11.680 20.315  1.00 13.13 ? 239 GLY A C   1 
ATOM   1243 O  O   . GLY A 1 174 ? 2.981   -11.181 21.207  1.00 12.92 ? 239 GLY A O   1 
ATOM   1244 N  N   . SER A 1 175 ? 1.871   -12.937 20.357  1.00 13.62 ? 240 SER A N   1 
ATOM   1245 C  CA  . SER A 1 175 ? 2.195   -13.792 21.488  1.00 14.00 ? 240 SER A CA  1 
ATOM   1246 C  C   . SER A 1 175 ? 3.380   -14.714 21.218  1.00 14.95 ? 240 SER A C   1 
ATOM   1247 O  O   . SER A 1 175 ? 3.883   -15.357 22.133  1.00 15.74 ? 240 SER A O   1 
ATOM   1248 C  CB  . SER A 1 175 ? 0.982   -14.636 21.875  1.00 12.88 ? 240 SER A CB  1 
ATOM   1249 O  OG  . SER A 1 175 ? 0.715   -15.615 20.891  1.00 12.97 ? 240 SER A OG  1 
ATOM   1250 N  N   . SER A 1 176 ? 3.826   -14.777 19.968  1.00 16.28 ? 241 SER A N   1 
ATOM   1251 C  CA  . SER A 1 176 ? 4.950   -15.638 19.618  1.00 17.03 ? 241 SER A CA  1 
ATOM   1252 C  C   . SER A 1 176 ? 6.102   -14.875 18.984  1.00 17.97 ? 241 SER A C   1 
ATOM   1253 O  O   . SER A 1 176 ? 5.911   -13.805 18.410  1.00 18.97 ? 241 SER A O   1 
ATOM   1254 C  CB  . SER A 1 176 ? 4.487   -16.733 18.658  1.00 17.71 ? 241 SER A CB  1 
ATOM   1255 O  OG  . SER A 1 176 ? 5.588   -17.457 18.138  1.00 18.04 ? 241 SER A OG  1 
ATOM   1256 N  N   . SER A 1 177 ? 7.303   -15.430 19.092  1.00 18.39 ? 242 SER A N   1 
ATOM   1257 C  CA  . SER A 1 177 ? 8.481   -14.805 18.506  1.00 18.68 ? 242 SER A CA  1 
ATOM   1258 C  C   . SER A 1 177 ? 8.555   -15.266 17.059  1.00 18.46 ? 242 SER A C   1 
ATOM   1259 O  O   . SER A 1 177 ? 9.336   -14.751 16.261  1.00 18.67 ? 242 SER A O   1 
ATOM   1260 C  CB  . SER A 1 177 ? 9.735   -15.241 19.252  1.00 19.14 ? 242 SER A CB  1 
ATOM   1261 O  OG  . SER A 1 177 ? 9.847   -16.651 19.226  1.00 23.06 ? 242 SER A OG  1 
ATOM   1262 N  N   . THR A 1 178 ? 7.727   -16.253 16.739  1.00 18.09 ? 243 THR A N   1 
ATOM   1263 C  CA  . THR A 1 178 ? 7.649   -16.804 15.398  1.00 18.62 ? 243 THR A CA  1 
ATOM   1264 C  C   . THR A 1 178 ? 6.361   -16.300 14.773  1.00 18.48 ? 243 THR A C   1 
ATOM   1265 O  O   . THR A 1 178 ? 5.275   -16.536 15.305  1.00 19.56 ? 243 THR A O   1 
ATOM   1266 C  CB  . THR A 1 178 ? 7.597   -18.330 15.434  1.00 19.33 ? 243 THR A CB  1 
ATOM   1267 O  OG1 . THR A 1 178 ? 8.800   -18.828 16.028  1.00 20.89 ? 243 THR A OG1 1 
ATOM   1268 C  CG2 . THR A 1 178 ? 7.443   -18.890 14.034  1.00 18.57 ? 243 THR A CG2 1 
ATOM   1269 N  N   . ALA A 1 179 ? 6.483   -15.616 13.641  1.00 16.60 ? 244 ALA A N   1 
ATOM   1270 C  CA  . ALA A 1 179 ? 5.326   -15.062 12.955  1.00 13.82 ? 244 ALA A CA  1 
ATOM   1271 C  C   . ALA A 1 179 ? 4.121   -15.991 12.913  1.00 12.88 ? 244 ALA A C   1 
ATOM   1272 O  O   . ALA A 1 179 ? 4.247   -17.191 12.665  1.00 12.50 ? 244 ALA A O   1 
ATOM   1273 C  CB  . ALA A 1 179 ? 5.706   -14.662 11.550  1.00 14.22 ? 244 ALA A CB  1 
ATOM   1274 N  N   . VAL A 1 180 ? 2.955   -15.410 13.168  1.00 12.05 ? 245 VAL A N   1 
ATOM   1275 C  CA  . VAL A 1 180 ? 1.683   -16.121 13.144  1.00 11.06 ? 245 VAL A CA  1 
ATOM   1276 C  C   . VAL A 1 180 ? 0.851   -15.430 12.069  1.00 11.66 ? 245 VAL A C   1 
ATOM   1277 O  O   . VAL A 1 180 ? 0.647   -14.215 12.131  1.00 12.70 ? 245 VAL A O   1 
ATOM   1278 C  CB  . VAL A 1 180 ? 0.942   -15.992 14.485  1.00 10.37 ? 245 VAL A CB  1 
ATOM   1279 C  CG1 . VAL A 1 180 ? -0.438  -16.616 14.384  1.00 8.84  ? 245 VAL A CG1 1 
ATOM   1280 C  CG2 . VAL A 1 180 ? 1.748   -16.647 15.581  1.00 9.59  ? 245 VAL A CG2 1 
ATOM   1281 N  N   . ALA A 1 181 ? 0.385   -16.187 11.082  1.00 10.81 ? 246 ALA A N   1 
ATOM   1282 C  CA  . ALA A 1 181 ? -0.414  -15.607 10.008  1.00 10.51 ? 246 ALA A CA  1 
ATOM   1283 C  C   . ALA A 1 181 ? -1.652  -14.941 10.598  1.00 11.14 ? 246 ALA A C   1 
ATOM   1284 O  O   . ALA A 1 181 ? -2.472  -15.603 11.235  1.00 11.63 ? 246 ALA A O   1 
ATOM   1285 C  CB  . ALA A 1 181 ? -0.815  -16.685 9.023   1.00 9.41  ? 246 ALA A CB  1 
ATOM   1286 N  N   . ALA A 1 182 ? -1.785  -13.633 10.383  1.00 10.13 ? 247 ALA A N   1 
ATOM   1287 C  CA  . ALA A 1 182 ? -2.915  -12.883 10.917  1.00 10.68 ? 247 ALA A CA  1 
ATOM   1288 C  C   . ALA A 1 182 ? -3.962  -12.561 9.862   1.00 11.45 ? 247 ALA A C   1 
ATOM   1289 O  O   . ALA A 1 182 ? -5.162  -12.708 10.097  1.00 12.33 ? 247 ALA A O   1 
ATOM   1290 C  CB  . ALA A 1 182 ? -2.422  -11.600 11.556  1.00 9.54  ? 247 ALA A CB  1 
ATOM   1291 N  N   . GLY A 1 183 ? -3.504  -12.111 8.703   1.00 11.57 ? 248 GLY A N   1 
ATOM   1292 C  CA  . GLY A 1 183 ? -4.425  -11.776 7.635   1.00 12.27 ? 248 GLY A CA  1 
ATOM   1293 C  C   . GLY A 1 183 ? -3.659  -11.221 6.458   1.00 12.13 ? 248 GLY A C   1 
ATOM   1294 O  O   . GLY A 1 183 ? -2.495  -11.569 6.257   1.00 12.27 ? 248 GLY A O   1 
ATOM   1295 N  N   . ARG A 1 184 ? -4.303  -10.373 5.666   1.00 11.89 ? 249 ARG A N   1 
ATOM   1296 C  CA  . ARG A 1 184 ? -3.618  -9.776  4.531   1.00 11.95 ? 249 ARG A CA  1 
ATOM   1297 C  C   . ARG A 1 184 ? -4.122  -8.402  4.133   1.00 10.81 ? 249 ARG A C   1 
ATOM   1298 O  O   . ARG A 1 184 ? -5.232  -8.000  4.481   1.00 10.98 ? 249 ARG A O   1 
ATOM   1299 C  CB  . ARG A 1 184 ? -3.634  -10.722 3.324   1.00 12.36 ? 249 ARG A CB  1 
ATOM   1300 C  CG  . ARG A 1 184 ? -4.824  -11.626 3.232   1.00 12.88 ? 249 ARG A CG  1 
ATOM   1301 C  CD  . ARG A 1 184 ? -4.425  -12.948 2.593   1.00 11.23 ? 249 ARG A CD  1 
ATOM   1302 N  NE  . ARG A 1 184 ? -5.157  -14.033 3.230   1.00 12.89 ? 249 ARG A NE  1 
ATOM   1303 C  CZ  . ARG A 1 184 ? -4.869  -15.320 3.095   1.00 13.91 ? 249 ARG A CZ  1 
ATOM   1304 N  NH1 . ARG A 1 184 ? -3.855  -15.710 2.333   1.00 16.78 ? 249 ARG A NH1 1 
ATOM   1305 N  NH2 . ARG A 1 184 ? -5.592  -16.214 3.745   1.00 14.19 ? 249 ARG A NH2 1 
ATOM   1306 N  N   . ILE A 1 185 ? -3.265  -7.676  3.422   1.00 9.14  ? 250 ILE A N   1 
ATOM   1307 C  CA  . ILE A 1 185 ? -3.580  -6.338  2.964   1.00 7.15  ? 250 ILE A CA  1 
ATOM   1308 C  C   . ILE A 1 185 ? -3.940  -6.375  1.493   1.00 7.47  ? 250 ILE A C   1 
ATOM   1309 O  O   . ILE A 1 185 ? -3.186  -6.906  0.675   1.00 7.37  ? 250 ILE A O   1 
ATOM   1310 C  CB  . ILE A 1 185 ? -2.379  -5.392  3.145   1.00 5.13  ? 250 ILE A CB  1 
ATOM   1311 C  CG1 . ILE A 1 185 ? -2.048  -5.258  4.629   1.00 4.70  ? 250 ILE A CG1 1 
ATOM   1312 C  CG2 . ILE A 1 185 ? -2.691  -4.036  2.544   1.00 4.40  ? 250 ILE A CG2 1 
ATOM   1313 C  CD1 . ILE A 1 185 ? -0.891  -4.336  4.918   1.00 4.59  ? 250 ILE A CD1 1 
ATOM   1314 N  N   . TYR A 1 186 ? -5.107  -5.832  1.164   1.00 7.10  ? 251 TYR A N   1 
ATOM   1315 C  CA  . TYR A 1 186 ? -5.546  -5.778  -0.221  1.00 7.57  ? 251 TYR A CA  1 
ATOM   1316 C  C   . TYR A 1 186 ? -5.493  -4.325  -0.665  1.00 8.96  ? 251 TYR A C   1 
ATOM   1317 O  O   . TYR A 1 186 ? -5.682  -3.409  0.145   1.00 10.29 ? 251 TYR A O   1 
ATOM   1318 C  CB  . TYR A 1 186 ? -6.981  -6.289  -0.374  1.00 5.68  ? 251 TYR A CB  1 
ATOM   1319 C  CG  . TYR A 1 186 ? -7.177  -7.743  -0.031  1.00 5.55  ? 251 TYR A CG  1 
ATOM   1320 C  CD1 . TYR A 1 186 ? -7.390  -8.146  1.283   1.00 5.07  ? 251 TYR A CD1 1 
ATOM   1321 C  CD2 . TYR A 1 186 ? -7.157  -8.723  -1.026  1.00 4.91  ? 251 TYR A CD2 1 
ATOM   1322 C  CE1 . TYR A 1 186 ? -7.582  -9.488  1.602   1.00 6.40  ? 251 TYR A CE1 1 
ATOM   1323 C  CE2 . TYR A 1 186 ? -7.347  -10.071 -0.719  1.00 4.83  ? 251 TYR A CE2 1 
ATOM   1324 C  CZ  . TYR A 1 186 ? -7.560  -10.446 0.598   1.00 6.21  ? 251 TYR A CZ  1 
ATOM   1325 O  OH  . TYR A 1 186 ? -7.762  -11.771 0.919   1.00 5.10  ? 251 TYR A OH  1 
ATOM   1326 N  N   . CYS A 1 187 ? -5.227  -4.111  -1.949  1.00 7.78  ? 252 CYS A N   1 
ATOM   1327 C  CA  . CYS A 1 187 ? -5.185  -2.760  -2.478  1.00 7.56  ? 252 CYS A CA  1 
ATOM   1328 C  C   . CYS A 1 187 ? -6.357  -2.553  -3.434  1.00 7.69  ? 252 CYS A C   1 
ATOM   1329 O  O   . CYS A 1 187 ? -6.588  -3.353  -4.342  1.00 7.22  ? 252 CYS A O   1 
ATOM   1330 C  CB  . CYS A 1 187 ? -3.863  -2.504  -3.201  1.00 6.67  ? 252 CYS A CB  1 
ATOM   1331 S  SG  . CYS A 1 187 ? -3.648  -0.784  -3.700  1.00 8.27  ? 252 CYS A SG  1 
ATOM   1332 N  N   . THR A 1 188 ? -7.116  -1.490  -3.201  1.00 7.86  ? 253 THR A N   1 
ATOM   1333 C  CA  . THR A 1 188 ? -8.258  -1.161  -4.047  1.00 7.66  ? 253 THR A CA  1 
ATOM   1334 C  C   . THR A 1 188 ? -7.907  0.163   -4.694  1.00 7.64  ? 253 THR A C   1 
ATOM   1335 O  O   . THR A 1 188 ? -7.606  1.141   -4.004  1.00 7.65  ? 253 THR A O   1 
ATOM   1336 C  CB  . THR A 1 188 ? -9.527  -0.992  -3.223  1.00 7.37  ? 253 THR A CB  1 
ATOM   1337 O  OG1 . THR A 1 188 ? -9.667  -2.108  -2.333  1.00 8.33  ? 253 THR A OG1 1 
ATOM   1338 C  CG2 . THR A 1 188 ? -10.731 -0.904  -4.138  1.00 4.13  ? 253 THR A CG2 1 
ATOM   1339 N  N   . TYR A 1 189 ? -7.955  0.206   -6.018  1.00 6.58  ? 254 TYR A N   1 
ATOM   1340 C  CA  . TYR A 1 189 ? -7.572  1.416   -6.716  1.00 5.95  ? 254 TYR A CA  1 
ATOM   1341 C  C   . TYR A 1 189 ? -8.387  1.757   -7.945  1.00 6.14  ? 254 TYR A C   1 
ATOM   1342 O  O   . TYR A 1 189 ? -9.037  0.902   -8.549  1.00 6.05  ? 254 TYR A O   1 
ATOM   1343 C  CB  . TYR A 1 189 ? -6.106  1.288   -7.128  1.00 6.01  ? 254 TYR A CB  1 
ATOM   1344 C  CG  . TYR A 1 189 ? -5.817  -0.036  -7.811  1.00 7.26  ? 254 TYR A CG  1 
ATOM   1345 C  CD1 . TYR A 1 189 ? -6.231  -0.280  -9.124  1.00 7.75  ? 254 TYR A CD1 1 
ATOM   1346 C  CD2 . TYR A 1 189 ? -5.207  -1.079  -7.112  1.00 8.60  ? 254 TYR A CD2 1 
ATOM   1347 C  CE1 . TYR A 1 189 ? -6.052  -1.540  -9.722  1.00 7.78  ? 254 TYR A CE1 1 
ATOM   1348 C  CE2 . TYR A 1 189 ? -5.024  -2.337  -7.695  1.00 8.88  ? 254 TYR A CE2 1 
ATOM   1349 C  CZ  . TYR A 1 189 ? -5.450  -2.563  -8.997  1.00 9.51  ? 254 TYR A CZ  1 
ATOM   1350 O  OH  . TYR A 1 189 ? -5.289  -3.818  -9.550  1.00 9.59  ? 254 TYR A OH  1 
ATOM   1351 N  N   . THR A 1 190 ? -8.345  3.035   -8.294  1.00 6.02  ? 255 THR A N   1 
ATOM   1352 C  CA  . THR A 1 190 ? -8.980  3.545   -9.494  1.00 6.11  ? 255 THR A CA  1 
ATOM   1353 C  C   . THR A 1 190 ? -7.807  4.281   -10.106 1.00 7.40  ? 255 THR A C   1 
ATOM   1354 O  O   . THR A 1 190 ? -7.382  5.326   -9.603  1.00 7.79  ? 255 THR A O   1 
ATOM   1355 C  CB  . THR A 1 190 ? -10.102 4.535   -9.207  1.00 4.80  ? 255 THR A CB  1 
ATOM   1356 O  OG1 . THR A 1 190 ? -11.209 3.842   -8.624  1.00 4.38  ? 255 THR A OG1 1 
ATOM   1357 C  CG2 . THR A 1 190 ? -10.555 5.190   -10.498 1.00 2.81  ? 255 THR A CG2 1 
ATOM   1358 N  N   . ILE A 1 191 ? -7.264  3.712   -11.175 1.00 7.48  ? 256 ILE A N   1 
ATOM   1359 C  CA  . ILE A 1 191 ? -6.101  4.277   -11.830 1.00 6.52  ? 256 ILE A CA  1 
ATOM   1360 C  C   . ILE A 1 191 ? -6.400  4.711   -13.255 1.00 7.16  ? 256 ILE A C   1 
ATOM   1361 O  O   . ILE A 1 191 ? -7.191  4.077   -13.958 1.00 6.66  ? 256 ILE A O   1 
ATOM   1362 C  CB  . ILE A 1 191 ? -4.952  3.234   -11.835 1.00 6.15  ? 256 ILE A CB  1 
ATOM   1363 C  CG1 . ILE A 1 191 ? -3.678  3.838   -12.420 1.00 6.60  ? 256 ILE A CG1 1 
ATOM   1364 C  CG2 . ILE A 1 191 ? -5.367  2.004   -12.631 1.00 5.43  ? 256 ILE A CG2 1 
ATOM   1365 C  CD1 . ILE A 1 191 ? -2.498  2.884   -12.390 1.00 5.29  ? 256 ILE A CD1 1 
ATOM   1366 N  N   . GLN A 1 192 ? -5.783  5.815   -13.667 1.00 8.02  ? 257 GLN A N   1 
ATOM   1367 C  CA  . GLN A 1 192 ? -5.943  6.314   -15.027 1.00 8.20  ? 257 GLN A CA  1 
ATOM   1368 C  C   . GLN A 1 192 ? -4.621  6.005   -15.705 1.00 8.76  ? 257 GLN A C   1 
ATOM   1369 O  O   . GLN A 1 192 ? -3.560  6.420   -15.226 1.00 9.74  ? 257 GLN A O   1 
ATOM   1370 C  CB  . GLN A 1 192 ? -6.168  7.824   -15.051 1.00 6.83  ? 257 GLN A CB  1 
ATOM   1371 C  CG  . GLN A 1 192 ? -7.232  8.313   -14.112 1.00 8.30  ? 257 GLN A CG  1 
ATOM   1372 C  CD  . GLN A 1 192 ? -7.538  9.780   -14.313 1.00 8.77  ? 257 GLN A CD  1 
ATOM   1373 O  OE1 . GLN A 1 192 ? -8.454  10.133  -15.058 1.00 8.55  ? 257 GLN A OE1 1 
ATOM   1374 N  NE2 . GLN A 1 192 ? -6.761  10.647  -13.663 1.00 7.98  ? 257 GLN A NE2 1 
ATOM   1375 N  N   . MET A 1 193 ? -4.680  5.269   -16.807 1.00 7.95  ? 258 MET A N   1 
ATOM   1376 C  CA  . MET A 1 193 ? -3.474  4.908   -17.535 1.00 8.04  ? 258 MET A CA  1 
ATOM   1377 C  C   . MET A 1 193 ? -3.465  5.616   -18.884 1.00 8.60  ? 258 MET A C   1 
ATOM   1378 O  O   . MET A 1 193 ? -4.472  5.622   -19.595 1.00 9.83  ? 258 MET A O   1 
ATOM   1379 C  CB  . MET A 1 193 ? -3.423  3.392   -17.702 1.00 6.78  ? 258 MET A CB  1 
ATOM   1380 C  CG  . MET A 1 193 ? -3.543  2.668   -16.367 1.00 6.29  ? 258 MET A CG  1 
ATOM   1381 S  SD  . MET A 1 193 ? -3.462  0.886   -16.509 1.00 8.65  ? 258 MET A SD  1 
ATOM   1382 C  CE  . MET A 1 193 ? -5.073  0.535   -17.225 1.00 7.38  ? 258 MET A CE  1 
ATOM   1383 N  N   . ILE A 1 194 ? -2.329  6.219   -19.230 1.00 7.60  ? 259 ILE A N   1 
ATOM   1384 C  CA  . ILE A 1 194 ? -2.217  6.953   -20.487 1.00 7.05  ? 259 ILE A CA  1 
ATOM   1385 C  C   . ILE A 1 194 ? -0.965  6.626   -21.288 1.00 7.58  ? 259 ILE A C   1 
ATOM   1386 O  O   . ILE A 1 194 ? -0.024  6.017   -20.778 1.00 8.04  ? 259 ILE A O   1 
ATOM   1387 C  CB  . ILE A 1 194 ? -2.207  8.468   -20.229 1.00 6.07  ? 259 ILE A CB  1 
ATOM   1388 C  CG1 . ILE A 1 194 ? -0.996  8.824   -19.358 1.00 5.63  ? 259 ILE A CG1 1 
ATOM   1389 C  CG2 . ILE A 1 194 ? -3.505  8.893   -19.559 1.00 6.12  ? 259 ILE A CG2 1 
ATOM   1390 C  CD1 . ILE A 1 194 ? -0.832  10.300  -19.081 1.00 2.81  ? 259 ILE A CD1 1 
ATOM   1391 N  N   . GLU A 1 195 ? -0.972  7.048   -22.552 1.00 7.71  ? 260 GLU A N   1 
ATOM   1392 C  CA  . GLU A 1 195 ? 0.156   6.859   -23.460 1.00 6.92  ? 260 GLU A CA  1 
ATOM   1393 C  C   . GLU A 1 195 ? 0.669   5.431   -23.538 1.00 7.34  ? 260 GLU A C   1 
ATOM   1394 O  O   . GLU A 1 195 ? 1.749   5.119   -23.026 1.00 7.27  ? 260 GLU A O   1 
ATOM   1395 C  CB  . GLU A 1 195 ? 1.289   7.796   -23.051 1.00 6.08  ? 260 GLU A CB  1 
ATOM   1396 C  CG  . GLU A 1 195 ? 0.899   9.251   -23.159 1.00 6.90  ? 260 GLU A CG  1 
ATOM   1397 C  CD  . GLU A 1 195 ? 1.462   10.092  -22.038 1.00 9.41  ? 260 GLU A CD  1 
ATOM   1398 O  OE1 . GLU A 1 195 ? 1.193   11.315  -22.026 1.00 9.53  ? 260 GLU A OE1 1 
ATOM   1399 O  OE2 . GLU A 1 195 ? 2.164   9.531   -21.170 1.00 9.79  ? 260 GLU A OE2 1 
ATOM   1400 N  N   . PRO A 1 196 ? -0.095  4.542   -24.193 1.00 6.81  ? 261 PRO A N   1 
ATOM   1401 C  CA  . PRO A 1 196 ? 0.289   3.136   -24.337 1.00 7.23  ? 261 PRO A CA  1 
ATOM   1402 C  C   . PRO A 1 196 ? 1.673   2.914   -24.948 1.00 7.78  ? 261 PRO A C   1 
ATOM   1403 O  O   . PRO A 1 196 ? 2.205   3.772   -25.665 1.00 8.25  ? 261 PRO A O   1 
ATOM   1404 C  CB  . PRO A 1 196 ? -0.845  2.547   -25.186 1.00 5.85  ? 261 PRO A CB  1 
ATOM   1405 C  CG  . PRO A 1 196 ? -1.400  3.723   -25.907 1.00 5.76  ? 261 PRO A CG  1 
ATOM   1406 C  CD  . PRO A 1 196 ? -1.375  4.805   -24.867 1.00 5.33  ? 261 PRO A CD  1 
ATOM   1407 N  N   . THR A 1 197 ? 2.239   1.750   -24.641 1.00 8.73  ? 262 THR A N   1 
ATOM   1408 C  CA  . THR A 1 197 ? 3.562   1.346   -25.109 1.00 9.56  ? 262 THR A CA  1 
ATOM   1409 C  C   . THR A 1 197 ? 3.636   -0.171  -25.120 1.00 9.70  ? 262 THR A C   1 
ATOM   1410 O  O   . THR A 1 197 ? 2.882   -0.829  -24.410 1.00 10.15 ? 262 THR A O   1 
ATOM   1411 C  CB  . THR A 1 197 ? 4.662   1.833   -24.145 1.00 9.76  ? 262 THR A CB  1 
ATOM   1412 O  OG1 . THR A 1 197 ? 5.940   1.341   -24.575 1.00 10.76 ? 262 THR A OG1 1 
ATOM   1413 C  CG2 . THR A 1 197 ? 4.382   1.323   -22.736 1.00 8.08  ? 262 THR A CG2 1 
ATOM   1414 N  N   . ALA A 1 198 ? 4.530   -0.731  -25.929 1.00 10.33 ? 263 ALA A N   1 
ATOM   1415 C  CA  . ALA A 1 198 ? 4.693   -2.178  -25.939 1.00 10.23 ? 263 ALA A CA  1 
ATOM   1416 C  C   . ALA A 1 198 ? 5.287   -2.444  -24.553 1.00 10.58 ? 263 ALA A C   1 
ATOM   1417 O  O   . ALA A 1 198 ? 6.290   -1.828  -24.187 1.00 11.51 ? 263 ALA A O   1 
ATOM   1418 C  CB  . ALA A 1 198 ? 5.666   -2.586  -27.023 1.00 9.84  ? 263 ALA A CB  1 
ATOM   1419 N  N   . SER A 1 199 ? 4.673   -3.341  -23.783 1.00 9.10  ? 264 SER A N   1 
ATOM   1420 C  CA  . SER A 1 199 ? 5.142   -3.624  -22.423 1.00 8.25  ? 264 SER A CA  1 
ATOM   1421 C  C   . SER A 1 199 ? 6.620   -3.979  -22.327 1.00 7.86  ? 264 SER A C   1 
ATOM   1422 O  O   . SER A 1 199 ? 7.300   -3.601  -21.373 1.00 8.05  ? 264 SER A O   1 
ATOM   1423 C  CB  . SER A 1 199 ? 4.309   -4.741  -21.788 1.00 7.49  ? 264 SER A CB  1 
ATOM   1424 O  OG  . SER A 1 199 ? 4.497   -5.970  -22.459 1.00 10.01 ? 264 SER A OG  1 
ATOM   1425 N  N   . ALA A 1 200 ? 7.122   -4.702  -23.318 1.00 6.75  ? 265 ALA A N   1 
ATOM   1426 C  CA  . ALA A 1 200 ? 8.520   -5.101  -23.322 1.00 6.02  ? 265 ALA A CA  1 
ATOM   1427 C  C   . ALA A 1 200 ? 9.491   -3.921  -23.228 1.00 6.83  ? 265 ALA A C   1 
ATOM   1428 O  O   . ALA A 1 200 ? 10.639  -4.090  -22.822 1.00 8.78  ? 265 ALA A O   1 
ATOM   1429 C  CB  . ALA A 1 200 ? 8.805   -5.902  -24.573 1.00 5.48  ? 265 ALA A CB  1 
ATOM   1430 N  N   . LEU A 1 201 ? 9.039   -2.727  -23.594 1.00 6.41  ? 266 LEU A N   1 
ATOM   1431 C  CA  . LEU A 1 201 ? 9.912   -1.555  -23.569 1.00 5.48  ? 266 LEU A CA  1 
ATOM   1432 C  C   . LEU A 1 201 ? 9.817   -0.725  -22.295 1.00 5.61  ? 266 LEU A C   1 
ATOM   1433 O  O   . LEU A 1 201 ? 10.642  0.163   -22.066 1.00 4.64  ? 266 LEU A O   1 
ATOM   1434 C  CB  . LEU A 1 201 ? 9.594   -0.647  -24.757 1.00 3.87  ? 266 LEU A CB  1 
ATOM   1435 C  CG  . LEU A 1 201 ? 9.637   -1.232  -26.166 1.00 4.39  ? 266 LEU A CG  1 
ATOM   1436 C  CD1 . LEU A 1 201 ? 9.241   -0.162  -27.182 1.00 2.81  ? 266 LEU A CD1 1 
ATOM   1437 C  CD2 . LEU A 1 201 ? 11.034  -1.751  -26.451 1.00 4.90  ? 266 LEU A CD2 1 
ATOM   1438 N  N   . ASN A 1 202 ? 8.820   -1.014  -21.466 1.00 5.72  ? 267 ASN A N   1 
ATOM   1439 C  CA  . ASN A 1 202 ? 8.598   -0.243  -20.249 1.00 7.02  ? 267 ASN A CA  1 
ATOM   1440 C  C   . ASN A 1 202 ? 9.498   -0.582  -19.070 1.00 7.31  ? 267 ASN A C   1 
ATOM   1441 O  O   . ASN A 1 202 ? 9.364   -1.643  -18.465 1.00 8.06  ? 267 ASN A O   1 
ATOM   1442 C  CB  . ASN A 1 202 ? 7.141   -0.381  -19.812 1.00 8.43  ? 267 ASN A CB  1 
ATOM   1443 C  CG  . ASN A 1 202 ? 6.679   0.783   -18.967 1.00 11.21 ? 267 ASN A CG  1 
ATOM   1444 O  OD1 . ASN A 1 202 ? 7.476   1.424   -18.279 1.00 12.47 ? 267 ASN A OD1 1 
ATOM   1445 N  ND2 . ASN A 1 202 ? 5.380   1.060   -19.008 1.00 13.30 ? 267 ASN A ND2 1 
ATOM   1446 N  N   . ASN A 1 203 ? 10.400  0.333   -18.730 1.00 8.16  ? 268 ASN A N   1 
ATOM   1447 C  CA  . ASN A 1 203 ? 11.297  0.120   -17.601 1.00 9.31  ? 268 ASN A CA  1 
ATOM   1448 C  C   . ASN A 1 203 ? 10.922  1.063   -16.469 1.00 10.43 ? 268 ASN A C   1 
ATOM   1449 O  O   . ASN A 1 203 ? 10.203  2.056   -16.750 1.00 9.56  ? 268 ASN A O   1 
ATOM   1450 C  CB  . ASN A 1 203 ? 12.745  0.378   -18.008 1.00 9.34  ? 268 ASN A CB  1 
ATOM   1451 C  CG  . ASN A 1 203 ? 13.147  -0.395  -19.243 1.00 10.59 ? 268 ASN A CG  1 
ATOM   1452 O  OD1 . ASN A 1 203 ? 13.078  -1.628  -19.277 1.00 13.07 ? 268 ASN A OD1 1 
ATOM   1453 N  ND2 . ASN A 1 203 ? 13.573  0.329   -20.272 1.00 10.96 ? 268 ASN A ND2 1 
ATOM   1454 O  OXT . ASN A 1 203 ? 11.363  0.801   -15.328 1.00 10.74 ? 268 ASN A OXT 1 
HETATM 1455 CA CA  . CA  B 2 .   ? 8.463   3.402   -17.784 1.00 7.96  ? 375 CA  A CA  1 
HETATM 1456 O  O   . HOH C 3 .   ? -3.650  6.602   -27.213 1.00 2.81  ? 269 HOH A O   1 
HETATM 1457 O  O   . HOH C 3 .   ? -9.001  7.839   -25.787 1.00 29.86 ? 270 HOH A O   1 
HETATM 1458 O  O   . HOH C 3 .   ? -11.361 4.290   -19.747 1.00 16.08 ? 271 HOH A O   1 
HETATM 1459 O  O   . HOH C 3 .   ? -16.876 1.642   -11.317 1.00 38.58 ? 272 HOH A O   1 
HETATM 1460 O  O   . HOH C 3 .   ? -12.649 7.876   -8.725  1.00 29.04 ? 273 HOH A O   1 
HETATM 1461 O  O   . HOH C 3 .   ? -15.397 -2.393  -8.896  1.00 14.14 ? 274 HOH A O   1 
HETATM 1462 O  O   . HOH C 3 .   ? -12.437 -5.919  -8.950  1.00 20.53 ? 275 HOH A O   1 
HETATM 1463 O  O   . HOH C 3 .   ? -1.280  -13.265 -14.046 1.00 2.81  ? 276 HOH A O   1 
HETATM 1464 O  O   . HOH C 3 .   ? 4.345   -7.426  -0.581  1.00 30.60 ? 277 HOH A O   1 
HETATM 1465 O  O   . HOH C 3 .   ? 4.754   -8.069  4.920   1.00 20.10 ? 278 HOH A O   1 
HETATM 1466 O  O   . HOH C 3 .   ? 10.811  0.985   19.100  1.00 23.41 ? 279 HOH A O   1 
HETATM 1467 O  O   . HOH C 3 .   ? 7.525   16.158  16.605  1.00 17.54 ? 280 HOH A O   1 
HETATM 1468 O  O   . HOH C 3 .   ? 3.671   6.835   24.770  1.00 2.81  ? 281 HOH A O   1 
HETATM 1469 O  O   . HOH C 3 .   ? 6.505   0.854   19.385  1.00 2.81  ? 282 HOH A O   1 
HETATM 1470 O  O   . HOH C 3 .   ? 0.763   -13.691 18.037  1.00 11.93 ? 283 HOH A O   1 
HETATM 1471 O  O   . HOH C 3 .   ? -1.726  -15.482 19.200  1.00 6.66  ? 284 HOH A O   1 
HETATM 1472 O  O   . HOH C 3 .   ? -8.756  13.331  -14.235 1.00 18.13 ? 285 HOH A O   1 
HETATM 1473 O  O   . HOH C 3 .   ? -0.051  -1.155  24.925  1.00 8.23  ? 286 HOH A O   1 
HETATM 1474 O  O   . HOH C 3 .   ? 3.605   -1.968  25.320  1.00 16.00 ? 287 HOH A O   1 
HETATM 1475 O  O   . HOH C 3 .   ? 5.623   5.013   -10.717 1.00 7.65  ? 288 HOH A O   1 
HETATM 1476 O  O   . HOH C 3 .   ? 1.944   20.734  -19.782 1.00 33.02 ? 289 HOH A O   1 
HETATM 1477 O  O   . HOH C 3 .   ? 7.483   15.140  -8.206  1.00 2.81  ? 290 HOH A O   1 
HETATM 1478 O  O   . HOH C 3 .   ? 14.537  7.548   14.838  1.00 15.00 ? 291 HOH A O   1 
HETATM 1479 O  O   . HOH C 3 .   ? 12.780  3.700   -1.738  1.00 2.81  ? 292 HOH A O   1 
HETATM 1480 O  O   . HOH C 3 .   ? -6.823  14.775  -0.414  1.00 15.24 ? 293 HOH A O   1 
HETATM 1481 O  O   . HOH C 3 .   ? -3.480  15.588  2.770   1.00 22.89 ? 294 HOH A O   1 
HETATM 1482 O  O   . HOH C 3 .   ? -11.347 4.690   5.673   1.00 27.90 ? 295 HOH A O   1 
HETATM 1483 O  O   . HOH C 3 .   ? 9.429   7.474   19.223  1.00 2.81  ? 296 HOH A O   1 
HETATM 1484 O  O   . HOH C 3 .   ? 12.597  0.641   -1.947  1.00 12.81 ? 297 HOH A O   1 
HETATM 1485 O  O   . HOH C 3 .   ? -9.003  4.981   -24.015 1.00 21.59 ? 298 HOH A O   1 
HETATM 1486 O  O   . HOH C 3 .   ? 3.115   -10.825 0.771   1.00 14.99 ? 299 HOH A O   1 
HETATM 1487 O  O   . HOH C 3 .   ? 11.992  1.018   10.813  1.00 7.13  ? 300 HOH A O   1 
HETATM 1488 O  O   . HOH C 3 .   ? 11.508  -3.605  12.289  1.00 11.33 ? 301 HOH A O   1 
HETATM 1489 O  O   . HOH C 3 .   ? 5.513   -8.778  14.352  1.00 9.06  ? 302 HOH A O   1 
HETATM 1490 O  O   . HOH C 3 .   ? 5.630   -8.934  11.515  1.00 15.21 ? 303 HOH A O   1 
HETATM 1491 O  O   . HOH C 3 .   ? 2.724   -9.917  -12.834 1.00 17.96 ? 304 HOH A O   1 
HETATM 1492 O  O   . HOH C 3 .   ? -0.030  -14.717 -10.012 1.00 25.54 ? 305 HOH A O   1 
HETATM 1493 O  O   . HOH C 3 .   ? 5.774   -5.351  9.178   1.00 11.13 ? 306 HOH A O   1 
HETATM 1494 O  O   . HOH C 3 .   ? 3.726   -2.150  22.768  1.00 15.99 ? 307 HOH A O   1 
HETATM 1495 O  O   . HOH C 3 .   ? -3.688  -15.740 6.505   1.00 10.52 ? 308 HOH A O   1 
HETATM 1496 O  O   . HOH C 3 .   ? 14.677  4.262   2.607   1.00 28.21 ? 309 HOH A O   1 
HETATM 1497 O  O   . HOH C 3 .   ? -0.326  17.432  -14.656 1.00 24.63 ? 310 HOH A O   1 
HETATM 1498 O  O   . HOH C 3 .   ? 0.476   -19.087 -8.182  1.00 24.49 ? 311 HOH A O   1 
HETATM 1499 O  O   . HOH C 3 .   ? 15.806  6.513   3.390   1.00 17.54 ? 312 HOH A O   1 
HETATM 1500 O  O   . HOH C 3 .   ? 11.069  3.344   0.537   1.00 5.07  ? 313 HOH A O   1 
HETATM 1501 O  O   . HOH C 3 .   ? -7.746  13.266  11.824  1.00 5.44  ? 314 HOH A O   1 
HETATM 1502 O  O   . HOH C 3 .   ? -3.981  18.346  -24.771 1.00 21.27 ? 315 HOH A O   1 
HETATM 1503 O  O   . HOH C 3 .   ? -3.156  8.258   -24.121 1.00 2.81  ? 316 HOH A O   1 
HETATM 1504 O  O   . HOH C 3 .   ? -9.700  2.791   -3.912  1.00 15.82 ? 317 HOH A O   1 
HETATM 1505 O  O   . HOH C 3 .   ? -11.222 2.483   -6.185  1.00 14.73 ? 318 HOH A O   1 
HETATM 1506 O  O   . HOH C 3 .   ? 1.827   -1.506  -2.541  1.00 10.07 ? 319 HOH A O   1 
HETATM 1507 O  O   . HOH C 3 .   ? 8.366   5.495   21.499  1.00 14.54 ? 320 HOH A O   1 
HETATM 1508 O  O   . HOH C 3 .   ? 7.786   7.941   23.343  1.00 27.28 ? 321 HOH A O   1 
HETATM 1509 O  O   . HOH C 3 .   ? 4.554   4.077   22.905  1.00 6.94  ? 322 HOH A O   1 
HETATM 1510 O  O   . HOH C 3 .   ? 1.242   -1.637  27.307  1.00 19.73 ? 323 HOH A O   1 
HETATM 1511 O  O   . HOH C 3 .   ? 3.293   -14.963 8.635   1.00 34.67 ? 324 HOH A O   1 
HETATM 1512 O  O   . HOH C 3 .   ? 0.379   -18.983 11.440  1.00 35.78 ? 325 HOH A O   1 
HETATM 1513 O  O   . HOH C 3 .   ? -13.183 -5.577  16.220  1.00 21.35 ? 326 HOH A O   1 
HETATM 1514 O  O   . HOH C 3 .   ? 6.269   -5.635  -15.961 1.00 19.13 ? 327 HOH A O   1 
HETATM 1515 O  O   . HOH C 3 .   ? 2.022   -7.642  -22.913 1.00 30.91 ? 328 HOH A O   1 
HETATM 1516 O  O   . HOH C 3 .   ? 3.201   -5.194  -27.930 1.00 2.81  ? 329 HOH A O   1 
HETATM 1517 O  O   . HOH C 3 .   ? -7.413  -12.538 5.014   1.00 12.34 ? 330 HOH A O   1 
HETATM 1518 O  O   . HOH C 3 .   ? 5.471   1.714   -11.219 1.00 13.14 ? 331 HOH A O   1 
HETATM 1519 O  O   . HOH C 3 .   ? 9.719   10.548  -2.732  1.00 2.81  ? 332 HOH A O   1 
HETATM 1520 O  O   . HOH C 3 .   ? -1.793  10.320  -9.355  1.00 3.87  ? 333 HOH A O   1 
HETATM 1521 O  O   . HOH C 3 .   ? 10.096  -2.693  3.917   1.00 25.88 ? 334 HOH A O   1 
HETATM 1522 O  O   . HOH C 3 .   ? 7.835   -5.324  -5.711  1.00 22.70 ? 335 HOH A O   1 
HETATM 1523 O  O   . HOH C 3 .   ? 13.057  1.930   2.058   1.00 14.62 ? 336 HOH A O   1 
HETATM 1524 O  O   . HOH C 3 .   ? 18.446  -2.685  -9.736  1.00 7.51  ? 337 HOH A O   1 
HETATM 1525 O  O   . HOH C 3 .   ? 21.272  -0.846  -8.738  1.00 29.02 ? 338 HOH A O   1 
HETATM 1526 O  O   . HOH C 3 .   ? 15.338  3.882   -0.561  1.00 34.67 ? 339 HOH A O   1 
HETATM 1527 O  O   . HOH C 3 .   ? -7.190  7.468   -2.752  1.00 8.02  ? 340 HOH A O   1 
HETATM 1528 O  O   . HOH C 3 .   ? 7.622   -1.590  -2.617  1.00 18.75 ? 341 HOH A O   1 
HETATM 1529 O  O   . HOH C 3 .   ? -14.213 -10.125 6.335   1.00 19.72 ? 342 HOH A O   1 
HETATM 1530 O  O   . HOH C 3 .   ? -8.973  15.291  6.278   1.00 27.41 ? 343 HOH A O   1 
HETATM 1531 O  O   . HOH C 3 .   ? 10.675  11.041  16.998  1.00 2.81  ? 344 HOH A O   1 
HETATM 1532 O  O   . HOH C 3 .   ? 13.931  3.239   10.184  1.00 7.17  ? 345 HOH A O   1 
HETATM 1533 O  O   . HOH C 3 .   ? -25.309 -0.183  0.943   1.00 25.61 ? 346 HOH A O   1 
HETATM 1534 O  O   . HOH C 3 .   ? 4.406   -5.490  3.460   1.00 17.87 ? 347 HOH A O   1 
HETATM 1535 O  O   . HOH C 3 .   ? 5.112   -8.250  8.582   1.00 4.92  ? 348 HOH A O   1 
HETATM 1536 O  O   . HOH C 3 .   ? 6.589   -7.443  -21.294 1.00 14.07 ? 349 HOH A O   1 
HETATM 1537 O  O   . HOH C 3 .   ? 5.375   -11.453 -7.206  1.00 36.27 ? 350 HOH A O   1 
HETATM 1538 O  O   . HOH C 3 .   ? -4.229  -17.553 16.963  1.00 16.73 ? 351 HOH A O   1 
HETATM 1539 O  O   . HOH C 3 .   ? 1.850   -7.769  24.025  1.00 27.39 ? 352 HOH A O   1 
HETATM 1540 O  O   . HOH C 3 .   ? -5.877  12.295  -24.352 1.00 28.77 ? 353 HOH A O   1 
HETATM 1541 O  O   . HOH C 3 .   ? -13.615 2.542   -13.415 1.00 19.90 ? 354 HOH A O   1 
HETATM 1542 O  O   . HOH C 3 .   ? -17.254 1.053   -14.609 1.00 33.34 ? 355 HOH A O   1 
HETATM 1543 O  O   . HOH C 3 .   ? 12.414  -0.809  13.238  1.00 17.18 ? 356 HOH A O   1 
HETATM 1544 O  O   . HOH C 3 .   ? 6.003   3.836   20.278  1.00 4.59  ? 357 HOH A O   1 
HETATM 1545 O  O   . HOH C 3 .   ? 9.821   -10.302 15.313  1.00 15.02 ? 358 HOH A O   1 
HETATM 1546 O  O   . HOH C 3 .   ? -0.348  -9.358  -19.648 1.00 30.86 ? 359 HOH A O   1 
HETATM 1547 O  O   . HOH C 3 .   ? -0.479  -11.877 -21.340 1.00 22.56 ? 360 HOH A O   1 
HETATM 1548 O  O   . HOH C 3 .   ? -4.655  11.847  -9.199  1.00 18.81 ? 361 HOH A O   1 
HETATM 1549 O  O   . HOH C 3 .   ? -3.410  17.979  -14.033 1.00 63.45 ? 362 HOH A O   1 
HETATM 1550 O  O   . HOH C 3 .   ? 8.624   13.564  -2.391  1.00 3.12  ? 363 HOH A O   1 
HETATM 1551 O  O   . HOH C 3 .   ? 6.578   14.954  -3.938  1.00 23.50 ? 364 HOH A O   1 
HETATM 1552 O  O   . HOH C 3 .   ? 5.394   13.137  -19.299 1.00 2.81  ? 365 HOH A O   1 
HETATM 1553 O  O   . HOH C 3 .   ? -2.091  10.909  12.518  1.00 19.77 ? 366 HOH A O   1 
HETATM 1554 O  O   . HOH C 3 .   ? 13.069  10.686  18.184  1.00 36.41 ? 367 HOH A O   1 
HETATM 1555 O  O   . HOH C 3 .   ? 22.505  2.445   -8.495  1.00 18.04 ? 368 HOH A O   1 
HETATM 1556 O  O   . HOH C 3 .   ? 2.759   -13.063 -11.261 1.00 25.34 ? 369 HOH A O   1 
HETATM 1557 O  O   . HOH C 3 .   ? 2.645   -14.635 -8.208  1.00 27.54 ? 370 HOH A O   1 
HETATM 1558 O  O   . HOH C 3 .   ? 2.424   -4.644  -1.751  1.00 46.14 ? 371 HOH A O   1 
HETATM 1559 O  O   . HOH C 3 .   ? 8.523   -4.128  20.283  1.00 21.02 ? 372 HOH A O   1 
HETATM 1560 O  O   . HOH C 3 .   ? 0.184   17.796  -17.282 1.00 16.24 ? 373 HOH A O   1 
HETATM 1561 O  O   . HOH C 3 .   ? 16.037  4.425   12.301  1.00 24.77 ? 374 HOH A O   1 
# 
